data_4LWO
#
_entry.id   4LWO
#
_cell.length_a   73.903
_cell.length_b   143.256
_cell.length_c   75.603
_cell.angle_alpha   90.00
_cell.angle_beta   96.67
_cell.angle_gamma   90.00
#
_symmetry.space_group_name_H-M   'P 1 21 1'
#
loop_
_entity.id
_entity.type
_entity.pdbx_description
1 polymer 'Arginine N-methyltransferase, putative'
2 water water
#
_entity_poly.entity_id   1
_entity_poly.type   'polypeptide(L)'
_entity_poly.pdbx_seq_one_letter_code
;MESGGFAEDYDPNSSLHHQYYESYSDLAVHRLMLEDAQRMSFYRKSIEQSASIEGKVVVDVGSGTGILSMWAARAGAKHV
FSIEASSLSEFQIGVVEDNDLSTKITVLGDTVENIIAGGVANFVNRHKAKLGKCGVAVLLSEWMGFYLFHEGMLPSVIRA
RNFFQDVNAALGVLQPIEMIPERATVFVAPITCKPYYVQRYKNFWRDVDGLDFSRYGRIEYEVYLEQASPLVECLPPLCL
LHEGLSLIELNLSTVQEEVLTSLHNTVHFDLKESAEFQQHAREAGSEGRVSVDGFTVWFDVSYGAHTLSTSPRSPSTHWK
QTTILLPREARNEELVSFPVEGGELGVEMHISASDKTLRFYTIELELK
;
_entity_poly.pdbx_strand_id   B,A,E,G
#
# COMPACT_ATOMS: atom_id res chain seq x y z
N ASP A 26 -7.24 -0.67 19.37
CA ASP A 26 -7.35 -0.35 20.79
C ASP A 26 -8.66 -0.88 21.39
N LEU A 27 -9.63 0.01 21.51
CA LEU A 27 -10.93 -0.27 22.13
C LEU A 27 -11.79 -1.24 21.34
N ALA A 28 -11.60 -1.25 20.02
CA ALA A 28 -12.41 -2.09 19.15
C ALA A 28 -12.21 -3.54 19.55
N VAL A 29 -10.95 -3.94 19.69
CA VAL A 29 -10.60 -5.29 20.11
C VAL A 29 -11.25 -5.67 21.46
N HIS A 30 -11.08 -4.82 22.47
CA HIS A 30 -11.53 -5.16 23.80
C HIS A 30 -13.04 -5.27 23.87
N ARG A 31 -13.72 -4.54 22.99
CA ARG A 31 -15.16 -4.70 22.84
C ARG A 31 -15.52 -6.16 22.53
N LEU A 32 -14.73 -6.80 21.66
CA LEU A 32 -14.96 -8.20 21.27
C LEU A 32 -14.87 -9.18 22.45
N MET A 33 -13.88 -8.96 23.32
CA MET A 33 -13.79 -9.67 24.60
C MET A 33 -15.09 -9.46 25.38
N LEU A 34 -15.47 -8.20 25.55
CA LEU A 34 -16.69 -7.85 26.25
C LEU A 34 -17.94 -8.37 25.54
N GLU A 35 -17.84 -8.62 24.24
CA GLU A 35 -18.99 -9.14 23.50
C GLU A 35 -19.06 -10.67 23.48
N ASP A 36 -18.04 -11.33 24.03
CA ASP A 36 -18.02 -12.77 24.01
C ASP A 36 -18.46 -13.32 25.35
N ALA A 37 -19.65 -13.91 25.38
CA ALA A 37 -20.21 -14.45 26.60
C ALA A 37 -19.31 -15.53 27.24
N GLN A 38 -18.67 -16.36 26.42
CA GLN A 38 -17.87 -17.47 26.92
C GLN A 38 -16.66 -16.90 27.67
N ARG A 39 -15.93 -15.99 27.02
CA ARG A 39 -14.76 -15.38 27.63
C ARG A 39 -15.11 -14.65 28.93
N MET A 40 -16.11 -13.77 28.87
CA MET A 40 -16.58 -13.03 30.04
C MET A 40 -16.91 -13.98 31.16
N SER A 41 -17.66 -15.03 30.82
CA SER A 41 -18.13 -15.98 31.82
C SER A 41 -16.98 -16.76 32.47
N PHE A 42 -15.98 -17.15 31.67
CA PHE A 42 -14.86 -17.90 32.20
C PHE A 42 -14.16 -17.11 33.30
N TYR A 43 -13.79 -15.89 32.95
CA TYR A 43 -13.02 -15.06 33.84
C TYR A 43 -13.83 -14.65 35.07
N ARG A 44 -15.12 -14.38 34.88
CA ARG A 44 -15.92 -13.90 36.01
C ARG A 44 -16.10 -15.03 37.01
N LYS A 45 -16.41 -16.22 36.51
CA LYS A 45 -16.60 -17.36 37.40
C LYS A 45 -15.29 -17.76 38.07
N SER A 46 -14.18 -17.71 37.32
CA SER A 46 -12.89 -18.09 37.89
C SER A 46 -12.50 -17.13 39.01
N ILE A 47 -12.65 -15.83 38.76
CA ILE A 47 -12.36 -14.83 39.78
C ILE A 47 -13.22 -15.03 41.03
N GLU A 48 -14.50 -15.35 40.82
CA GLU A 48 -15.39 -15.65 41.95
C GLU A 48 -15.01 -16.94 42.69
N GLN A 49 -14.55 -17.95 41.94
CA GLN A 49 -14.22 -19.22 42.58
C GLN A 49 -12.93 -19.16 43.42
N SER A 50 -11.96 -18.33 43.02
CA SER A 50 -10.64 -18.32 43.67
C SER A 50 -10.68 -18.08 45.17
N ALA A 51 -9.86 -18.82 45.93
CA ALA A 51 -9.78 -18.60 47.36
C ALA A 51 -8.67 -17.60 47.68
N SER A 52 -8.01 -17.10 46.65
CA SER A 52 -6.77 -16.36 46.90
C SER A 52 -6.87 -14.87 46.62
N ILE A 53 -8.06 -14.40 46.28
CA ILE A 53 -8.22 -12.98 45.93
C ILE A 53 -8.54 -12.09 47.14
N GLU A 54 -9.57 -12.46 47.88
CA GLU A 54 -10.06 -11.68 49.01
C GLU A 54 -8.97 -11.33 50.02
N GLY A 55 -8.85 -10.04 50.34
CA GLY A 55 -7.83 -9.59 51.27
C GLY A 55 -6.42 -9.64 50.73
N LYS A 56 -6.26 -9.98 49.45
CA LYS A 56 -4.91 -10.13 48.87
C LYS A 56 -4.67 -9.21 47.65
N VAL A 57 -3.44 -9.22 47.15
CA VAL A 57 -3.04 -8.37 46.04
C VAL A 57 -3.00 -9.14 44.73
N VAL A 58 -3.56 -8.52 43.69
CA VAL A 58 -3.74 -9.13 42.38
C VAL A 58 -3.07 -8.24 41.35
N VAL A 59 -2.45 -8.87 40.37
CA VAL A 59 -1.88 -8.19 39.22
C VAL A 59 -2.66 -8.63 37.96
N ASP A 60 -3.11 -7.68 37.15
CA ASP A 60 -3.83 -7.97 35.89
C ASP A 60 -2.93 -7.52 34.74
N VAL A 61 -2.42 -8.50 33.97
CA VAL A 61 -1.43 -8.18 32.95
C VAL A 61 -2.09 -7.96 31.58
N GLY A 62 -1.89 -6.78 30.98
CA GLY A 62 -2.56 -6.42 29.72
C GLY A 62 -4.06 -6.24 29.96
N SER A 63 -4.40 -5.33 30.86
CA SER A 63 -5.75 -5.26 31.40
C SER A 63 -6.80 -4.59 30.50
N GLY A 64 -6.35 -3.90 29.46
CA GLY A 64 -7.28 -3.35 28.47
C GLY A 64 -8.31 -2.43 29.08
N THR A 65 -9.55 -2.88 29.08
CA THR A 65 -10.63 -2.10 29.70
C THR A 65 -10.55 -2.14 31.24
N GLY A 66 -9.77 -3.06 31.79
CA GLY A 66 -9.62 -3.15 33.24
C GLY A 66 -10.71 -4.01 33.86
N ILE A 67 -11.44 -4.71 33.00
CA ILE A 67 -12.61 -5.43 33.45
C ILE A 67 -12.24 -6.52 34.50
N LEU A 68 -11.12 -7.20 34.26
CA LEU A 68 -10.66 -8.24 35.18
C LEU A 68 -10.26 -7.63 36.52
N SER A 69 -9.56 -6.49 36.48
CA SER A 69 -9.13 -5.84 37.71
C SER A 69 -10.33 -5.44 38.56
N MET A 70 -11.37 -4.95 37.88
CA MET A 70 -12.55 -4.46 38.58
C MET A 70 -13.33 -5.62 39.17
N TRP A 71 -13.40 -6.74 38.46
CA TRP A 71 -13.99 -7.95 39.04
C TRP A 71 -13.24 -8.39 40.29
N ALA A 72 -11.92 -8.33 40.22
CA ALA A 72 -11.08 -8.75 41.33
C ALA A 72 -11.30 -7.85 42.54
N ALA A 73 -11.39 -6.55 42.29
CA ALA A 73 -11.67 -5.58 43.36
C ALA A 73 -13.01 -5.89 43.99
N ARG A 74 -14.01 -6.11 43.15
CA ARG A 74 -15.36 -6.44 43.59
C ARG A 74 -15.37 -7.73 44.41
N ALA A 75 -14.40 -8.61 44.14
CA ALA A 75 -14.35 -9.89 44.84
C ALA A 75 -13.57 -9.74 46.14
N GLY A 76 -13.23 -8.50 46.49
CA GLY A 76 -12.60 -8.23 47.77
C GLY A 76 -11.09 -8.27 47.83
N ALA A 77 -10.42 -8.03 46.71
CA ALA A 77 -8.97 -7.92 46.73
C ALA A 77 -8.55 -6.74 47.58
N LYS A 78 -7.41 -6.87 48.24
CA LYS A 78 -6.89 -5.76 49.03
C LYS A 78 -6.53 -4.65 48.06
N HIS A 79 -5.87 -5.01 46.97
CA HIS A 79 -5.49 -4.03 45.96
C HIS A 79 -5.20 -4.73 44.64
N VAL A 80 -5.23 -3.96 43.56
CA VAL A 80 -5.05 -4.54 42.23
C VAL A 80 -4.11 -3.64 41.44
N PHE A 81 -3.03 -4.22 40.91
CA PHE A 81 -2.17 -3.52 39.97
C PHE A 81 -2.58 -3.91 38.57
N SER A 82 -2.97 -2.91 37.79
CA SER A 82 -3.57 -3.12 36.48
C SER A 82 -2.57 -2.66 35.43
N ILE A 83 -2.05 -3.59 34.65
CA ILE A 83 -0.92 -3.26 33.80
C ILE A 83 -1.35 -3.19 32.34
N GLU A 84 -1.35 -1.98 31.78
CA GLU A 84 -1.83 -1.77 30.42
C GLU A 84 -0.98 -0.68 29.75
N ALA A 85 -0.22 -1.09 28.74
CA ALA A 85 0.79 -0.20 28.16
C ALA A 85 0.24 0.75 27.08
N SER A 86 -0.88 0.39 26.46
CA SER A 86 -1.49 1.24 25.44
C SER A 86 -2.12 2.50 26.03
N SER A 87 -2.57 3.39 25.15
CA SER A 87 -3.23 4.66 25.52
C SER A 87 -4.52 4.46 26.33
N LEU A 88 -5.14 3.29 26.21
CA LEU A 88 -6.29 2.94 27.03
C LEU A 88 -6.06 3.14 28.54
N SER A 89 -4.80 3.01 28.97
CA SER A 89 -4.48 3.12 30.40
C SER A 89 -5.01 4.43 30.99
N GLU A 90 -4.76 5.55 30.30
CA GLU A 90 -5.29 6.84 30.71
C GLU A 90 -6.80 6.81 30.89
N PHE A 91 -7.49 6.10 30.00
CA PHE A 91 -8.94 6.08 30.08
C PHE A 91 -9.44 5.11 31.15
N GLN A 92 -8.70 4.03 31.36
CA GLN A 92 -9.06 3.06 32.37
C GLN A 92 -9.00 3.71 33.75
N ILE A 93 -8.09 4.66 33.93
CA ILE A 93 -8.02 5.38 35.20
C ILE A 93 -9.35 6.12 35.47
N GLY A 94 -9.97 6.67 34.43
CA GLY A 94 -11.23 7.39 34.58
C GLY A 94 -12.39 6.45 34.84
N VAL A 95 -12.40 5.33 34.12
CA VAL A 95 -13.46 4.34 34.32
C VAL A 95 -13.38 3.77 35.74
N VAL A 96 -12.15 3.53 36.22
CA VAL A 96 -11.99 3.07 37.60
C VAL A 96 -12.61 4.09 38.54
N GLU A 97 -12.25 5.36 38.38
CA GLU A 97 -12.82 6.39 39.25
C GLU A 97 -14.34 6.46 39.10
N ASP A 98 -14.82 6.40 37.85
CA ASP A 98 -16.26 6.36 37.56
C ASP A 98 -16.99 5.31 38.38
N ASN A 99 -16.32 4.19 38.66
CA ASN A 99 -16.96 3.13 39.44
C ASN A 99 -16.46 3.11 40.89
N ASP A 100 -15.87 4.23 41.33
CA ASP A 100 -15.46 4.42 42.72
C ASP A 100 -14.52 3.32 43.19
N LEU A 101 -13.48 3.06 42.40
CA LEU A 101 -12.60 1.96 42.72
C LEU A 101 -11.18 2.44 42.81
N SER A 102 -11.01 3.76 42.79
CA SER A 102 -9.70 4.37 42.75
C SER A 102 -8.75 3.99 43.89
N THR A 103 -9.27 3.73 45.08
CA THR A 103 -8.37 3.34 46.17
C THR A 103 -7.99 1.86 46.04
N LYS A 104 -8.75 1.12 45.23
CA LYS A 104 -8.57 -0.32 45.07
C LYS A 104 -7.68 -0.69 43.91
N ILE A 105 -7.63 0.14 42.88
CA ILE A 105 -6.91 -0.24 41.66
C ILE A 105 -5.87 0.79 41.28
N THR A 106 -4.65 0.32 41.07
CA THR A 106 -3.60 1.18 40.56
C THR A 106 -3.27 0.76 39.14
N VAL A 107 -3.38 1.70 38.21
CA VAL A 107 -3.14 1.42 36.80
C VAL A 107 -1.71 1.78 36.44
N LEU A 108 -0.91 0.78 36.09
CA LEU A 108 0.45 1.04 35.63
C LEU A 108 0.46 1.11 34.09
N GLY A 109 0.55 2.32 33.54
CA GLY A 109 0.53 2.53 32.10
C GLY A 109 1.90 2.28 31.51
N ASP A 110 2.38 1.05 31.64
CA ASP A 110 3.68 0.69 31.08
C ASP A 110 3.65 -0.78 30.65
N THR A 111 4.71 -1.23 29.99
CA THR A 111 4.87 -2.65 29.67
C THR A 111 5.43 -3.40 30.86
N VAL A 112 5.05 -4.68 30.97
CA VAL A 112 5.69 -5.63 31.87
C VAL A 112 7.21 -5.48 31.84
N GLU A 113 7.78 -5.55 30.65
CA GLU A 113 9.23 -5.52 30.54
C GLU A 113 9.84 -4.23 31.10
N ASN A 114 9.19 -3.10 30.90
N ASN A 114 9.20 -3.08 30.94
CA ASN A 114 9.69 -1.84 31.45
CA ASN A 114 9.77 -1.87 31.49
C ASN A 114 9.60 -1.80 32.98
C ASN A 114 9.59 -1.75 33.01
N ILE A 115 8.52 -2.33 33.53
CA ILE A 115 8.31 -2.40 34.97
C ILE A 115 9.34 -3.32 35.58
N ILE A 116 9.61 -4.43 34.90
CA ILE A 116 10.67 -5.34 35.31
C ILE A 116 12.02 -4.63 35.28
N ALA A 117 12.33 -3.98 34.18
CA ALA A 117 13.60 -3.25 34.06
C ALA A 117 13.81 -2.26 35.22
N GLY A 118 12.73 -1.68 35.76
CA GLY A 118 12.82 -0.84 36.93
C GLY A 118 13.37 -1.54 38.20
N GLY A 119 13.25 -2.86 38.27
CA GLY A 119 13.86 -3.60 39.36
C GLY A 119 12.93 -3.88 40.54
N VAL A 120 13.23 -4.94 41.28
CA VAL A 120 12.45 -5.36 42.44
C VAL A 120 12.44 -4.25 43.50
N ALA A 121 13.62 -3.74 43.86
CA ALA A 121 13.69 -2.71 44.91
C ALA A 121 12.84 -1.49 44.56
N ASN A 122 12.96 -0.99 43.34
CA ASN A 122 12.15 0.16 42.97
C ASN A 122 10.66 -0.11 43.06
N PHE A 123 10.24 -1.32 42.69
CA PHE A 123 8.82 -1.63 42.76
C PHE A 123 8.35 -1.71 44.20
N VAL A 124 9.09 -2.45 45.02
CA VAL A 124 8.79 -2.55 46.44
C VAL A 124 8.68 -1.15 47.05
N ASN A 125 9.63 -0.29 46.75
CA ASN A 125 9.61 1.07 47.27
C ASN A 125 8.40 1.88 46.86
N ARG A 126 8.06 1.86 45.57
CA ARG A 126 6.98 2.69 45.06
C ARG A 126 5.64 2.29 45.67
N HIS A 127 5.40 0.98 45.78
CA HIS A 127 4.07 0.49 46.14
C HIS A 127 4.06 -0.23 47.50
N LYS A 128 4.98 0.17 48.38
CA LYS A 128 5.13 -0.44 49.71
C LYS A 128 3.80 -0.55 50.50
N ALA A 129 3.08 0.55 50.66
CA ALA A 129 1.81 0.52 51.39
C ALA A 129 0.77 -0.46 50.82
N LYS A 130 0.70 -0.56 49.49
CA LYS A 130 -0.30 -1.43 48.87
C LYS A 130 0.15 -2.89 48.94
N LEU A 131 1.46 -3.11 48.87
CA LEU A 131 1.99 -4.47 48.96
C LEU A 131 1.77 -5.03 50.37
N GLY A 132 1.99 -4.19 51.38
CA GLY A 132 1.90 -4.63 52.77
C GLY A 132 2.73 -5.88 53.02
N LYS A 133 2.17 -6.83 53.74
CA LYS A 133 2.86 -8.08 54.05
C LYS A 133 2.35 -9.21 53.18
N CYS A 134 1.37 -8.87 52.34
N CYS A 134 1.36 -8.95 52.33
CA CYS A 134 0.66 -9.86 51.52
CA CYS A 134 0.78 -10.04 51.58
C CYS A 134 1.48 -10.26 50.30
C CYS A 134 1.51 -10.29 50.26
N GLY A 135 2.16 -9.27 49.71
CA GLY A 135 2.74 -9.43 48.38
C GLY A 135 1.63 -9.76 47.36
N VAL A 136 2.02 -10.29 46.22
CA VAL A 136 1.08 -10.63 45.16
C VAL A 136 0.63 -12.08 45.22
N ALA A 137 -0.68 -12.30 45.32
CA ALA A 137 -1.19 -13.66 45.44
C ALA A 137 -1.81 -14.24 44.15
N VAL A 138 -2.20 -13.39 43.22
CA VAL A 138 -2.90 -13.85 42.00
C VAL A 138 -2.45 -13.05 40.79
N LEU A 139 -2.33 -13.71 39.63
CA LEU A 139 -1.99 -13.04 38.38
C LEU A 139 -3.10 -13.35 37.36
N LEU A 140 -3.82 -12.31 36.92
CA LEU A 140 -4.91 -12.49 35.96
C LEU A 140 -4.44 -11.98 34.64
N SER A 141 -4.90 -12.62 33.57
CA SER A 141 -4.49 -12.25 32.23
C SER A 141 -5.27 -13.02 31.17
N GLU A 142 -5.47 -12.39 30.02
CA GLU A 142 -6.00 -13.07 28.83
C GLU A 142 -4.95 -12.91 27.75
N TRP A 143 -3.96 -13.78 27.74
CA TRP A 143 -2.81 -13.62 26.86
C TRP A 143 -2.89 -14.47 25.59
N MET A 144 -3.92 -15.29 25.48
CA MET A 144 -3.97 -16.29 24.40
C MET A 144 -3.97 -15.69 23.01
N GLY A 145 -3.16 -16.26 22.13
CA GLY A 145 -3.17 -15.88 20.73
C GLY A 145 -3.85 -16.95 19.90
N PHE A 146 -3.79 -16.82 18.57
CA PHE A 146 -4.29 -17.84 17.69
C PHE A 146 -3.50 -19.10 17.91
N TYR A 147 -4.22 -20.19 17.94
CA TYR A 147 -3.73 -21.47 18.41
C TYR A 147 -2.77 -21.31 19.54
N LEU A 148 -3.22 -20.56 20.52
CA LEU A 148 -2.54 -20.27 21.75
C LEU A 148 -1.24 -19.54 21.82
N PHE A 149 -0.52 -19.36 20.84
CA PHE A 149 0.80 -18.78 20.89
C PHE A 149 0.90 -17.59 19.95
N HIS A 150 0.23 -17.66 18.79
CA HIS A 150 0.48 -16.72 17.70
C HIS A 150 -0.17 -15.35 17.96
N GLU A 151 0.64 -14.30 17.98
CA GLU A 151 0.15 -12.97 18.33
C GLU A 151 -0.33 -12.88 19.79
N GLY A 152 0.04 -13.87 20.61
CA GLY A 152 -0.32 -13.83 22.04
C GLY A 152 0.75 -13.13 22.85
N MET A 153 0.55 -13.00 24.16
CA MET A 153 1.55 -12.38 25.01
C MET A 153 2.01 -13.26 26.18
N LEU A 154 1.95 -14.57 26.01
CA LEU A 154 2.45 -15.51 27.03
C LEU A 154 3.85 -15.18 27.62
N PRO A 155 4.82 -14.79 26.74
CA PRO A 155 6.15 -14.50 27.29
C PRO A 155 6.11 -13.37 28.32
N SER A 156 5.31 -12.34 28.06
CA SER A 156 5.19 -11.23 28.98
C SER A 156 4.54 -11.67 30.27
N VAL A 157 3.62 -12.62 30.16
CA VAL A 157 2.91 -13.13 31.33
C VAL A 157 3.86 -13.96 32.19
N ILE A 158 4.71 -14.75 31.54
CA ILE A 158 5.71 -15.53 32.23
C ILE A 158 6.69 -14.61 32.97
N ARG A 159 7.22 -13.60 32.28
CA ARG A 159 8.11 -12.61 32.91
C ARG A 159 7.46 -11.88 34.09
N ALA A 160 6.19 -11.52 33.94
CA ALA A 160 5.46 -10.84 35.02
C ALA A 160 5.42 -11.75 36.24
N ARG A 161 5.05 -13.00 36.02
CA ARG A 161 4.92 -13.96 37.09
C ARG A 161 6.23 -14.12 37.84
N ASN A 162 7.31 -14.37 37.10
CA ASN A 162 8.63 -14.51 37.73
C ASN A 162 9.01 -13.24 38.49
N PHE A 163 8.79 -12.07 37.88
CA PHE A 163 9.11 -10.81 38.57
C PHE A 163 8.33 -10.64 39.89
N PHE A 164 7.03 -10.89 39.86
CA PHE A 164 6.24 -10.72 41.06
C PHE A 164 6.53 -11.79 42.13
N GLN A 165 7.09 -12.91 41.71
CA GLN A 165 7.50 -13.90 42.69
C GLN A 165 8.81 -13.48 43.35
N ASP A 166 9.63 -12.73 42.62
CA ASP A 166 10.81 -12.08 43.21
C ASP A 166 10.44 -10.92 44.14
N VAL A 167 9.49 -10.07 43.71
CA VAL A 167 8.97 -9.03 44.61
C VAL A 167 8.46 -9.70 45.89
N ASN A 168 7.78 -10.83 45.72
CA ASN A 168 7.22 -11.56 46.84
C ASN A 168 8.32 -12.04 47.79
N ALA A 169 9.40 -12.61 47.24
CA ALA A 169 10.50 -13.11 48.05
C ALA A 169 11.10 -12.00 48.91
N ALA A 170 11.36 -10.85 48.30
CA ALA A 170 11.89 -9.69 49.00
C ALA A 170 10.95 -9.27 50.14
N LEU A 171 9.67 -9.58 49.99
CA LEU A 171 8.68 -9.24 50.99
C LEU A 171 8.53 -10.34 52.03
N GLY A 172 9.24 -11.46 51.87
CA GLY A 172 9.08 -12.59 52.77
C GLY A 172 7.97 -13.56 52.34
N VAL A 173 7.47 -13.39 51.12
CA VAL A 173 6.37 -14.27 50.69
C VAL A 173 6.85 -15.37 49.73
N LEU A 174 6.60 -16.63 50.06
CA LEU A 174 7.12 -17.74 49.26
C LEU A 174 6.04 -18.48 48.47
N GLN A 175 4.79 -18.32 48.88
CA GLN A 175 3.67 -18.97 48.19
C GLN A 175 3.70 -18.61 46.68
N PRO A 176 3.64 -19.62 45.80
CA PRO A 176 3.60 -19.37 44.36
C PRO A 176 2.34 -18.58 44.02
N ILE A 177 2.45 -17.70 43.04
CA ILE A 177 1.30 -16.91 42.60
C ILE A 177 0.31 -17.83 41.89
N GLU A 178 -0.98 -17.66 42.21
CA GLU A 178 -2.03 -18.36 41.48
C GLU A 178 -2.27 -17.69 40.13
N MET A 179 -2.19 -18.48 39.06
CA MET A 179 -2.39 -17.96 37.70
C MET A 179 -3.81 -18.30 37.26
N ILE A 180 -4.50 -17.33 36.68
CA ILE A 180 -5.81 -17.59 36.08
C ILE A 180 -5.76 -17.08 34.64
N PRO A 181 -5.91 -17.97 33.65
CA PRO A 181 -6.11 -19.41 33.77
C PRO A 181 -4.87 -20.10 34.35
N GLU A 182 -5.06 -21.30 34.90
CA GLU A 182 -3.96 -22.03 35.54
C GLU A 182 -3.34 -23.04 34.59
N ARG A 183 -4.10 -23.40 33.56
CA ARG A 183 -3.66 -24.42 32.62
C ARG A 183 -4.13 -24.04 31.20
N ALA A 184 -3.43 -24.53 30.18
CA ALA A 184 -3.85 -24.37 28.78
C ALA A 184 -3.50 -25.62 28.01
N THR A 185 -4.30 -25.94 27.00
CA THR A 185 -4.08 -27.13 26.20
C THR A 185 -4.33 -26.77 24.75
N VAL A 186 -3.38 -27.16 23.88
CA VAL A 186 -3.62 -27.13 22.44
C VAL A 186 -4.20 -28.48 21.98
N PHE A 187 -5.33 -28.43 21.27
CA PHE A 187 -5.97 -29.64 20.73
C PHE A 187 -5.81 -29.70 19.19
N VAL A 188 -5.75 -30.92 18.63
CA VAL A 188 -5.65 -31.08 17.19
C VAL A 188 -6.54 -32.22 16.75
N ALA A 189 -7.11 -32.09 15.55
CA ALA A 189 -7.95 -33.12 14.97
C ALA A 189 -7.77 -33.15 13.45
N PRO A 190 -7.82 -34.35 12.86
CA PRO A 190 -7.86 -34.45 11.39
C PRO A 190 -9.23 -34.01 10.92
N ILE A 191 -9.31 -33.38 9.73
CA ILE A 191 -10.59 -32.97 9.19
C ILE A 191 -10.78 -33.37 7.73
N THR A 192 -12.04 -33.39 7.30
CA THR A 192 -12.34 -33.36 5.87
C THR A 192 -12.95 -32.01 5.53
N CYS A 193 -12.59 -31.45 4.38
CA CYS A 193 -13.13 -30.16 4.01
C CYS A 193 -14.48 -30.24 3.31
N LYS A 194 -14.93 -31.44 2.95
CA LYS A 194 -16.14 -31.55 2.14
C LYS A 194 -17.39 -30.89 2.76
N PRO A 195 -17.63 -31.08 4.07
CA PRO A 195 -18.81 -30.40 4.62
C PRO A 195 -18.63 -28.87 4.60
N TYR A 196 -17.39 -28.41 4.64
CA TYR A 196 -17.12 -26.98 4.49
C TYR A 196 -17.45 -26.55 3.05
N TYR A 197 -16.92 -27.29 2.07
CA TYR A 197 -17.18 -27.01 0.67
C TYR A 197 -18.66 -26.87 0.42
N VAL A 198 -19.41 -27.88 0.85
CA VAL A 198 -20.85 -27.90 0.69
C VAL A 198 -21.56 -26.70 1.32
N GLN A 199 -21.31 -26.49 2.61
CA GLN A 199 -22.03 -25.46 3.37
C GLN A 199 -21.65 -24.01 3.01
N ARG A 200 -20.39 -23.78 2.66
CA ARG A 200 -19.97 -22.43 2.33
C ARG A 200 -20.05 -22.10 0.83
N TYR A 201 -19.92 -23.13 -0.02
CA TYR A 201 -19.82 -22.89 -1.46
C TYR A 201 -20.85 -23.62 -2.33
N LYS A 202 -20.89 -24.94 -2.21
CA LYS A 202 -21.68 -25.74 -3.12
C LYS A 202 -23.16 -25.40 -3.04
N ASN A 203 -23.67 -25.25 -1.82
CA ASN A 203 -25.10 -24.97 -1.63
C ASN A 203 -25.55 -23.65 -2.27
N PHE A 204 -24.65 -22.67 -2.27
CA PHE A 204 -24.94 -21.34 -2.76
C PHE A 204 -24.90 -21.28 -4.29
N TRP A 205 -23.85 -21.83 -4.87
CA TRP A 205 -23.63 -21.68 -6.29
C TRP A 205 -24.40 -22.70 -7.12
N ARG A 206 -25.05 -23.65 -6.42
CA ARG A 206 -25.71 -24.78 -7.07
C ARG A 206 -26.87 -24.33 -7.94
N ASP A 207 -27.67 -23.42 -7.38
CA ASP A 207 -28.83 -22.91 -8.09
C ASP A 207 -28.91 -21.41 -7.90
N VAL A 208 -28.69 -20.67 -8.97
CA VAL A 208 -28.88 -19.22 -8.94
C VAL A 208 -30.07 -18.92 -9.88
N ASP A 209 -31.25 -18.76 -9.29
CA ASP A 209 -32.49 -18.57 -10.05
C ASP A 209 -32.67 -19.58 -11.18
N GLY A 210 -32.49 -20.87 -10.87
CA GLY A 210 -32.65 -21.90 -11.88
C GLY A 210 -31.36 -22.23 -12.60
N LEU A 211 -30.38 -21.34 -12.51
CA LEU A 211 -29.11 -21.51 -13.20
C LEU A 211 -28.07 -22.28 -12.38
N ASP A 212 -27.33 -23.15 -13.06
CA ASP A 212 -26.25 -23.94 -12.46
C ASP A 212 -24.95 -23.15 -12.48
N PHE A 213 -24.61 -22.54 -11.34
CA PHE A 213 -23.38 -21.77 -11.25
C PHE A 213 -22.31 -22.55 -10.48
N SER A 214 -22.42 -23.88 -10.47
CA SER A 214 -21.52 -24.75 -9.71
C SER A 214 -20.04 -24.51 -10.03
N ARG A 215 -19.74 -24.30 -11.31
CA ARG A 215 -18.35 -24.06 -11.72
C ARG A 215 -17.70 -22.89 -10.94
N TYR A 216 -18.45 -21.84 -10.65
CA TYR A 216 -17.91 -20.71 -9.90
C TYR A 216 -17.56 -21.12 -8.44
N GLY A 217 -18.44 -21.90 -7.83
CA GLY A 217 -18.21 -22.38 -6.48
C GLY A 217 -16.95 -23.19 -6.29
N ARG A 218 -16.63 -24.01 -7.29
CA ARG A 218 -15.40 -24.80 -7.23
C ARG A 218 -14.19 -23.89 -7.35
N ILE A 219 -14.26 -22.92 -8.27
CA ILE A 219 -13.18 -21.96 -8.46
C ILE A 219 -12.89 -21.25 -7.14
N GLU A 220 -13.95 -20.73 -6.54
CA GLU A 220 -13.88 -19.95 -5.31
C GLU A 220 -13.28 -20.78 -4.16
N TYR A 221 -13.68 -22.05 -4.08
CA TYR A 221 -13.26 -22.92 -2.98
C TYR A 221 -11.83 -23.37 -3.19
N GLU A 222 -11.53 -23.78 -4.42
CA GLU A 222 -10.19 -24.21 -4.81
C GLU A 222 -9.11 -23.15 -4.52
N VAL A 223 -9.40 -21.90 -4.86
CA VAL A 223 -8.40 -20.86 -4.65
C VAL A 223 -8.28 -20.51 -3.19
N TYR A 224 -9.43 -20.36 -2.54
CA TYR A 224 -9.50 -19.96 -1.14
C TYR A 224 -8.60 -20.83 -0.23
N LEU A 225 -8.47 -22.10 -0.58
CA LEU A 225 -7.63 -23.01 0.19
C LEU A 225 -6.12 -22.73 0.14
N GLU A 226 -5.72 -21.60 -0.45
CA GLU A 226 -4.38 -21.07 -0.24
C GLU A 226 -4.41 -19.95 0.81
N SER A 229 -0.27 -19.35 4.56
CA SER A 229 -0.97 -20.62 4.32
C SER A 229 -2.09 -20.90 5.33
N PRO A 230 -1.74 -21.07 6.64
CA PRO A 230 -2.73 -21.57 7.62
C PRO A 230 -4.04 -20.79 7.62
N LEU A 231 -5.14 -21.52 7.74
CA LEU A 231 -6.47 -20.97 7.57
C LEU A 231 -7.08 -20.67 8.94
N VAL A 232 -7.31 -19.39 9.23
CA VAL A 232 -8.00 -19.04 10.46
C VAL A 232 -9.47 -18.81 10.14
N GLU A 233 -10.29 -19.77 10.53
CA GLU A 233 -11.67 -19.82 10.10
C GLU A 233 -12.41 -20.71 11.06
N CYS A 234 -13.68 -20.40 11.31
CA CYS A 234 -14.56 -21.28 12.06
C CYS A 234 -14.93 -22.47 11.17
N LEU A 235 -14.53 -23.68 11.59
CA LEU A 235 -14.90 -24.86 10.83
C LEU A 235 -16.15 -25.52 11.42
N PRO A 236 -17.07 -25.94 10.54
CA PRO A 236 -18.25 -26.72 10.97
C PRO A 236 -17.76 -27.96 11.67
N PRO A 237 -18.37 -28.33 12.79
CA PRO A 237 -17.92 -29.50 13.54
C PRO A 237 -18.02 -30.75 12.68
N LEU A 238 -18.92 -30.74 11.70
CA LEU A 238 -19.06 -31.87 10.82
C LEU A 238 -17.76 -32.18 10.09
N CYS A 239 -16.86 -31.19 10.02
CA CYS A 239 -15.57 -31.40 9.36
C CYS A 239 -14.65 -32.34 10.15
N LEU A 240 -14.93 -32.52 11.43
CA LEU A 240 -14.05 -33.30 12.30
C LEU A 240 -14.09 -34.79 11.95
N LEU A 241 -12.92 -35.42 11.85
CA LEU A 241 -12.86 -36.87 11.63
C LEU A 241 -12.56 -37.61 12.96
N HIS A 242 -12.19 -36.83 13.98
CA HIS A 242 -11.96 -37.35 15.32
C HIS A 242 -12.24 -36.20 16.28
N GLU A 243 -12.59 -36.51 17.53
CA GLU A 243 -12.99 -35.45 18.45
C GLU A 243 -11.85 -34.49 18.83
N GLY A 244 -10.61 -34.90 18.61
CA GLY A 244 -9.51 -34.03 18.96
C GLY A 244 -8.67 -34.61 20.07
N LEU A 245 -7.36 -34.42 19.99
CA LEU A 245 -6.42 -34.99 20.94
C LEU A 245 -5.57 -33.85 21.46
N SER A 246 -5.17 -33.95 22.72
CA SER A 246 -4.27 -32.97 23.32
C SER A 246 -2.89 -33.12 22.68
N LEU A 247 -2.26 -32.00 22.36
CA LEU A 247 -0.96 -31.99 21.68
C LEU A 247 0.08 -31.37 22.62
N ILE A 248 -0.35 -30.32 23.30
CA ILE A 248 0.53 -29.52 24.15
C ILE A 248 -0.28 -29.09 25.36
N GLU A 249 0.31 -29.20 26.54
CA GLU A 249 -0.36 -28.80 27.77
C GLU A 249 0.61 -27.97 28.59
N LEU A 250 0.12 -26.86 29.12
CA LEU A 250 0.98 -25.95 29.85
C LEU A 250 0.48 -25.76 31.25
N ASN A 251 1.40 -25.77 32.20
CA ASN A 251 1.07 -25.43 33.56
C ASN A 251 1.54 -23.98 33.68
N LEU A 252 0.60 -23.06 33.87
CA LEU A 252 0.91 -21.62 33.80
C LEU A 252 1.73 -21.13 34.98
N SER A 253 1.71 -21.88 36.08
CA SER A 253 2.52 -21.50 37.21
C SER A 253 3.98 -21.79 36.91
N THR A 254 4.23 -22.88 36.18
CA THR A 254 5.62 -23.38 36.04
C THR A 254 6.26 -23.19 34.67
N VAL A 255 5.47 -22.96 33.63
CA VAL A 255 6.02 -22.93 32.28
C VAL A 255 7.05 -21.82 32.17
N GLN A 256 8.18 -22.12 31.55
CA GLN A 256 9.21 -21.11 31.38
C GLN A 256 9.36 -20.80 29.90
N GLU A 257 10.02 -19.69 29.60
CA GLU A 257 10.15 -19.18 28.24
C GLU A 257 10.84 -20.15 27.30
N GLU A 258 11.83 -20.86 27.82
CA GLU A 258 12.66 -21.73 27.00
C GLU A 258 11.83 -22.80 26.25
N VAL A 259 10.71 -23.24 26.81
CA VAL A 259 9.89 -24.25 26.14
C VAL A 259 9.15 -23.70 24.92
N LEU A 260 9.06 -22.37 24.81
CA LEU A 260 8.25 -21.75 23.79
C LEU A 260 8.90 -21.70 22.41
N THR A 261 10.17 -22.07 22.30
CA THR A 261 10.87 -21.88 21.03
C THR A 261 10.37 -22.85 19.95
N SER A 262 10.32 -24.12 20.32
CA SER A 262 9.75 -25.16 19.46
C SER A 262 8.88 -26.08 20.32
N LEU A 263 7.57 -25.94 20.14
CA LEU A 263 6.58 -26.74 20.80
C LEU A 263 6.21 -27.84 19.82
N HIS A 264 6.37 -29.09 20.22
CA HIS A 264 6.11 -30.17 19.27
C HIS A 264 5.74 -31.45 19.97
N ASN A 265 4.98 -32.28 19.28
CA ASN A 265 4.59 -33.59 19.77
C ASN A 265 4.00 -34.46 18.66
N THR A 266 3.82 -35.74 18.95
CA THR A 266 3.18 -36.65 18.02
C THR A 266 1.92 -37.20 18.64
N VAL A 267 0.82 -37.17 17.88
CA VAL A 267 -0.41 -37.81 18.33
C VAL A 267 -0.90 -38.81 17.29
N HIS A 268 -1.54 -39.88 17.77
CA HIS A 268 -2.11 -40.90 16.90
C HIS A 268 -3.59 -40.97 17.15
N PHE A 269 -4.36 -40.86 16.07
CA PHE A 269 -5.83 -40.91 16.12
C PHE A 269 -6.36 -42.31 15.77
N ASP A 270 -7.15 -42.89 16.67
CA ASP A 270 -7.82 -44.15 16.38
C ASP A 270 -9.15 -43.88 15.67
N LEU A 271 -9.16 -43.89 14.33
CA LEU A 271 -10.40 -43.59 13.60
C LEU A 271 -11.45 -44.73 13.68
N LYS A 272 -11.01 -45.92 14.10
CA LYS A 272 -11.93 -47.06 14.26
C LYS A 272 -12.93 -46.80 15.39
N GLU A 273 -12.45 -46.26 16.51
CA GLU A 273 -13.33 -46.03 17.65
C GLU A 273 -13.93 -44.61 17.72
N SER A 274 -13.74 -43.83 16.67
CA SER A 274 -14.22 -42.43 16.65
C SER A 274 -15.63 -42.21 16.08
N ALA A 275 -16.53 -41.72 16.91
CA ALA A 275 -17.89 -41.37 16.48
C ALA A 275 -17.93 -40.36 15.34
N GLU A 276 -17.04 -39.37 15.37
CA GLU A 276 -16.98 -38.36 14.31
C GLU A 276 -16.64 -39.01 12.97
N PHE A 277 -15.81 -40.06 13.02
CA PHE A 277 -15.41 -40.71 11.78
C PHE A 277 -16.58 -41.54 11.22
N GLN A 278 -17.33 -42.19 12.12
CA GLN A 278 -18.47 -43.01 11.69
C GLN A 278 -19.52 -42.16 10.98
N GLN A 279 -19.69 -40.92 11.43
CA GLN A 279 -20.57 -39.95 10.78
C GLN A 279 -20.32 -39.98 9.28
N HIS A 280 -19.05 -39.99 8.93
CA HIS A 280 -18.64 -39.93 7.54
C HIS A 280 -18.52 -41.32 6.93
N ALA A 281 -18.21 -42.32 7.77
CA ALA A 281 -18.18 -43.69 7.28
C ALA A 281 -19.57 -44.10 6.76
N ARG A 282 -20.60 -43.81 7.57
CA ARG A 282 -21.99 -44.05 7.16
C ARG A 282 -22.34 -43.45 5.80
N GLU A 283 -21.91 -42.21 5.56
CA GLU A 283 -22.26 -41.52 4.33
C GLU A 283 -21.38 -41.93 3.16
N ALA A 284 -20.39 -42.79 3.39
CA ALA A 284 -19.45 -43.12 2.32
C ALA A 284 -19.90 -44.31 1.48
N GLY A 285 -20.65 -45.22 2.11
CA GLY A 285 -21.00 -46.48 1.46
C GLY A 285 -19.99 -47.56 1.83
N SER A 286 -20.39 -48.82 1.72
CA SER A 286 -19.55 -49.95 2.11
C SER A 286 -18.24 -50.06 1.32
N GLU A 287 -18.23 -49.57 0.10
CA GLU A 287 -17.04 -49.63 -0.76
C GLU A 287 -16.26 -48.31 -0.78
N GLY A 288 -16.93 -47.23 -0.37
CA GLY A 288 -16.32 -45.92 -0.37
C GLY A 288 -15.23 -45.73 0.68
N ARG A 289 -14.52 -44.61 0.59
CA ARG A 289 -13.45 -44.27 1.51
C ARG A 289 -13.63 -42.85 2.08
N VAL A 290 -13.03 -42.60 3.24
CA VAL A 290 -13.08 -41.28 3.86
C VAL A 290 -11.68 -40.71 3.80
N SER A 291 -11.50 -39.57 3.13
CA SER A 291 -10.17 -39.00 2.94
C SER A 291 -9.91 -37.81 3.85
N VAL A 292 -8.64 -37.64 4.25
CA VAL A 292 -8.24 -36.57 5.17
C VAL A 292 -7.72 -35.34 4.39
N ASP A 293 -8.30 -34.18 4.63
CA ASP A 293 -7.84 -32.98 3.92
C ASP A 293 -6.84 -32.19 4.75
N GLY A 294 -6.86 -32.38 6.07
CA GLY A 294 -5.90 -31.69 6.90
C GLY A 294 -6.18 -31.80 8.38
N PHE A 295 -5.67 -30.84 9.15
CA PHE A 295 -5.83 -30.85 10.61
C PHE A 295 -6.21 -29.47 11.09
N THR A 296 -7.13 -29.46 12.03
CA THR A 296 -7.55 -28.22 12.63
C THR A 296 -7.02 -28.20 14.06
N VAL A 297 -6.61 -27.01 14.50
CA VAL A 297 -5.96 -26.83 15.79
C VAL A 297 -6.77 -25.84 16.62
N TRP A 298 -7.03 -26.16 17.88
CA TRP A 298 -7.62 -25.16 18.79
C TRP A 298 -7.04 -25.28 20.18
N PHE A 299 -7.58 -24.50 21.10
CA PHE A 299 -7.06 -24.49 22.46
C PHE A 299 -8.16 -24.31 23.50
N ASP A 300 -7.91 -24.87 24.69
CA ASP A 300 -8.75 -24.60 25.86
C ASP A 300 -7.83 -24.00 26.92
N VAL A 301 -8.38 -23.17 27.80
CA VAL A 301 -7.68 -22.78 29.01
C VAL A 301 -8.66 -23.06 30.14
N SER A 302 -8.16 -23.28 31.35
CA SER A 302 -9.06 -23.59 32.45
C SER A 302 -8.59 -23.07 33.81
N TYR A 303 -9.55 -22.95 34.73
CA TYR A 303 -9.24 -22.69 36.12
C TYR A 303 -10.34 -23.29 36.97
N GLY A 304 -9.98 -24.06 37.99
CA GLY A 304 -11.00 -24.65 38.84
C GLY A 304 -11.94 -25.52 38.02
N ALA A 305 -13.23 -25.28 38.14
CA ALA A 305 -14.18 -26.13 37.42
C ALA A 305 -14.56 -25.53 36.07
N HIS A 306 -13.91 -24.43 35.71
CA HIS A 306 -14.32 -23.72 34.51
C HIS A 306 -13.32 -23.85 33.39
N THR A 307 -13.84 -23.76 32.16
CA THR A 307 -13.02 -23.92 30.99
C THR A 307 -13.49 -22.96 29.93
N LEU A 308 -12.55 -22.29 29.28
CA LEU A 308 -12.82 -21.55 28.06
C LEU A 308 -12.30 -22.38 26.92
N SER A 309 -13.20 -22.79 26.02
CA SER A 309 -12.84 -23.61 24.87
C SER A 309 -13.05 -22.87 23.55
N THR A 310 -12.16 -23.11 22.58
CA THR A 310 -12.32 -22.55 21.24
C THR A 310 -12.49 -23.66 20.21
N SER A 311 -13.03 -24.79 20.66
CA SER A 311 -13.19 -25.95 19.80
C SER A 311 -14.33 -25.68 18.84
N PRO A 312 -14.35 -26.39 17.70
CA PRO A 312 -15.42 -26.14 16.72
C PRO A 312 -16.78 -26.41 17.34
N ARG A 313 -16.86 -27.29 18.34
CA ARG A 313 -18.13 -27.55 19.02
C ARG A 313 -18.49 -26.48 20.05
N SER A 314 -17.56 -25.57 20.34
CA SER A 314 -17.87 -24.48 21.27
C SER A 314 -18.40 -23.30 20.49
N PRO A 315 -19.15 -22.40 21.17
CA PRO A 315 -19.48 -21.10 20.60
C PRO A 315 -18.24 -20.48 19.97
N SER A 316 -18.40 -19.90 18.79
CA SER A 316 -17.30 -19.25 18.09
C SER A 316 -16.68 -18.16 18.96
N THR A 317 -15.38 -17.92 18.76
CA THR A 317 -14.71 -16.80 19.41
C THR A 317 -13.83 -16.15 18.37
N HIS A 318 -13.27 -15.00 18.76
CA HIS A 318 -12.37 -14.26 17.89
C HIS A 318 -11.19 -15.12 17.37
N TRP A 319 -10.73 -16.10 18.14
CA TRP A 319 -9.61 -16.94 17.69
C TRP A 319 -10.03 -18.04 16.68
N LYS A 320 -11.33 -18.30 16.59
CA LYS A 320 -11.82 -19.30 15.66
C LYS A 320 -11.11 -20.66 15.85
N GLN A 321 -10.72 -21.28 14.74
CA GLN A 321 -9.76 -22.39 14.80
C GLN A 321 -8.76 -22.15 13.70
N THR A 322 -7.64 -22.85 13.78
CA THR A 322 -6.60 -22.74 12.77
C THR A 322 -6.49 -24.09 12.05
N THR A 323 -6.57 -24.06 10.73
CA THR A 323 -6.52 -25.29 9.96
C THR A 323 -5.31 -25.32 9.05
N ILE A 324 -4.61 -26.45 9.06
CA ILE A 324 -3.43 -26.66 8.22
C ILE A 324 -3.76 -27.74 7.21
N LEU A 325 -3.73 -27.41 5.93
CA LEU A 325 -4.19 -28.34 4.92
C LEU A 325 -3.04 -29.17 4.37
N LEU A 326 -3.35 -30.39 3.93
CA LEU A 326 -2.40 -31.19 3.17
C LEU A 326 -2.23 -30.55 1.79
N PRO A 327 -1.15 -30.91 1.07
CA PRO A 327 -0.97 -30.35 -0.29
C PRO A 327 -2.15 -30.65 -1.21
N ARG A 328 -2.45 -29.74 -2.13
CA ARG A 328 -3.59 -29.90 -3.03
C ARG A 328 -3.65 -31.29 -3.70
N GLU A 329 -2.49 -31.83 -4.08
CA GLU A 329 -2.47 -33.14 -4.72
C GLU A 329 -3.00 -34.22 -3.79
N ALA A 330 -2.52 -34.21 -2.54
CA ALA A 330 -2.96 -35.19 -1.57
C ALA A 330 -4.44 -35.00 -1.30
N ARG A 331 -4.90 -33.76 -1.32
CA ARG A 331 -6.34 -33.51 -1.15
C ARG A 331 -7.15 -33.92 -2.39
N ASN A 332 -6.66 -33.60 -3.58
CA ASN A 332 -7.44 -33.88 -4.81
C ASN A 332 -7.48 -35.36 -5.19
N GLU A 333 -6.35 -36.05 -5.04
CA GLU A 333 -6.22 -37.47 -5.36
C GLU A 333 -6.54 -38.37 -4.16
N GLU A 334 -7.13 -37.77 -3.13
CA GLU A 334 -7.47 -38.46 -1.89
C GLU A 334 -6.44 -39.47 -1.41
N LEU A 335 -5.18 -39.02 -1.34
CA LEU A 335 -4.04 -39.87 -1.00
C LEU A 335 -3.99 -40.29 0.46
N VAL A 336 -4.66 -39.54 1.33
CA VAL A 336 -4.76 -39.94 2.74
C VAL A 336 -6.21 -40.26 3.06
N SER A 337 -6.53 -41.55 3.02
CA SER A 337 -7.92 -41.99 3.10
C SER A 337 -8.06 -43.32 3.83
N PHE A 338 -9.27 -43.61 4.27
CA PHE A 338 -9.51 -44.78 5.11
C PHE A 338 -10.74 -45.55 4.68
N PRO A 339 -10.69 -46.88 4.85
CA PRO A 339 -11.87 -47.67 4.52
C PRO A 339 -12.94 -47.36 5.56
N VAL A 340 -14.15 -47.83 5.32
CA VAL A 340 -15.29 -47.59 6.19
C VAL A 340 -15.02 -48.04 7.63
N GLU A 341 -14.15 -49.04 7.81
CA GLU A 341 -13.78 -49.56 9.12
C GLU A 341 -12.95 -48.57 9.92
N GLY A 342 -12.31 -47.63 9.24
CA GLY A 342 -11.44 -46.68 9.90
C GLY A 342 -10.00 -47.08 9.74
N GLY A 343 -9.22 -46.87 10.80
CA GLY A 343 -7.79 -47.10 10.77
C GLY A 343 -7.14 -46.18 11.76
N GLU A 344 -5.82 -46.00 11.63
CA GLU A 344 -5.08 -45.18 12.56
C GLU A 344 -4.34 -44.08 11.81
N LEU A 345 -4.36 -42.88 12.36
CA LEU A 345 -3.68 -41.75 11.73
C LEU A 345 -2.72 -41.07 12.72
N GLY A 346 -1.44 -41.05 12.37
CA GLY A 346 -0.43 -40.42 13.22
C GLY A 346 0.04 -39.12 12.61
N VAL A 347 0.34 -38.14 13.46
CA VAL A 347 0.87 -36.86 12.97
C VAL A 347 1.80 -36.20 13.97
N GLU A 348 2.92 -35.72 13.46
CA GLU A 348 3.83 -34.93 14.29
C GLU A 348 3.61 -33.47 13.93
N MET A 349 3.27 -32.65 14.93
CA MET A 349 3.04 -31.23 14.68
C MET A 349 4.08 -30.35 15.39
N HIS A 350 4.61 -29.37 14.65
CA HIS A 350 5.51 -28.37 15.23
C HIS A 350 4.86 -27.03 15.21
N ILE A 351 4.95 -26.32 16.33
CA ILE A 351 4.50 -24.95 16.40
C ILE A 351 5.75 -24.19 16.72
N SER A 352 6.25 -23.43 15.77
CA SER A 352 7.57 -22.83 15.95
C SER A 352 7.61 -21.32 15.83
N ALA A 353 8.38 -20.71 16.73
CA ALA A 353 8.57 -19.28 16.76
C ALA A 353 9.26 -18.88 15.45
N SER A 354 8.75 -17.83 14.81
CA SER A 354 9.35 -17.37 13.56
C SER A 354 10.36 -16.24 13.78
N ASP A 355 10.57 -15.87 15.04
CA ASP A 355 11.61 -14.91 15.42
C ASP A 355 11.85 -15.01 16.92
N LYS A 356 12.62 -14.08 17.48
CA LYS A 356 13.07 -14.25 18.85
C LYS A 356 12.14 -13.61 19.87
N THR A 357 11.06 -12.98 19.40
CA THR A 357 10.11 -12.36 20.31
C THR A 357 9.24 -13.40 21.00
N LEU A 358 9.13 -14.57 20.39
CA LEU A 358 8.25 -15.63 20.87
C LEU A 358 6.79 -15.19 20.88
N ARG A 359 6.43 -14.27 19.99
CA ARG A 359 5.02 -13.90 19.84
C ARG A 359 4.42 -14.35 18.50
N PHE A 360 5.29 -14.74 17.57
CA PHE A 360 4.82 -15.11 16.23
C PHE A 360 5.26 -16.50 15.87
N TYR A 361 4.31 -17.28 15.36
CA TYR A 361 4.55 -18.68 15.19
C TYR A 361 4.09 -19.16 13.85
N THR A 362 4.70 -20.25 13.42
CA THR A 362 4.33 -20.95 12.23
C THR A 362 3.90 -22.37 12.67
N ILE A 363 3.04 -23.04 11.91
CA ILE A 363 2.69 -24.43 12.21
C ILE A 363 3.07 -25.33 11.05
N GLU A 364 3.82 -26.39 11.37
CA GLU A 364 4.21 -27.39 10.38
C GLU A 364 3.78 -28.77 10.89
N LEU A 365 3.51 -29.69 9.97
CA LEU A 365 3.14 -31.04 10.35
C LEU A 365 3.76 -32.05 9.42
N GLU A 366 3.84 -33.29 9.89
CA GLU A 366 4.28 -34.38 9.05
C GLU A 366 3.47 -35.62 9.43
N LEU A 367 2.98 -36.34 8.42
CA LEU A 367 2.19 -37.53 8.70
C LEU A 367 3.15 -38.63 9.12
N LYS A 368 2.68 -39.54 9.97
CA LYS A 368 3.53 -40.62 10.47
C LYS A 368 3.35 -41.91 9.68
N SER B 25 -9.63 -11.54 -6.44
CA SER B 25 -10.56 -12.42 -7.13
C SER B 25 -11.86 -11.68 -7.44
N ASP B 26 -12.41 -11.93 -8.62
CA ASP B 26 -13.61 -11.23 -9.03
C ASP B 26 -14.88 -11.88 -8.49
N LEU B 27 -14.81 -13.17 -8.20
CA LEU B 27 -15.95 -13.89 -7.65
C LEU B 27 -16.17 -13.43 -6.21
N ALA B 28 -15.17 -12.75 -5.68
CA ALA B 28 -15.23 -12.21 -4.34
C ALA B 28 -16.44 -11.32 -4.20
N VAL B 29 -16.41 -10.21 -4.96
CA VAL B 29 -17.49 -9.23 -4.98
C VAL B 29 -18.80 -9.73 -5.61
N HIS B 30 -18.71 -10.44 -6.75
CA HIS B 30 -19.91 -10.85 -7.47
C HIS B 30 -20.86 -11.65 -6.59
N ARG B 31 -20.31 -12.48 -5.73
CA ARG B 31 -21.09 -13.25 -4.78
C ARG B 31 -22.15 -12.41 -4.04
N LEU B 32 -21.77 -11.23 -3.57
CA LEU B 32 -22.72 -10.42 -2.80
C LEU B 32 -23.78 -9.70 -3.65
N MET B 33 -23.56 -9.58 -4.96
CA MET B 33 -24.66 -9.18 -5.81
C MET B 33 -25.69 -10.32 -5.82
N LEU B 34 -25.19 -11.53 -6.08
CA LEU B 34 -26.05 -12.71 -6.11
C LEU B 34 -26.63 -13.00 -4.74
N GLU B 35 -26.00 -12.51 -3.69
CA GLU B 35 -26.54 -12.70 -2.34
C GLU B 35 -27.59 -11.65 -1.95
N ASP B 36 -27.66 -10.57 -2.72
CA ASP B 36 -28.54 -9.46 -2.36
C ASP B 36 -29.90 -9.56 -3.09
N ALA B 37 -30.96 -9.83 -2.32
CA ALA B 37 -32.30 -10.02 -2.89
C ALA B 37 -32.84 -8.81 -3.67
N GLN B 38 -32.55 -7.61 -3.20
CA GLN B 38 -33.00 -6.40 -3.86
C GLN B 38 -32.34 -6.24 -5.23
N ARG B 39 -31.02 -6.40 -5.28
CA ARG B 39 -30.30 -6.27 -6.55
C ARG B 39 -30.75 -7.35 -7.53
N MET B 40 -30.83 -8.59 -7.06
CA MET B 40 -31.29 -9.68 -7.90
C MET B 40 -32.70 -9.40 -8.42
N SER B 41 -33.62 -9.08 -7.52
CA SER B 41 -35.00 -8.85 -7.94
C SER B 41 -35.12 -7.71 -8.96
N PHE B 42 -34.40 -6.61 -8.73
CA PHE B 42 -34.50 -5.46 -9.61
C PHE B 42 -34.17 -5.85 -11.05
N TYR B 43 -33.02 -6.48 -11.25
CA TYR B 43 -32.60 -6.82 -12.60
C TYR B 43 -33.43 -7.94 -13.22
N ARG B 44 -33.78 -8.95 -12.41
CA ARG B 44 -34.62 -10.05 -12.87
C ARG B 44 -35.95 -9.52 -13.39
N LYS B 45 -36.61 -8.69 -12.57
CA LYS B 45 -37.89 -8.12 -12.97
C LYS B 45 -37.78 -7.17 -14.17
N SER B 46 -36.75 -6.33 -14.20
CA SER B 46 -36.57 -5.40 -15.32
C SER B 46 -36.39 -6.16 -16.62
N ILE B 47 -35.55 -7.21 -16.59
CA ILE B 47 -35.27 -8.00 -17.80
C ILE B 47 -36.47 -8.85 -18.18
N GLU B 48 -36.97 -9.62 -17.23
CA GLU B 48 -38.06 -10.56 -17.49
C GLU B 48 -39.39 -9.86 -17.78
N GLN B 49 -39.43 -8.53 -17.60
CA GLN B 49 -40.61 -7.76 -17.93
C GLN B 49 -40.27 -6.47 -18.70
N SER B 50 -39.43 -6.59 -19.74
CA SER B 50 -39.16 -5.50 -20.67
C SER B 50 -39.60 -5.86 -22.09
N ALA B 51 -39.84 -4.86 -22.92
CA ALA B 51 -40.43 -5.10 -24.24
C ALA B 51 -39.39 -5.15 -25.36
N SER B 52 -38.13 -4.89 -25.04
CA SER B 52 -37.13 -4.82 -26.08
C SER B 52 -36.14 -5.98 -26.00
N ILE B 53 -36.47 -7.03 -25.25
CA ILE B 53 -35.58 -8.18 -25.13
C ILE B 53 -35.91 -9.36 -26.07
N GLU B 54 -37.12 -9.90 -25.99
CA GLU B 54 -37.47 -11.08 -26.80
C GLU B 54 -37.22 -10.83 -28.28
N GLY B 55 -36.46 -11.73 -28.90
CA GLY B 55 -36.08 -11.56 -30.29
C GLY B 55 -35.11 -10.42 -30.56
N LYS B 56 -34.62 -9.74 -29.53
CA LYS B 56 -33.71 -8.61 -29.77
C LYS B 56 -32.25 -8.84 -29.33
N VAL B 57 -31.36 -7.92 -29.71
CA VAL B 57 -29.94 -8.06 -29.39
C VAL B 57 -29.57 -7.22 -28.16
N VAL B 58 -28.90 -7.86 -27.21
CA VAL B 58 -28.59 -7.29 -25.89
C VAL B 58 -27.07 -7.25 -25.67
N VAL B 59 -26.60 -6.21 -24.99
CA VAL B 59 -25.21 -6.12 -24.57
C VAL B 59 -25.18 -5.99 -23.04
N ASP B 60 -24.35 -6.81 -22.39
CA ASP B 60 -24.17 -6.76 -20.94
C ASP B 60 -22.74 -6.27 -20.67
N VAL B 61 -22.60 -5.06 -20.16
CA VAL B 61 -21.28 -4.48 -19.93
C VAL B 61 -20.77 -4.84 -18.53
N GLY B 62 -19.58 -5.46 -18.44
CA GLY B 62 -19.02 -5.83 -17.14
C GLY B 62 -19.85 -6.94 -16.53
N SER B 63 -19.99 -8.04 -17.25
CA SER B 63 -21.00 -9.03 -16.91
C SER B 63 -20.59 -9.99 -15.78
N GLY B 64 -19.31 -10.01 -15.43
CA GLY B 64 -18.84 -10.81 -14.30
C GLY B 64 -19.25 -12.27 -14.38
N THR B 65 -20.28 -12.64 -13.60
CA THR B 65 -20.78 -14.02 -13.63
C THR B 65 -21.62 -14.29 -14.88
N GLY B 66 -22.10 -13.21 -15.50
CA GLY B 66 -22.95 -13.34 -16.67
C GLY B 66 -24.40 -13.59 -16.29
N ILE B 67 -24.73 -13.38 -15.02
CA ILE B 67 -26.13 -13.55 -14.61
C ILE B 67 -27.12 -12.74 -15.47
N LEU B 68 -26.80 -11.48 -15.80
CA LEU B 68 -27.74 -10.65 -16.56
C LEU B 68 -27.88 -11.17 -18.00
N SER B 69 -26.76 -11.57 -18.59
CA SER B 69 -26.78 -12.10 -19.95
C SER B 69 -27.63 -13.35 -20.02
N MET B 70 -27.43 -14.23 -19.04
CA MET B 70 -28.18 -15.48 -19.01
C MET B 70 -29.66 -15.24 -18.75
N TRP B 71 -30.00 -14.26 -17.92
CA TRP B 71 -31.41 -13.92 -17.78
C TRP B 71 -31.95 -13.44 -19.12
N ALA B 72 -31.16 -12.63 -19.83
CA ALA B 72 -31.67 -12.04 -21.06
C ALA B 72 -31.91 -13.12 -22.12
N ALA B 73 -30.96 -14.05 -22.26
CA ALA B 73 -31.13 -15.16 -23.19
C ALA B 73 -32.38 -15.99 -22.83
N ARG B 74 -32.47 -16.39 -21.57
CA ARG B 74 -33.63 -17.11 -21.06
C ARG B 74 -34.94 -16.38 -21.38
N ALA B 75 -34.89 -15.06 -21.35
CA ALA B 75 -36.07 -14.27 -21.62
C ALA B 75 -36.32 -14.15 -23.13
N GLY B 76 -35.51 -14.83 -23.92
CA GLY B 76 -35.75 -14.89 -25.36
C GLY B 76 -34.98 -13.91 -26.23
N ALA B 77 -33.90 -13.32 -25.73
CA ALA B 77 -33.08 -12.43 -26.57
C ALA B 77 -32.63 -13.13 -27.86
N LYS B 78 -32.56 -12.39 -28.97
CA LYS B 78 -32.03 -12.98 -30.19
C LYS B 78 -30.58 -13.36 -29.92
N HIS B 79 -29.85 -12.42 -29.33
CA HIS B 79 -28.47 -12.70 -28.98
C HIS B 79 -27.91 -11.75 -27.91
N VAL B 80 -26.94 -12.24 -27.13
CA VAL B 80 -26.30 -11.44 -26.09
C VAL B 80 -24.79 -11.33 -26.23
N PHE B 81 -24.28 -10.10 -26.26
CA PHE B 81 -22.86 -9.85 -26.12
C PHE B 81 -22.54 -9.55 -24.68
N SER B 82 -21.77 -10.44 -24.06
CA SER B 82 -21.40 -10.37 -22.66
C SER B 82 -19.98 -9.86 -22.63
N ILE B 83 -19.78 -8.68 -22.05
CA ILE B 83 -18.46 -8.07 -22.07
C ILE B 83 -17.83 -8.11 -20.68
N GLU B 84 -16.69 -8.79 -20.55
CA GLU B 84 -16.06 -8.96 -19.22
C GLU B 84 -14.56 -9.04 -19.42
N ALA B 85 -13.86 -8.03 -18.92
CA ALA B 85 -12.43 -7.92 -19.16
C ALA B 85 -11.61 -8.86 -18.27
N SER B 86 -12.08 -9.15 -17.07
CA SER B 86 -11.31 -9.99 -16.17
C SER B 86 -11.21 -11.44 -16.65
N SER B 87 -10.32 -12.19 -16.00
CA SER B 87 -10.07 -13.60 -16.37
C SER B 87 -11.30 -14.49 -16.09
N LEU B 88 -12.20 -13.97 -15.28
CA LEU B 88 -13.48 -14.62 -15.04
C LEU B 88 -14.23 -14.94 -16.34
N SER B 89 -13.96 -14.19 -17.39
CA SER B 89 -14.64 -14.40 -18.67
C SER B 89 -14.45 -15.82 -19.21
N GLU B 90 -13.24 -16.37 -19.11
CA GLU B 90 -13.01 -17.75 -19.54
C GLU B 90 -13.94 -18.72 -18.81
N PHE B 91 -14.13 -18.50 -17.51
CA PHE B 91 -15.01 -19.37 -16.74
C PHE B 91 -16.50 -19.16 -17.05
N GLN B 92 -16.89 -17.91 -17.31
CA GLN B 92 -18.25 -17.58 -17.72
C GLN B 92 -18.65 -18.34 -18.99
N ILE B 93 -17.74 -18.42 -19.94
CA ILE B 93 -17.97 -19.23 -21.14
C ILE B 93 -18.35 -20.68 -20.75
N GLY B 94 -17.70 -21.20 -19.71
CA GLY B 94 -17.99 -22.54 -19.22
C GLY B 94 -19.37 -22.62 -18.60
N VAL B 95 -19.69 -21.64 -17.76
CA VAL B 95 -21.01 -21.60 -17.14
C VAL B 95 -22.13 -21.42 -18.16
N VAL B 96 -21.90 -20.59 -19.19
CA VAL B 96 -22.86 -20.43 -20.28
C VAL B 96 -23.11 -21.80 -20.92
N GLU B 97 -22.04 -22.53 -21.20
CA GLU B 97 -22.16 -23.88 -21.74
C GLU B 97 -22.91 -24.81 -20.78
N ASP B 98 -22.52 -24.80 -19.50
CA ASP B 98 -23.20 -25.61 -18.49
C ASP B 98 -24.73 -25.37 -18.42
N ASN B 99 -25.21 -24.22 -18.89
CA ASN B 99 -26.64 -23.94 -18.82
C ASN B 99 -27.24 -23.97 -20.21
N ASP B 100 -26.47 -24.53 -21.15
CA ASP B 100 -26.90 -24.77 -22.53
C ASP B 100 -27.32 -23.49 -23.24
N LEU B 101 -26.41 -22.52 -23.32
CA LEU B 101 -26.77 -21.21 -23.84
C LEU B 101 -25.67 -20.63 -24.71
N SER B 102 -24.72 -21.49 -25.09
CA SER B 102 -23.53 -21.05 -25.83
C SER B 102 -23.88 -20.50 -27.23
N THR B 103 -25.09 -20.82 -27.67
CA THR B 103 -25.57 -20.40 -28.98
C THR B 103 -26.18 -18.97 -28.91
N LYS B 104 -26.56 -18.56 -27.71
CA LYS B 104 -27.24 -17.26 -27.53
C LYS B 104 -26.36 -16.17 -26.92
N ILE B 105 -25.19 -16.54 -26.42
CA ILE B 105 -24.34 -15.59 -25.70
C ILE B 105 -22.92 -15.69 -26.20
N THR B 106 -22.33 -14.55 -26.60
CA THR B 106 -20.91 -14.57 -26.88
C THR B 106 -20.21 -13.71 -25.87
N VAL B 107 -19.22 -14.30 -25.22
CA VAL B 107 -18.47 -13.59 -24.20
C VAL B 107 -17.31 -12.89 -24.87
N LEU B 108 -17.21 -11.59 -24.66
CA LEU B 108 -16.09 -10.82 -25.18
C LEU B 108 -15.20 -10.53 -23.99
N GLY B 109 -14.06 -11.21 -23.93
CA GLY B 109 -13.14 -11.08 -22.81
C GLY B 109 -12.20 -9.91 -23.07
N ASP B 110 -12.69 -8.69 -22.82
CA ASP B 110 -11.90 -7.51 -23.12
C ASP B 110 -12.59 -6.33 -22.47
N THR B 111 -11.91 -5.16 -22.44
CA THR B 111 -12.57 -3.98 -21.91
C THR B 111 -13.39 -3.37 -23.01
N VAL B 112 -14.42 -2.64 -22.60
CA VAL B 112 -15.20 -1.82 -23.49
C VAL B 112 -14.25 -0.91 -24.27
N GLU B 113 -13.30 -0.30 -23.56
CA GLU B 113 -12.40 0.66 -24.20
C GLU B 113 -11.56 0.00 -25.31
N ASN B 114 -11.13 -1.23 -25.11
CA ASN B 114 -10.31 -1.86 -26.15
C ASN B 114 -11.16 -2.34 -27.35
N ILE B 115 -12.37 -2.81 -27.06
CA ILE B 115 -13.32 -3.14 -28.13
C ILE B 115 -13.58 -1.93 -29.00
N ILE B 116 -13.78 -0.78 -28.37
CA ILE B 116 -14.01 0.46 -29.11
C ILE B 116 -12.80 0.80 -29.98
N ALA B 117 -11.61 0.59 -29.42
CA ALA B 117 -10.37 0.89 -30.14
C ALA B 117 -10.25 0.04 -31.40
N GLY B 118 -10.79 -1.16 -31.37
CA GLY B 118 -10.80 -2.03 -32.54
C GLY B 118 -11.72 -1.48 -33.64
N GLY B 119 -12.67 -0.65 -33.26
CA GLY B 119 -13.44 0.08 -34.26
C GLY B 119 -14.78 -0.52 -34.65
N VAL B 120 -15.68 0.36 -35.10
CA VAL B 120 -17.03 -0.01 -35.47
C VAL B 120 -17.06 -1.02 -36.63
N ALA B 121 -16.44 -0.66 -37.74
CA ALA B 121 -16.42 -1.50 -38.93
C ALA B 121 -15.93 -2.91 -38.61
N ASN B 122 -14.81 -2.98 -37.90
CA ASN B 122 -14.30 -4.30 -37.53
C ASN B 122 -15.31 -5.08 -36.71
N PHE B 123 -15.99 -4.39 -35.77
CA PHE B 123 -16.97 -5.08 -34.94
C PHE B 123 -18.13 -5.55 -35.81
N VAL B 124 -18.60 -4.68 -36.70
CA VAL B 124 -19.74 -5.06 -37.54
C VAL B 124 -19.38 -6.29 -38.39
N ASN B 125 -18.22 -6.26 -39.04
CA ASN B 125 -17.84 -7.31 -39.97
C ASN B 125 -17.77 -8.65 -39.27
N ARG B 126 -17.22 -8.64 -38.07
CA ARG B 126 -17.03 -9.86 -37.31
C ARG B 126 -18.37 -10.44 -36.86
N HIS B 127 -19.23 -9.60 -36.28
CA HIS B 127 -20.42 -10.10 -35.62
C HIS B 127 -21.69 -9.83 -36.42
N LYS B 128 -21.52 -9.68 -37.74
CA LYS B 128 -22.62 -9.24 -38.59
C LYS B 128 -23.88 -10.10 -38.43
N ALA B 129 -23.70 -11.43 -38.39
CA ALA B 129 -24.83 -12.35 -38.30
C ALA B 129 -25.58 -12.26 -36.99
N LYS B 130 -24.85 -12.08 -35.89
CA LYS B 130 -25.47 -11.94 -34.58
C LYS B 130 -26.15 -10.59 -34.41
N LEU B 131 -25.55 -9.55 -34.98
CA LEU B 131 -26.14 -8.20 -34.96
C LEU B 131 -27.51 -8.13 -35.64
N GLY B 132 -27.66 -8.90 -36.73
CA GLY B 132 -28.94 -8.94 -37.43
C GLY B 132 -29.26 -7.63 -38.12
N LYS B 133 -30.51 -7.50 -38.57
CA LYS B 133 -30.96 -6.29 -39.24
C LYS B 133 -31.09 -5.12 -38.26
N CYS B 134 -31.44 -5.41 -37.01
CA CYS B 134 -31.76 -4.35 -36.03
C CYS B 134 -30.65 -3.95 -35.06
N GLY B 135 -29.51 -4.62 -35.12
CA GLY B 135 -28.41 -4.28 -34.24
C GLY B 135 -28.80 -4.38 -32.77
N VAL B 136 -28.15 -3.55 -31.93
CA VAL B 136 -28.29 -3.70 -30.48
C VAL B 136 -29.50 -2.93 -29.95
N ALA B 137 -30.44 -3.62 -29.30
CA ALA B 137 -31.63 -2.95 -28.73
C ALA B 137 -31.51 -2.53 -27.25
N VAL B 138 -30.77 -3.31 -26.47
CA VAL B 138 -30.74 -3.15 -25.01
C VAL B 138 -29.33 -3.25 -24.44
N LEU B 139 -29.02 -2.40 -23.46
CA LEU B 139 -27.73 -2.47 -22.78
C LEU B 139 -27.96 -2.62 -21.28
N LEU B 140 -27.53 -3.76 -20.76
CA LEU B 140 -27.70 -4.15 -19.36
C LEU B 140 -26.40 -3.97 -18.62
N SER B 141 -26.49 -3.52 -17.38
CA SER B 141 -25.28 -3.33 -16.59
C SER B 141 -25.61 -3.00 -15.15
N GLU B 142 -24.78 -3.47 -14.23
CA GLU B 142 -24.78 -2.98 -12.85
C GLU B 142 -23.47 -2.25 -12.56
N TRP B 143 -23.45 -0.96 -12.82
CA TRP B 143 -22.23 -0.17 -12.77
C TRP B 143 -22.11 0.68 -11.51
N MET B 144 -23.14 0.69 -10.69
CA MET B 144 -23.15 1.58 -9.52
C MET B 144 -22.02 1.31 -8.52
N GLY B 145 -21.48 2.39 -7.99
CA GLY B 145 -20.49 2.32 -6.92
C GLY B 145 -21.01 3.06 -5.70
N PHE B 146 -20.12 3.34 -4.75
CA PHE B 146 -20.49 4.03 -3.53
C PHE B 146 -20.89 5.44 -3.86
N TYR B 147 -21.92 5.92 -3.20
CA TYR B 147 -22.65 7.10 -3.56
C TYR B 147 -22.76 7.26 -5.03
N LEU B 148 -23.18 6.18 -5.66
CA LEU B 148 -23.40 6.01 -7.09
C LEU B 148 -22.21 6.11 -8.04
N PHE B 149 -21.10 6.62 -7.70
CA PHE B 149 -20.04 6.97 -8.66
C PHE B 149 -18.72 6.35 -8.19
N HIS B 150 -18.47 6.37 -6.89
CA HIS B 150 -17.17 5.99 -6.33
C HIS B 150 -16.91 4.49 -6.48
N GLU B 151 -15.84 4.16 -7.21
CA GLU B 151 -15.52 2.80 -7.60
C GLU B 151 -16.60 2.21 -8.52
N GLY B 152 -17.32 3.07 -9.23
CA GLY B 152 -18.34 2.61 -10.16
C GLY B 152 -17.74 2.37 -11.54
N MET B 153 -18.61 2.01 -12.49
CA MET B 153 -18.20 1.63 -13.83
C MET B 153 -18.94 2.51 -14.86
N LEU B 154 -19.54 3.60 -14.39
CA LEU B 154 -20.40 4.43 -15.26
C LEU B 154 -19.78 4.87 -16.60
N PRO B 155 -18.52 5.34 -16.61
CA PRO B 155 -17.89 5.76 -17.87
C PRO B 155 -17.84 4.65 -18.91
N SER B 156 -17.53 3.43 -18.50
CA SER B 156 -17.49 2.32 -19.44
C SER B 156 -18.86 2.08 -20.00
N VAL B 157 -19.89 2.26 -19.18
CA VAL B 157 -21.24 2.03 -19.65
C VAL B 157 -21.61 3.10 -20.68
N ILE B 158 -21.21 4.34 -20.42
CA ILE B 158 -21.51 5.42 -21.33
C ILE B 158 -20.77 5.19 -22.65
N ARG B 159 -19.48 4.83 -22.57
CA ARG B 159 -18.68 4.62 -23.76
C ARG B 159 -19.24 3.46 -24.54
N ALA B 160 -19.67 2.42 -23.84
CA ALA B 160 -20.27 1.27 -24.49
C ALA B 160 -21.55 1.70 -25.18
N ARG B 161 -22.34 2.53 -24.52
CA ARG B 161 -23.61 2.95 -25.13
C ARG B 161 -23.37 3.69 -26.46
N ASN B 162 -22.52 4.70 -26.44
CA ASN B 162 -22.16 5.43 -27.66
C ASN B 162 -21.56 4.50 -28.71
N PHE B 163 -20.72 3.55 -28.29
CA PHE B 163 -20.10 2.65 -29.27
C PHE B 163 -21.15 1.84 -30.01
N PHE B 164 -22.03 1.20 -29.26
CA PHE B 164 -23.03 0.36 -29.88
C PHE B 164 -24.08 1.16 -30.67
N GLN B 165 -24.27 2.43 -30.31
CA GLN B 165 -25.14 3.30 -31.12
C GLN B 165 -24.48 3.65 -32.47
N ASP B 166 -23.15 3.69 -32.51
CA ASP B 166 -22.46 3.89 -33.79
C ASP B 166 -22.47 2.59 -34.60
N VAL B 167 -22.34 1.46 -33.91
CA VAL B 167 -22.53 0.16 -34.56
C VAL B 167 -23.90 0.11 -35.24
N ASN B 168 -24.92 0.48 -34.47
CA ASN B 168 -26.27 0.56 -34.99
C ASN B 168 -26.37 1.54 -36.17
N ALA B 169 -25.77 2.73 -36.04
CA ALA B 169 -25.81 3.69 -37.16
C ALA B 169 -25.13 3.10 -38.39
N ALA B 170 -24.06 2.33 -38.21
CA ALA B 170 -23.40 1.72 -39.36
C ALA B 170 -24.35 0.76 -40.13
N LEU B 171 -25.30 0.18 -39.41
CA LEU B 171 -26.28 -0.73 -39.98
C LEU B 171 -27.54 0.00 -40.44
N GLY B 172 -27.54 1.32 -40.36
CA GLY B 172 -28.71 2.12 -40.73
C GLY B 172 -29.76 2.19 -39.63
N VAL B 173 -29.37 1.99 -38.38
CA VAL B 173 -30.34 1.97 -37.27
C VAL B 173 -30.07 3.12 -36.30
N LEU B 174 -31.08 3.96 -36.06
CA LEU B 174 -30.88 5.12 -35.18
C LEU B 174 -31.74 5.09 -33.91
N GLN B 175 -32.58 4.07 -33.77
CA GLN B 175 -33.33 3.89 -32.54
C GLN B 175 -32.36 3.84 -31.37
N PRO B 176 -32.53 4.77 -30.41
CA PRO B 176 -31.68 4.80 -29.21
C PRO B 176 -31.79 3.48 -28.46
N ILE B 177 -30.66 3.01 -27.95
CA ILE B 177 -30.59 1.77 -27.22
C ILE B 177 -31.31 1.91 -25.88
N GLU B 178 -32.10 0.93 -25.48
CA GLU B 178 -32.71 1.03 -24.17
C GLU B 178 -31.70 0.61 -23.10
N MET B 179 -31.52 1.49 -22.10
CA MET B 179 -30.65 1.24 -20.95
C MET B 179 -31.40 0.68 -19.73
N ILE B 180 -30.80 -0.34 -19.11
CA ILE B 180 -31.24 -0.86 -17.83
C ILE B 180 -30.08 -0.87 -16.84
N PRO B 181 -30.18 -0.05 -15.76
CA PRO B 181 -31.29 0.85 -15.43
C PRO B 181 -31.34 2.03 -16.39
N GLU B 182 -32.48 2.71 -16.43
CA GLU B 182 -32.67 3.80 -17.37
C GLU B 182 -32.44 5.15 -16.70
N ARG B 183 -32.55 5.19 -15.38
CA ARG B 183 -32.41 6.45 -14.65
C ARG B 183 -31.72 6.17 -13.33
N ALA B 184 -30.95 7.13 -12.82
CA ALA B 184 -30.40 6.98 -11.47
C ALA B 184 -30.55 8.31 -10.78
N THR B 185 -30.52 8.28 -9.45
CA THR B 185 -30.71 9.47 -8.66
C THR B 185 -29.84 9.42 -7.42
N VAL B 186 -29.13 10.51 -7.13
CA VAL B 186 -28.51 10.68 -5.81
C VAL B 186 -29.43 11.45 -4.88
N PHE B 187 -29.69 10.88 -3.70
CA PHE B 187 -30.48 11.52 -2.65
C PHE B 187 -29.58 11.93 -1.48
N VAL B 188 -29.93 13.06 -0.85
CA VAL B 188 -29.21 13.56 0.33
C VAL B 188 -30.20 13.99 1.41
N ALA B 189 -29.82 13.77 2.67
CA ALA B 189 -30.62 14.16 3.84
C ALA B 189 -29.72 14.55 4.99
N PRO B 190 -30.11 15.57 5.76
CA PRO B 190 -29.37 15.89 6.98
C PRO B 190 -29.63 14.82 8.05
N ILE B 191 -28.67 14.62 8.95
CA ILE B 191 -28.86 13.62 10.00
C ILE B 191 -28.42 14.14 11.36
N THR B 192 -28.93 13.52 12.41
CA THR B 192 -28.36 13.68 13.74
C THR B 192 -27.69 12.36 14.07
N CYS B 193 -26.54 12.43 14.74
CA CYS B 193 -25.79 11.23 15.04
C CYS B 193 -26.22 10.52 16.31
N LYS B 194 -27.07 11.18 17.10
CA LYS B 194 -27.48 10.64 18.40
C LYS B 194 -28.14 9.26 18.38
N PRO B 195 -29.07 9.02 17.43
CA PRO B 195 -29.61 7.65 17.35
C PRO B 195 -28.51 6.60 17.05
N TYR B 196 -27.49 6.99 16.28
CA TYR B 196 -26.38 6.08 16.00
C TYR B 196 -25.53 5.83 17.25
N TYR B 197 -25.21 6.91 17.95
CA TYR B 197 -24.43 6.82 19.17
C TYR B 197 -25.13 5.97 20.20
N VAL B 198 -26.43 6.22 20.37
CA VAL B 198 -27.23 5.48 21.35
C VAL B 198 -27.20 3.99 21.01
N GLN B 199 -27.64 3.65 19.81
CA GLN B 199 -27.80 2.26 19.42
C GLN B 199 -26.50 1.50 19.26
N ARG B 200 -25.44 2.16 18.79
CA ARG B 200 -24.19 1.45 18.54
C ARG B 200 -23.17 1.49 19.68
N TYR B 201 -23.21 2.52 20.52
CA TYR B 201 -22.22 2.70 21.57
C TYR B 201 -22.76 2.74 22.99
N LYS B 202 -23.66 3.68 23.24
CA LYS B 202 -24.09 4.04 24.59
C LYS B 202 -24.79 2.89 25.33
N ASN B 203 -25.62 2.14 24.62
CA ASN B 203 -26.35 1.02 25.22
C ASN B 203 -25.48 -0.21 25.50
N PHE B 204 -24.44 -0.43 24.70
CA PHE B 204 -23.52 -1.52 24.99
C PHE B 204 -22.64 -1.18 26.19
N TRP B 205 -22.11 0.03 26.19
CA TRP B 205 -21.09 0.44 27.13
C TRP B 205 -21.63 0.93 28.48
N ARG B 206 -22.96 1.10 28.59
CA ARG B 206 -23.54 1.66 29.81
C ARG B 206 -23.39 0.71 30.99
N ASP B 207 -23.61 -0.58 30.72
CA ASP B 207 -23.55 -1.57 31.76
C ASP B 207 -22.81 -2.82 31.31
N VAL B 208 -21.60 -2.98 31.83
CA VAL B 208 -20.83 -4.20 31.63
C VAL B 208 -20.76 -4.90 32.98
N ASP B 209 -21.59 -5.93 33.16
CA ASP B 209 -21.78 -6.61 34.44
C ASP B 209 -21.84 -5.62 35.60
N GLY B 210 -22.72 -4.63 35.48
CA GLY B 210 -22.95 -3.67 36.55
C GLY B 210 -21.93 -2.55 36.65
N LEU B 211 -20.90 -2.58 35.82
CA LEU B 211 -19.91 -1.52 35.79
C LEU B 211 -20.28 -0.49 34.73
N ASP B 212 -20.10 0.78 35.07
CA ASP B 212 -20.37 1.89 34.16
C ASP B 212 -19.14 2.09 33.28
N PHE B 213 -19.23 1.64 32.02
CA PHE B 213 -18.13 1.79 31.07
C PHE B 213 -18.48 2.86 30.02
N SER B 214 -19.39 3.77 30.35
CA SER B 214 -19.85 4.79 29.39
C SER B 214 -18.69 5.60 28.82
N ARG B 215 -17.71 5.94 29.66
CA ARG B 215 -16.52 6.67 29.19
C ARG B 215 -15.86 6.00 27.96
N TYR B 216 -15.87 4.67 27.92
CA TYR B 216 -15.31 3.94 26.79
C TYR B 216 -16.14 4.16 25.52
N GLY B 217 -17.46 4.16 25.68
CA GLY B 217 -18.35 4.39 24.56
C GLY B 217 -18.16 5.73 23.88
N ARG B 218 -18.05 6.78 24.67
CA ARG B 218 -17.84 8.12 24.14
C ARG B 218 -16.54 8.15 23.36
N ILE B 219 -15.50 7.59 23.93
CA ILE B 219 -14.20 7.56 23.25
C ILE B 219 -14.27 6.78 21.92
N GLU B 220 -14.87 5.61 21.95
CA GLU B 220 -14.97 4.76 20.75
C GLU B 220 -15.72 5.53 19.64
N TYR B 221 -16.77 6.23 20.03
CA TYR B 221 -17.65 6.94 19.12
C TYR B 221 -16.99 8.17 18.50
N GLU B 222 -16.40 9.04 19.33
CA GLU B 222 -15.77 10.27 18.83
C GLU B 222 -14.69 9.96 17.80
N VAL B 223 -13.86 8.98 18.11
CA VAL B 223 -12.72 8.68 17.26
C VAL B 223 -13.14 7.90 16.02
N TYR B 224 -14.18 7.09 16.13
CA TYR B 224 -14.68 6.41 14.93
C TYR B 224 -15.20 7.42 13.91
N LEU B 225 -15.75 8.54 14.40
CA LEU B 225 -16.27 9.58 13.51
C LEU B 225 -15.19 10.37 12.77
N GLU B 226 -13.99 10.45 13.37
CA GLU B 226 -12.88 11.19 12.79
C GLU B 226 -12.08 10.32 11.81
N GLN B 227 -12.22 9.02 11.96
CA GLN B 227 -11.49 8.05 11.15
C GLN B 227 -12.20 7.82 9.82
N PRO B 230 -15.06 10.25 4.48
CA PRO B 230 -16.48 9.90 4.38
C PRO B 230 -16.78 8.54 5.00
N LEU B 231 -17.85 8.46 5.78
CA LEU B 231 -18.18 7.25 6.50
C LEU B 231 -19.16 6.40 5.71
N VAL B 232 -18.71 5.22 5.28
CA VAL B 232 -19.59 4.31 4.59
C VAL B 232 -20.11 3.27 5.58
N GLU B 233 -21.35 3.45 6.01
CA GLU B 233 -21.97 2.61 7.04
C GLU B 233 -23.48 2.63 6.83
N CYS B 234 -24.18 1.62 7.34
CA CYS B 234 -25.64 1.67 7.37
C CYS B 234 -26.08 2.56 8.50
N LEU B 235 -26.88 3.59 8.20
CA LEU B 235 -27.40 4.44 9.26
C LEU B 235 -28.79 4.00 9.72
N PRO B 236 -29.00 3.99 11.04
CA PRO B 236 -30.39 3.85 11.52
C PRO B 236 -31.27 4.93 10.92
N PRO B 237 -32.46 4.55 10.47
CA PRO B 237 -33.39 5.50 9.87
C PRO B 237 -33.69 6.66 10.79
N LEU B 238 -33.70 6.42 12.11
CA LEU B 238 -33.93 7.50 13.07
C LEU B 238 -32.93 8.63 12.98
N CYS B 239 -31.76 8.37 12.39
CA CYS B 239 -30.80 9.47 12.21
C CYS B 239 -31.34 10.55 11.28
N LEU B 240 -32.27 10.21 10.41
CA LEU B 240 -32.73 11.18 9.41
C LEU B 240 -33.48 12.33 10.05
N LEU B 241 -33.05 13.55 9.76
CA LEU B 241 -33.81 14.75 10.08
C LEU B 241 -34.78 15.16 8.95
N HIS B 242 -34.77 14.41 7.85
CA HIS B 242 -35.63 14.71 6.69
C HIS B 242 -35.61 13.49 5.78
N GLU B 243 -36.66 13.28 5.00
CA GLU B 243 -36.76 12.07 4.17
C GLU B 243 -35.70 12.02 3.06
N GLY B 244 -35.13 13.17 2.72
CA GLY B 244 -34.13 13.21 1.68
C GLY B 244 -34.63 13.89 0.42
N LEU B 245 -33.71 14.53 -0.30
CA LEU B 245 -34.06 15.26 -1.51
C LEU B 245 -33.15 14.79 -2.62
N SER B 246 -33.71 14.75 -3.83
CA SER B 246 -32.93 14.50 -5.02
C SER B 246 -31.83 15.56 -5.19
N LEU B 247 -30.60 15.11 -5.37
CA LEU B 247 -29.48 16.03 -5.55
C LEU B 247 -28.99 16.06 -7.02
N ILE B 248 -28.90 14.87 -7.60
CA ILE B 248 -28.41 14.69 -8.95
C ILE B 248 -29.26 13.62 -9.60
N GLU B 249 -29.70 13.88 -10.83
CA GLU B 249 -30.46 12.89 -11.59
C GLU B 249 -29.84 12.63 -12.95
N LEU B 250 -29.67 11.35 -13.28
CA LEU B 250 -29.09 10.97 -14.54
C LEU B 250 -30.08 10.22 -15.44
N ASN B 251 -30.16 10.64 -16.69
CA ASN B 251 -30.82 9.88 -17.75
C ASN B 251 -29.73 9.02 -18.40
N LEU B 252 -29.77 7.69 -18.22
CA LEU B 252 -28.67 6.83 -18.67
C LEU B 252 -28.55 6.70 -20.20
N SER B 253 -29.59 7.12 -20.89
CA SER B 253 -29.53 7.10 -22.35
C SER B 253 -28.79 8.32 -22.88
N THR B 254 -28.84 9.44 -22.17
CA THR B 254 -28.30 10.68 -22.73
C THR B 254 -27.07 11.20 -22.01
N VAL B 255 -26.81 10.69 -20.82
CA VAL B 255 -25.72 11.24 -20.01
C VAL B 255 -24.36 11.02 -20.69
N GLN B 256 -23.52 12.06 -20.68
CA GLN B 256 -22.20 11.99 -21.31
C GLN B 256 -21.12 12.14 -20.24
N GLU B 257 -19.94 11.63 -20.55
CA GLU B 257 -18.79 11.55 -19.65
C GLU B 257 -18.41 12.88 -19.04
N GLU B 258 -18.48 13.91 -19.87
CA GLU B 258 -18.10 15.27 -19.51
C GLU B 258 -18.77 15.74 -18.22
N VAL B 259 -19.97 15.22 -17.95
CA VAL B 259 -20.69 15.67 -16.77
C VAL B 259 -20.07 15.08 -15.49
N LEU B 260 -19.31 14.00 -15.63
CA LEU B 260 -18.85 13.22 -14.48
C LEU B 260 -17.68 13.84 -13.76
N THR B 261 -17.06 14.85 -14.36
CA THR B 261 -15.91 15.52 -13.74
C THR B 261 -16.28 16.06 -12.37
N SER B 262 -17.35 16.84 -12.35
CA SER B 262 -17.87 17.39 -11.10
C SER B 262 -19.39 17.40 -11.15
N LEU B 263 -19.98 16.63 -10.26
CA LEU B 263 -21.40 16.70 -10.03
C LEU B 263 -21.59 17.60 -8.82
N HIS B 264 -22.45 18.60 -8.96
CA HIS B 264 -22.72 19.52 -7.88
C HIS B 264 -24.16 20.02 -7.98
N ASN B 265 -24.73 20.28 -6.82
CA ASN B 265 -26.03 20.92 -6.72
C ASN B 265 -26.27 21.44 -5.30
N THR B 266 -27.26 22.31 -5.19
CA THR B 266 -27.63 22.95 -3.94
C THR B 266 -29.06 22.55 -3.67
N VAL B 267 -29.31 22.00 -2.49
CA VAL B 267 -30.68 21.69 -2.08
C VAL B 267 -31.01 22.39 -0.79
N HIS B 268 -32.30 22.66 -0.56
CA HIS B 268 -32.74 23.32 0.66
C HIS B 268 -33.80 22.47 1.35
N PHE B 269 -33.51 22.05 2.58
CA PHE B 269 -34.44 21.25 3.37
C PHE B 269 -35.38 22.17 4.15
N ASP B 270 -36.69 21.98 3.96
CA ASP B 270 -37.70 22.65 4.76
C ASP B 270 -38.03 21.78 5.99
N LEU B 271 -37.28 21.95 7.07
CA LEU B 271 -37.47 21.13 8.25
C LEU B 271 -38.84 21.35 8.93
N LYS B 272 -39.45 22.51 8.71
CA LYS B 272 -40.77 22.83 9.27
C LYS B 272 -41.85 21.85 8.83
N GLU B 273 -41.68 21.28 7.64
CA GLU B 273 -42.65 20.37 7.03
C GLU B 273 -42.25 18.90 7.12
N SER B 274 -41.16 18.61 7.82
CA SER B 274 -40.61 17.27 7.83
C SER B 274 -41.12 16.43 9.02
N ALA B 275 -41.74 15.28 8.74
CA ALA B 275 -42.18 14.40 9.84
C ALA B 275 -40.99 13.86 10.61
N GLU B 276 -39.91 13.57 9.90
CA GLU B 276 -38.70 13.06 10.54
C GLU B 276 -38.18 14.08 11.53
N PHE B 277 -38.20 15.36 11.15
CA PHE B 277 -37.70 16.38 12.06
C PHE B 277 -38.57 16.47 13.31
N GLN B 278 -39.88 16.39 13.11
CA GLN B 278 -40.82 16.51 14.22
C GLN B 278 -40.65 15.39 15.24
N GLN B 279 -40.31 14.20 14.75
CA GLN B 279 -40.01 13.06 15.63
C GLN B 279 -38.96 13.41 16.66
N HIS B 280 -37.89 14.06 16.20
CA HIS B 280 -36.83 14.54 17.08
C HIS B 280 -37.28 15.77 17.88
N ALA B 281 -38.03 16.65 17.23
CA ALA B 281 -38.57 17.81 17.93
C ALA B 281 -39.37 17.39 19.16
N ARG B 282 -40.14 16.30 19.04
CA ARG B 282 -40.87 15.75 20.19
C ARG B 282 -39.97 15.32 21.34
N GLU B 283 -38.91 14.58 21.00
CA GLU B 283 -38.02 14.01 22.01
C GLU B 283 -37.19 15.08 22.71
N ALA B 284 -37.04 16.24 22.07
CA ALA B 284 -36.29 17.34 22.67
C ALA B 284 -37.13 18.21 23.60
N GLY B 285 -38.42 17.87 23.73
CA GLY B 285 -39.33 18.66 24.53
C GLY B 285 -39.93 19.83 23.76
N SER B 286 -40.39 20.84 24.48
CA SER B 286 -41.02 22.02 23.86
C SER B 286 -40.09 23.24 23.87
N GLU B 287 -39.05 23.19 24.70
CA GLU B 287 -38.04 24.25 24.73
C GLU B 287 -36.68 23.69 24.30
N GLY B 288 -36.71 22.60 23.55
CA GLY B 288 -35.49 21.94 23.12
C GLY B 288 -34.91 22.47 21.81
N ARG B 289 -33.76 21.90 21.44
CA ARG B 289 -33.08 22.23 20.19
C ARG B 289 -32.73 20.95 19.44
N VAL B 290 -32.71 21.02 18.11
CA VAL B 290 -32.35 19.87 17.28
C VAL B 290 -31.10 20.23 16.45
N SER B 291 -29.98 19.58 16.73
CA SER B 291 -28.77 19.89 15.99
C SER B 291 -28.51 18.93 14.82
N VAL B 292 -27.87 19.45 13.77
CA VAL B 292 -27.51 18.64 12.63
C VAL B 292 -26.05 18.23 12.80
N ASP B 293 -25.74 16.97 12.52
CA ASP B 293 -24.38 16.48 12.66
C ASP B 293 -23.70 16.23 11.33
N GLY B 294 -24.50 16.17 10.26
CA GLY B 294 -24.00 15.89 8.93
C GLY B 294 -25.09 15.57 7.91
N PHE B 295 -24.68 14.89 6.86
CA PHE B 295 -25.57 14.53 5.76
C PHE B 295 -25.21 13.12 5.29
N THR B 296 -26.25 12.34 5.03
CA THR B 296 -26.12 11.00 4.51
C THR B 296 -26.54 11.03 3.03
N VAL B 297 -25.90 10.18 2.23
CA VAL B 297 -26.09 10.20 0.79
C VAL B 297 -26.39 8.78 0.35
N TRP B 298 -27.39 8.60 -0.50
CA TRP B 298 -27.64 7.29 -1.07
C TRP B 298 -28.13 7.44 -2.50
N PHE B 299 -28.45 6.33 -3.15
CA PHE B 299 -28.93 6.42 -4.51
C PHE B 299 -30.03 5.42 -4.81
N ASP B 300 -30.87 5.74 -5.81
CA ASP B 300 -31.80 4.78 -6.38
C ASP B 300 -31.53 4.70 -7.87
N VAL B 301 -31.78 3.54 -8.48
CA VAL B 301 -31.82 3.44 -9.94
C VAL B 301 -33.16 2.83 -10.26
N SER B 302 -33.65 3.05 -11.47
CA SER B 302 -34.93 2.46 -11.81
C SER B 302 -35.03 2.09 -13.28
N TYR B 303 -36.05 1.30 -13.57
CA TYR B 303 -36.39 0.93 -14.92
C TYR B 303 -37.85 0.55 -14.87
N GLY B 304 -38.68 1.21 -15.69
CA GLY B 304 -40.11 0.93 -15.73
C GLY B 304 -40.72 1.16 -14.35
N ALA B 305 -41.41 0.16 -13.83
CA ALA B 305 -42.03 0.30 -12.51
C ALA B 305 -41.09 -0.13 -11.37
N HIS B 306 -39.89 -0.55 -11.70
CA HIS B 306 -39.02 -1.10 -10.66
C HIS B 306 -37.93 -0.13 -10.23
N THR B 307 -37.57 -0.20 -8.95
CA THR B 307 -36.58 0.67 -8.37
C THR B 307 -35.70 -0.15 -7.44
N LEU B 308 -34.39 0.00 -7.59
CA LEU B 308 -33.44 -0.52 -6.62
C LEU B 308 -32.97 0.70 -5.82
N SER B 309 -33.14 0.66 -4.49
CA SER B 309 -32.83 1.82 -3.64
C SER B 309 -31.84 1.47 -2.55
N THR B 310 -30.93 2.39 -2.24
CA THR B 310 -30.02 2.18 -1.12
C THR B 310 -30.30 3.13 0.06
N SER B 311 -31.55 3.55 0.19
CA SER B 311 -31.91 4.45 1.29
C SER B 311 -31.88 3.74 2.64
N PRO B 312 -31.73 4.49 3.72
CA PRO B 312 -31.64 3.87 5.05
C PRO B 312 -32.94 3.14 5.40
N ARG B 313 -34.00 3.42 4.65
CA ARG B 313 -35.29 2.76 4.88
C ARG B 313 -35.47 1.54 4.00
N SER B 314 -34.48 1.24 3.17
CA SER B 314 -34.57 0.06 2.31
C SER B 314 -33.66 -1.00 2.90
N PRO B 315 -33.89 -2.27 2.53
CA PRO B 315 -32.94 -3.33 2.91
C PRO B 315 -31.53 -2.87 2.58
N SER B 316 -30.57 -3.08 3.47
CA SER B 316 -29.22 -2.62 3.21
C SER B 316 -28.59 -3.39 2.05
N THR B 317 -27.49 -2.85 1.53
CA THR B 317 -26.81 -3.48 0.40
C THR B 317 -25.35 -3.29 0.68
N HIS B 318 -24.51 -3.91 -0.10
CA HIS B 318 -23.13 -3.64 -0.04
C HIS B 318 -22.77 -2.17 -0.03
N TRP B 319 -23.59 -1.34 -0.66
CA TRP B 319 -23.31 0.07 -0.86
C TRP B 319 -23.56 0.85 0.39
N LYS B 320 -24.37 0.33 1.28
CA LYS B 320 -24.78 1.00 2.50
C LYS B 320 -25.27 2.42 2.26
N GLN B 321 -24.80 3.37 3.04
CA GLN B 321 -25.00 4.78 2.81
C GLN B 321 -23.71 5.45 3.06
N THR B 322 -23.54 6.64 2.55
CA THR B 322 -22.30 7.39 2.73
C THR B 322 -22.59 8.65 3.52
N THR B 323 -21.91 8.81 4.65
CA THR B 323 -22.17 9.97 5.49
C THR B 323 -20.99 10.94 5.54
N ILE B 324 -21.31 12.22 5.44
CA ILE B 324 -20.34 13.29 5.55
C ILE B 324 -20.68 14.08 6.80
N LEU B 325 -19.77 14.11 7.77
CA LEU B 325 -20.01 14.80 9.02
C LEU B 325 -19.56 16.24 8.91
N LEU B 326 -20.20 17.11 9.68
CA LEU B 326 -19.69 18.45 9.92
C LEU B 326 -18.49 18.28 10.88
N PRO B 327 -17.63 19.31 10.99
CA PRO B 327 -16.47 19.22 11.90
C PRO B 327 -16.88 18.97 13.34
N ARG B 328 -16.04 18.27 14.11
CA ARG B 328 -16.34 17.93 15.50
C ARG B 328 -16.81 19.13 16.33
N GLU B 329 -16.20 20.29 16.13
CA GLU B 329 -16.57 21.48 16.88
C GLU B 329 -18.01 21.89 16.56
N ALA B 330 -18.30 21.96 15.26
CA ALA B 330 -19.67 22.20 14.80
C ALA B 330 -20.64 21.22 15.45
N ARG B 331 -20.21 19.95 15.55
CA ARG B 331 -21.02 18.89 16.12
C ARG B 331 -21.15 19.01 17.63
N ASN B 332 -20.01 18.97 18.31
CA ASN B 332 -19.96 18.99 19.78
C ASN B 332 -20.62 20.22 20.38
N GLU B 333 -20.41 21.39 19.75
CA GLU B 333 -21.00 22.65 20.20
C GLU B 333 -22.41 22.91 19.60
N GLU B 334 -22.89 21.95 18.80
CA GLU B 334 -24.24 22.02 18.22
C GLU B 334 -24.46 23.32 17.46
N LEU B 335 -23.47 23.68 16.64
CA LEU B 335 -23.48 24.94 15.91
C LEU B 335 -24.57 25.04 14.83
N VAL B 336 -25.07 23.91 14.35
CA VAL B 336 -26.12 23.93 13.35
C VAL B 336 -27.35 23.27 13.89
N SER B 337 -28.26 24.09 14.41
CA SER B 337 -29.40 23.58 15.15
C SER B 337 -30.65 24.42 14.93
N PHE B 338 -31.79 23.89 15.35
CA PHE B 338 -33.07 24.48 15.05
C PHE B 338 -33.98 24.41 16.25
N PRO B 339 -34.95 25.34 16.36
CA PRO B 339 -35.95 25.24 17.43
C PRO B 339 -36.94 24.13 17.06
N VAL B 340 -37.77 23.71 18.01
CA VAL B 340 -38.61 22.54 17.78
C VAL B 340 -39.68 22.70 16.70
N GLU B 341 -39.90 23.92 16.22
CA GLU B 341 -40.82 24.11 15.09
C GLU B 341 -40.09 24.09 13.73
N GLY B 342 -38.78 23.86 13.76
CA GLY B 342 -38.02 23.66 12.55
C GLY B 342 -37.44 24.94 11.97
N GLY B 343 -37.08 24.86 10.69
CA GLY B 343 -36.49 25.98 9.98
C GLY B 343 -36.07 25.46 8.62
N GLU B 344 -35.12 26.15 7.99
CA GLU B 344 -34.64 25.77 6.67
C GLU B 344 -33.13 25.53 6.74
N LEU B 345 -32.66 24.59 5.92
CA LEU B 345 -31.23 24.25 5.84
C LEU B 345 -30.81 24.06 4.38
N GLY B 346 -29.82 24.83 3.93
CA GLY B 346 -29.31 24.67 2.59
C GLY B 346 -27.91 24.08 2.57
N VAL B 347 -27.66 23.19 1.62
CA VAL B 347 -26.34 22.60 1.45
C VAL B 347 -26.00 22.49 -0.03
N GLU B 348 -24.81 22.93 -0.39
CA GLU B 348 -24.27 22.67 -1.71
C GLU B 348 -23.29 21.53 -1.57
N MET B 349 -23.51 20.47 -2.36
CA MET B 349 -22.68 19.28 -2.33
C MET B 349 -21.96 19.12 -3.64
N HIS B 350 -20.69 18.69 -3.57
CA HIS B 350 -19.92 18.39 -4.77
C HIS B 350 -19.43 16.96 -4.70
N ILE B 351 -19.71 16.21 -5.76
CA ILE B 351 -19.14 14.88 -5.89
C ILE B 351 -18.14 15.00 -7.02
N SER B 352 -16.85 14.95 -6.67
CA SER B 352 -15.81 15.27 -7.65
C SER B 352 -14.81 14.13 -7.89
N ALA B 353 -14.56 13.87 -9.17
CA ALA B 353 -13.58 12.90 -9.60
C ALA B 353 -12.17 13.29 -9.12
N SER B 354 -11.48 12.35 -8.48
CA SER B 354 -10.14 12.60 -7.97
C SER B 354 -9.05 12.39 -9.04
N ASP B 355 -9.40 11.73 -10.15
CA ASP B 355 -8.47 11.59 -11.28
C ASP B 355 -9.21 11.40 -12.63
N LYS B 356 -8.47 11.13 -13.70
CA LYS B 356 -9.05 11.12 -15.05
C LYS B 356 -9.83 9.84 -15.42
N THR B 357 -9.72 8.80 -14.60
CA THR B 357 -10.45 7.57 -14.83
C THR B 357 -11.96 7.75 -14.64
N LEU B 358 -12.35 8.74 -13.84
CA LEU B 358 -13.76 8.94 -13.48
C LEU B 358 -14.34 7.70 -12.80
N ARG B 359 -13.50 6.99 -12.06
CA ARG B 359 -13.93 5.88 -11.24
C ARG B 359 -13.83 6.21 -9.75
N PHE B 360 -13.04 7.22 -9.38
CA PHE B 360 -12.84 7.54 -7.98
C PHE B 360 -13.24 8.97 -7.62
N TYR B 361 -14.05 9.10 -6.57
CA TYR B 361 -14.63 10.39 -6.24
C TYR B 361 -14.41 10.77 -4.80
N THR B 362 -14.49 12.07 -4.53
CA THR B 362 -14.63 12.56 -3.17
C THR B 362 -15.95 13.32 -3.10
N ILE B 363 -16.39 13.57 -1.88
CA ILE B 363 -17.59 14.36 -1.61
C ILE B 363 -17.26 15.46 -0.63
N GLU B 364 -17.60 16.69 -1.00
CA GLU B 364 -17.50 17.80 -0.08
C GLU B 364 -18.82 18.57 -0.08
N LEU B 365 -19.08 19.29 1.00
CA LEU B 365 -20.32 20.05 1.15
C LEU B 365 -20.03 21.39 1.80
N GLU B 366 -20.93 22.34 1.58
CA GLU B 366 -20.82 23.64 2.21
C GLU B 366 -22.24 24.09 2.59
N LEU B 367 -22.42 24.48 3.84
CA LEU B 367 -23.69 25.00 4.34
C LEU B 367 -24.01 26.34 3.67
N GLU C 22 -2.74 17.93 -11.45
CA GLU C 22 -2.84 16.56 -11.91
C GLU C 22 -1.87 16.33 -13.04
N SER C 23 -1.90 17.23 -14.02
CA SER C 23 -0.96 17.34 -15.11
C SER C 23 0.49 17.40 -14.65
N TYR C 24 0.73 17.36 -13.36
CA TYR C 24 2.09 17.30 -12.87
C TYR C 24 2.80 16.04 -13.30
N SER C 25 2.19 14.89 -13.11
CA SER C 25 2.84 13.65 -13.42
C SER C 25 3.32 13.68 -14.87
N ASP C 26 2.48 14.17 -15.74
CA ASP C 26 2.83 14.30 -17.13
C ASP C 26 4.06 15.15 -17.29
N LEU C 27 4.06 16.31 -16.67
CA LEU C 27 5.12 17.25 -16.92
C LEU C 27 6.48 16.74 -16.58
N ALA C 28 6.60 15.99 -15.52
CA ALA C 28 7.90 15.58 -15.04
C ALA C 28 8.52 14.56 -15.96
N VAL C 29 7.70 13.68 -16.50
CA VAL C 29 8.17 12.74 -17.48
C VAL C 29 8.65 13.48 -18.73
N HIS C 30 7.93 14.52 -19.15
CA HIS C 30 8.27 15.25 -20.36
C HIS C 30 9.56 16.02 -20.24
N ARG C 31 9.80 16.54 -19.07
CA ARG C 31 11.04 17.24 -18.80
C ARG C 31 12.23 16.34 -19.15
N LEU C 32 12.12 15.06 -18.81
CA LEU C 32 13.16 14.08 -19.13
C LEU C 32 13.37 13.89 -20.63
N MET C 33 12.28 13.89 -21.40
CA MET C 33 12.41 13.87 -22.85
C MET C 33 13.16 15.12 -23.31
N LEU C 34 12.76 16.26 -22.77
CA LEU C 34 13.39 17.52 -23.14
C LEU C 34 14.83 17.61 -22.62
N GLU C 35 15.18 16.78 -21.65
CA GLU C 35 16.54 16.73 -21.10
C GLU C 35 17.45 15.77 -21.83
N ASP C 36 16.87 14.93 -22.68
CA ASP C 36 17.66 13.96 -23.44
C ASP C 36 18.14 14.63 -24.74
N ALA C 37 19.45 14.76 -24.88
CA ALA C 37 20.02 15.42 -26.04
C ALA C 37 19.81 14.57 -27.28
N GLN C 38 19.87 13.25 -27.13
CA GLN C 38 19.75 12.37 -28.28
C GLN C 38 18.33 12.41 -28.84
N ARG C 39 17.35 12.37 -27.95
CA ARG C 39 15.95 12.42 -28.36
C ARG C 39 15.59 13.72 -29.05
N MET C 40 15.86 14.83 -28.36
CA MET C 40 15.61 16.15 -28.92
C MET C 40 16.28 16.25 -30.28
N SER C 41 17.57 15.96 -30.32
CA SER C 41 18.32 16.03 -31.57
C SER C 41 17.68 15.20 -32.69
N PHE C 42 17.29 13.96 -32.39
CA PHE C 42 16.74 13.09 -33.44
C PHE C 42 15.56 13.76 -34.14
N TYR C 43 14.62 14.23 -33.34
CA TYR C 43 13.41 14.85 -33.88
C TYR C 43 13.64 16.23 -34.49
N ARG C 44 14.42 17.07 -33.81
CA ARG C 44 14.70 18.41 -34.34
C ARG C 44 15.27 18.31 -35.74
N LYS C 45 16.31 17.50 -35.88
CA LYS C 45 16.97 17.33 -37.17
C LYS C 45 16.04 16.71 -38.22
N SER C 46 15.28 15.69 -37.82
CA SER C 46 14.37 15.03 -38.74
C SER C 46 13.31 15.99 -39.28
N ILE C 47 12.74 16.80 -38.40
CA ILE C 47 11.73 17.78 -38.81
C ILE C 47 12.34 18.84 -39.72
N GLU C 48 13.56 19.25 -39.38
CA GLU C 48 14.39 20.14 -40.19
C GLU C 48 14.57 19.60 -41.61
N GLN C 49 14.87 18.31 -41.70
CA GLN C 49 15.21 17.66 -42.97
C GLN C 49 14.02 17.37 -43.90
N SER C 50 12.84 17.16 -43.34
CA SER C 50 11.68 16.72 -44.13
C SER C 50 11.29 17.63 -45.30
N ALA C 51 11.05 17.01 -46.46
CA ALA C 51 10.61 17.77 -47.63
C ALA C 51 9.11 18.02 -47.59
N SER C 52 8.43 17.40 -46.64
CA SER C 52 6.98 17.31 -46.72
C SER C 52 6.23 18.21 -45.74
N ILE C 53 6.96 18.93 -44.91
CA ILE C 53 6.34 19.76 -43.87
C ILE C 53 6.03 21.16 -44.38
N GLU C 54 6.94 21.68 -45.22
CA GLU C 54 6.83 23.01 -45.80
C GLU C 54 5.48 23.25 -46.49
N GLY C 55 4.64 24.09 -45.89
CA GLY C 55 3.37 24.46 -46.49
C GLY C 55 2.33 23.35 -46.50
N LYS C 56 2.55 22.33 -45.67
CA LYS C 56 1.63 21.21 -45.62
C LYS C 56 1.09 21.03 -44.20
N VAL C 57 0.24 20.02 -44.00
CA VAL C 57 -0.39 19.80 -42.71
C VAL C 57 0.27 18.65 -41.97
N VAL C 58 0.55 18.86 -40.67
CA VAL C 58 1.24 17.87 -39.84
C VAL C 58 0.37 17.42 -38.67
N VAL C 59 0.41 16.12 -38.37
CA VAL C 59 -0.26 15.58 -37.20
C VAL C 59 0.78 15.10 -36.20
N ASP C 60 0.69 15.59 -34.96
CA ASP C 60 1.55 15.12 -33.88
C ASP C 60 0.75 14.29 -32.90
N VAL C 61 1.05 12.99 -32.84
CA VAL C 61 0.29 12.09 -31.99
C VAL C 61 0.92 11.92 -30.60
N GLY C 62 0.20 12.33 -29.56
CA GLY C 62 0.71 12.21 -28.20
C GLY C 62 1.71 13.31 -27.97
N SER C 63 1.28 14.55 -28.17
CA SER C 63 2.22 15.64 -28.30
C SER C 63 2.82 16.13 -26.98
N GLY C 64 2.18 15.81 -25.85
CA GLY C 64 2.66 16.23 -24.55
C GLY C 64 2.88 17.74 -24.46
N THR C 65 4.13 18.16 -24.40
CA THR C 65 4.49 19.57 -24.30
C THR C 65 4.22 20.32 -25.60
N GLY C 66 4.11 19.57 -26.69
CA GLY C 66 3.82 20.16 -28.00
C GLY C 66 5.07 20.56 -28.74
N ILE C 67 6.22 20.11 -28.24
CA ILE C 67 7.50 20.48 -28.82
C ILE C 67 7.62 20.09 -30.29
N LEU C 68 7.26 18.84 -30.61
CA LEU C 68 7.26 18.37 -31.99
C LEU C 68 6.39 19.25 -32.88
N SER C 69 5.25 19.66 -32.37
CA SER C 69 4.29 20.45 -33.15
C SER C 69 4.87 21.81 -33.45
N MET C 70 5.48 22.41 -32.43
CA MET C 70 6.03 23.76 -32.56
C MET C 70 7.22 23.80 -33.52
N TRP C 71 8.04 22.77 -33.50
CA TRP C 71 9.14 22.63 -34.46
C TRP C 71 8.59 22.54 -35.88
N ALA C 72 7.48 21.83 -36.03
CA ALA C 72 6.89 21.64 -37.34
C ALA C 72 6.38 22.98 -37.87
N ALA C 73 5.75 23.75 -36.98
CA ALA C 73 5.26 25.06 -37.35
C ALA C 73 6.42 25.92 -37.82
N ARG C 74 7.50 25.89 -37.05
CA ARG C 74 8.71 26.67 -37.34
C ARG C 74 9.38 26.20 -38.61
N ALA C 75 9.17 24.94 -38.97
CA ALA C 75 9.71 24.41 -40.21
C ALA C 75 8.81 24.76 -41.40
N GLY C 76 7.82 25.61 -41.16
CA GLY C 76 6.95 26.09 -42.22
C GLY C 76 5.74 25.24 -42.57
N ALA C 77 5.15 24.61 -41.56
CA ALA C 77 3.95 23.82 -41.77
C ALA C 77 2.77 24.73 -42.05
N LYS C 78 1.89 24.32 -42.96
CA LYS C 78 0.65 25.03 -43.21
C LYS C 78 -0.15 25.10 -41.92
N HIS C 79 -0.24 23.94 -41.26
CA HIS C 79 -0.97 23.82 -40.01
C HIS C 79 -0.60 22.50 -39.33
N VAL C 80 -0.68 22.48 -38.00
CA VAL C 80 -0.35 21.27 -37.25
C VAL C 80 -1.51 20.92 -36.34
N PHE C 81 -1.98 19.67 -36.40
CA PHE C 81 -2.89 19.17 -35.38
C PHE C 81 -2.12 18.43 -34.30
N SER C 82 -2.19 18.97 -33.08
CA SER C 82 -1.45 18.44 -31.96
C SER C 82 -2.44 17.65 -31.10
N ILE C 83 -2.18 16.35 -30.98
CA ILE C 83 -3.10 15.46 -30.26
C ILE C 83 -2.51 15.04 -28.92
N GLU C 84 -3.17 15.42 -27.84
CA GLU C 84 -2.75 15.08 -26.48
C GLU C 84 -3.97 14.88 -25.58
N ALA C 85 -4.13 13.69 -25.04
CA ALA C 85 -5.33 13.35 -24.29
C ALA C 85 -5.26 13.75 -22.80
N SER C 86 -4.06 14.00 -22.28
CA SER C 86 -3.95 14.38 -20.88
C SER C 86 -4.27 15.87 -20.65
N SER C 87 -4.35 16.24 -19.39
CA SER C 87 -4.70 17.61 -18.99
C SER C 87 -3.64 18.61 -19.40
N LEU C 88 -2.46 18.09 -19.74
CA LEU C 88 -1.39 18.91 -20.28
C LEU C 88 -1.88 19.68 -21.50
N SER C 89 -2.84 19.09 -22.23
CA SER C 89 -3.34 19.70 -23.47
C SER C 89 -3.81 21.13 -23.23
N GLU C 90 -4.52 21.36 -22.12
CA GLU C 90 -5.02 22.69 -21.82
C GLU C 90 -3.88 23.72 -21.68
N PHE C 91 -2.78 23.29 -21.07
CA PHE C 91 -1.66 24.20 -20.87
C PHE C 91 -0.87 24.39 -22.15
N GLN C 92 -0.85 23.36 -22.99
CA GLN C 92 -0.15 23.43 -24.26
C GLN C 92 -0.81 24.49 -25.15
N ILE C 93 -2.14 24.57 -25.09
CA ILE C 93 -2.86 25.65 -25.76
C ILE C 93 -2.25 26.99 -25.34
N GLY C 94 -1.96 27.12 -24.05
CA GLY C 94 -1.38 28.34 -23.52
C GLY C 94 0.02 28.61 -24.01
N VAL C 95 0.84 27.57 -24.03
CA VAL C 95 2.24 27.74 -24.40
C VAL C 95 2.36 28.04 -25.89
N VAL C 96 1.43 27.48 -26.66
CA VAL C 96 1.34 27.78 -28.09
C VAL C 96 1.02 29.26 -28.28
N GLU C 97 0.04 29.76 -27.54
CA GLU C 97 -0.28 31.19 -27.59
C GLU C 97 0.94 32.03 -27.21
N ASP C 98 1.59 31.68 -26.11
CA ASP C 98 2.80 32.37 -25.65
C ASP C 98 3.94 32.42 -26.70
N ASN C 99 3.95 31.47 -27.64
CA ASN C 99 4.93 31.46 -28.72
C ASN C 99 4.36 31.94 -30.07
N ASP C 100 3.21 32.61 -30.01
CA ASP C 100 2.55 33.24 -31.17
C ASP C 100 2.26 32.26 -32.32
N LEU C 101 1.76 31.07 -31.98
CA LEU C 101 1.54 30.03 -32.98
C LEU C 101 0.10 29.52 -32.99
N SER C 102 -0.79 30.29 -32.38
CA SER C 102 -2.19 29.90 -32.32
C SER C 102 -2.86 29.70 -33.68
N THR C 103 -2.53 30.52 -34.67
CA THR C 103 -3.06 30.35 -36.02
C THR C 103 -2.49 29.12 -36.69
N LYS C 104 -1.39 28.61 -36.14
CA LYS C 104 -0.68 27.50 -36.78
C LYS C 104 -0.94 26.12 -36.16
N ILE C 105 -1.32 26.08 -34.89
CA ILE C 105 -1.44 24.82 -34.18
C ILE C 105 -2.78 24.71 -33.48
N THR C 106 -3.45 23.58 -33.64
CA THR C 106 -4.71 23.33 -32.99
C THR C 106 -4.47 22.18 -32.02
N VAL C 107 -4.85 22.35 -30.76
CA VAL C 107 -4.67 21.26 -29.81
C VAL C 107 -5.96 20.46 -29.73
N LEU C 108 -5.88 19.18 -30.05
CA LEU C 108 -7.03 18.30 -29.90
C LEU C 108 -6.82 17.53 -28.61
N GLY C 109 -7.53 17.94 -27.56
CA GLY C 109 -7.38 17.35 -26.25
C GLY C 109 -8.22 16.11 -26.13
N ASP C 110 -7.82 15.06 -26.82
CA ASP C 110 -8.60 13.83 -26.84
C ASP C 110 -7.65 12.71 -27.21
N THR C 111 -8.10 11.47 -27.09
CA THR C 111 -7.32 10.33 -27.55
C THR C 111 -7.48 10.20 -29.06
N VAL C 112 -6.49 9.58 -29.70
CA VAL C 112 -6.60 9.22 -31.10
C VAL C 112 -7.88 8.41 -31.34
N GLU C 113 -8.18 7.50 -30.42
CA GLU C 113 -9.32 6.62 -30.55
C GLU C 113 -10.68 7.33 -30.53
N ASN C 114 -10.85 8.31 -29.65
CA ASN C 114 -12.10 9.09 -29.69
C ASN C 114 -12.21 9.97 -30.95
N ILE C 115 -11.07 10.49 -31.41
CA ILE C 115 -11.08 11.30 -32.63
C ILE C 115 -11.55 10.47 -33.82
N ILE C 116 -11.00 9.26 -33.93
CA ILE C 116 -11.43 8.31 -34.94
C ILE C 116 -12.90 7.95 -34.73
N ALA C 117 -13.29 7.74 -33.48
CA ALA C 117 -14.70 7.43 -33.19
C ALA C 117 -15.62 8.51 -33.75
N GLY C 118 -15.17 9.75 -33.75
CA GLY C 118 -15.98 10.83 -34.31
C GLY C 118 -16.21 10.75 -35.81
N GLY C 119 -15.32 10.05 -36.52
CA GLY C 119 -15.49 9.80 -37.93
C GLY C 119 -14.81 10.77 -38.87
N VAL C 120 -14.58 10.32 -40.10
CA VAL C 120 -13.91 11.11 -41.14
C VAL C 120 -14.66 12.39 -41.52
N ALA C 121 -15.97 12.26 -41.68
CA ALA C 121 -16.79 13.39 -42.08
C ALA C 121 -16.81 14.49 -41.01
N ASN C 122 -17.02 14.09 -39.76
CA ASN C 122 -16.96 15.06 -38.68
C ASN C 122 -15.62 15.77 -38.62
N PHE C 123 -14.54 15.02 -38.80
CA PHE C 123 -13.22 15.65 -38.80
C PHE C 123 -13.07 16.62 -39.97
N VAL C 124 -13.38 16.16 -41.18
CA VAL C 124 -13.28 17.02 -42.36
C VAL C 124 -14.13 18.27 -42.18
N ASN C 125 -15.32 18.12 -41.62
CA ASN C 125 -16.21 19.27 -41.44
C ASN C 125 -15.70 20.29 -40.42
N ARG C 126 -15.18 19.81 -39.30
CA ARG C 126 -14.66 20.69 -38.25
C ARG C 126 -13.46 21.47 -38.73
N HIS C 127 -12.53 20.80 -39.39
CA HIS C 127 -11.24 21.40 -39.72
C HIS C 127 -11.08 21.67 -41.21
N LYS C 128 -12.22 21.86 -41.87
CA LYS C 128 -12.26 22.14 -43.30
C LYS C 128 -11.26 23.21 -43.74
N ALA C 129 -11.33 24.37 -43.11
CA ALA C 129 -10.48 25.50 -43.51
C ALA C 129 -9.00 25.18 -43.39
N LYS C 130 -8.62 24.49 -42.31
CA LYS C 130 -7.22 24.22 -42.04
C LYS C 130 -6.67 23.09 -42.91
N LEU C 131 -7.53 22.12 -43.23
CA LEU C 131 -7.10 21.01 -44.08
C LEU C 131 -6.90 21.47 -45.53
N GLY C 132 -7.69 22.47 -45.94
CA GLY C 132 -7.64 22.96 -47.30
C GLY C 132 -7.75 21.84 -48.33
N LYS C 133 -6.85 21.88 -49.32
CA LYS C 133 -6.79 20.85 -50.34
C LYS C 133 -5.53 20.04 -50.12
N CYS C 134 -4.84 20.35 -49.02
CA CYS C 134 -3.58 19.69 -48.64
C CYS C 134 -3.78 18.31 -48.01
N GLY C 135 -4.76 18.19 -47.14
CA GLY C 135 -4.81 17.01 -46.29
C GLY C 135 -3.53 16.82 -45.47
N VAL C 136 -3.41 15.68 -44.81
CA VAL C 136 -2.29 15.42 -43.91
C VAL C 136 -1.11 14.74 -44.60
N ALA C 137 0.03 15.42 -44.64
CA ALA C 137 1.24 14.88 -45.27
C ALA C 137 2.24 14.20 -44.31
N VAL C 138 2.31 14.69 -43.07
CA VAL C 138 3.29 14.17 -42.11
C VAL C 138 2.66 13.80 -40.76
N LEU C 139 3.11 12.68 -40.20
CA LEU C 139 2.65 12.23 -38.90
C LEU C 139 3.86 12.13 -37.96
N LEU C 140 3.94 13.05 -37.00
CA LEU C 140 5.02 13.01 -36.00
C LEU C 140 4.58 12.33 -34.72
N SER C 141 5.50 11.58 -34.12
CA SER C 141 5.21 10.88 -32.87
C SER C 141 6.45 10.29 -32.19
N GLU C 142 6.42 10.25 -30.86
CA GLU C 142 7.40 9.48 -30.10
C GLU C 142 6.62 8.40 -29.35
N TRP C 143 6.44 7.25 -29.98
CA TRP C 143 5.52 6.25 -29.45
C TRP C 143 6.21 5.11 -28.76
N MET C 144 7.53 5.02 -28.89
CA MET C 144 8.21 3.82 -28.47
C MET C 144 8.25 3.61 -26.94
N GLY C 145 8.10 2.36 -26.55
CA GLY C 145 8.20 1.94 -25.17
C GLY C 145 9.48 1.15 -24.96
N PHE C 146 9.58 0.49 -23.82
CA PHE C 146 10.70 -0.38 -23.54
C PHE C 146 10.72 -1.47 -24.58
N TYR C 147 11.89 -1.85 -25.02
CA TYR C 147 12.08 -2.67 -26.19
C TYR C 147 11.05 -2.41 -27.26
N LEU C 148 10.88 -1.14 -27.62
CA LEU C 148 9.94 -0.67 -28.62
C LEU C 148 8.46 -0.92 -28.46
N PHE C 149 8.03 -1.84 -27.75
CA PHE C 149 6.68 -2.28 -27.72
C PHE C 149 6.06 -2.12 -26.34
N HIS C 150 6.81 -2.31 -25.26
CA HIS C 150 6.23 -2.38 -23.93
C HIS C 150 5.97 -1.01 -23.31
N GLU C 151 4.70 -0.78 -22.94
CA GLU C 151 4.20 0.53 -22.54
C GLU C 151 4.32 1.57 -23.64
N GLY C 152 4.45 1.13 -24.88
CA GLY C 152 4.47 2.08 -25.99
C GLY C 152 3.07 2.46 -26.45
N MET C 153 2.97 3.22 -27.55
CA MET C 153 1.65 3.54 -28.11
C MET C 153 1.61 3.38 -29.63
N LEU C 154 2.39 2.43 -30.14
CA LEU C 154 2.36 2.07 -31.57
C LEU C 154 0.95 1.77 -32.13
N PRO C 155 0.11 1.01 -31.38
CA PRO C 155 -1.25 0.82 -31.94
C PRO C 155 -1.95 2.15 -32.22
N SER C 156 -1.81 3.13 -31.33
CA SER C 156 -2.48 4.40 -31.53
C SER C 156 -1.95 5.13 -32.74
N VAL C 157 -0.64 5.04 -32.95
CA VAL C 157 -0.03 5.68 -34.10
C VAL C 157 -0.50 5.02 -35.40
N ILE C 158 -0.57 3.70 -35.38
CA ILE C 158 -1.07 2.95 -36.53
C ILE C 158 -2.49 3.41 -36.85
N ARG C 159 -3.39 3.34 -35.88
CA ARG C 159 -4.77 3.80 -36.09
C ARG C 159 -4.79 5.21 -36.62
N ALA C 160 -4.01 6.10 -36.02
CA ALA C 160 -4.08 7.49 -36.41
C ALA C 160 -3.64 7.67 -37.87
N ARG C 161 -2.64 6.91 -38.28
CA ARG C 161 -2.11 6.93 -39.65
C ARG C 161 -3.21 6.52 -40.64
N ASN C 162 -3.81 5.37 -40.38
CA ASN C 162 -4.90 4.88 -41.22
C ASN C 162 -6.06 5.87 -41.26
N PHE C 163 -6.46 6.38 -40.10
CA PHE C 163 -7.55 7.35 -40.06
C PHE C 163 -7.26 8.55 -40.93
N PHE C 164 -6.07 9.13 -40.79
CA PHE C 164 -5.79 10.36 -41.51
C PHE C 164 -5.57 10.12 -42.99
N GLN C 165 -5.23 8.90 -43.33
CA GLN C 165 -5.17 8.56 -44.72
C GLN C 165 -6.60 8.40 -45.25
N ASP C 166 -7.53 7.99 -44.39
CA ASP C 166 -8.95 8.01 -44.79
C ASP C 166 -9.49 9.44 -44.91
N VAL C 167 -9.07 10.32 -44.00
CA VAL C 167 -9.43 11.73 -44.13
C VAL C 167 -8.93 12.27 -45.49
N ASN C 168 -7.66 11.98 -45.80
CA ASN C 168 -7.05 12.42 -47.05
C ASN C 168 -7.82 11.97 -48.31
N ALA C 169 -8.14 10.68 -48.38
CA ALA C 169 -8.93 10.11 -49.46
C ALA C 169 -10.18 10.94 -49.69
N ALA C 170 -10.96 11.16 -48.63
CA ALA C 170 -12.14 12.01 -48.72
C ALA C 170 -11.83 13.40 -49.30
N LEU C 171 -10.63 13.88 -49.01
CA LEU C 171 -10.17 15.18 -49.50
C LEU C 171 -9.60 15.11 -50.92
N GLY C 172 -9.41 13.90 -51.43
CA GLY C 172 -8.87 13.70 -52.77
C GLY C 172 -7.36 13.56 -52.79
N VAL C 173 -6.79 13.29 -51.62
CA VAL C 173 -5.34 13.13 -51.50
C VAL C 173 -4.99 11.66 -51.36
N LEU C 174 -4.06 11.19 -52.18
CA LEU C 174 -3.71 9.78 -52.22
C LEU C 174 -2.29 9.50 -51.75
N GLN C 175 -1.52 10.56 -51.53
CA GLN C 175 -0.14 10.39 -51.13
C GLN C 175 -0.05 9.82 -49.72
N PRO C 176 0.70 8.72 -49.54
CA PRO C 176 0.82 8.13 -48.20
C PRO C 176 1.48 9.12 -47.25
N ILE C 177 1.03 9.11 -46.00
CA ILE C 177 1.58 10.04 -45.04
C ILE C 177 3.06 9.72 -44.76
N GLU C 178 3.88 10.75 -44.58
CA GLU C 178 5.24 10.51 -44.12
C GLU C 178 5.29 10.33 -42.59
N MET C 179 5.82 9.20 -42.16
CA MET C 179 5.92 8.87 -40.74
C MET C 179 7.30 9.26 -40.24
N ILE C 180 7.36 10.00 -39.12
CA ILE C 180 8.65 10.22 -38.45
C ILE C 180 8.52 9.78 -37.00
N PRO C 181 9.31 8.78 -36.58
CA PRO C 181 10.33 8.06 -37.39
C PRO C 181 9.69 7.23 -38.48
N GLU C 182 10.47 6.91 -39.52
CA GLU C 182 9.94 6.13 -40.64
C GLU C 182 10.26 4.66 -40.48
N ARG C 183 11.16 4.33 -39.55
CA ARG C 183 11.55 2.94 -39.39
C ARG C 183 12.05 2.68 -37.97
N ALA C 184 11.89 1.44 -37.51
CA ALA C 184 12.32 1.04 -36.17
C ALA C 184 12.82 -0.40 -36.23
N THR C 185 13.72 -0.74 -35.30
CA THR C 185 14.35 -2.06 -35.27
C THR C 185 14.58 -2.51 -33.84
N VAL C 186 14.17 -3.72 -33.50
CA VAL C 186 14.54 -4.32 -32.22
C VAL C 186 15.87 -5.12 -32.35
N PHE C 187 16.88 -4.77 -31.54
CA PHE C 187 18.16 -5.49 -31.56
C PHE C 187 18.32 -6.40 -30.35
N VAL C 188 19.08 -7.48 -30.51
CA VAL C 188 19.28 -8.42 -29.41
C VAL C 188 20.73 -8.92 -29.39
N ALA C 189 21.26 -9.22 -28.20
CA ALA C 189 22.66 -9.64 -28.08
C ALA C 189 22.88 -10.43 -26.81
N PRO C 190 23.74 -11.47 -26.89
CA PRO C 190 24.01 -12.23 -25.67
C PRO C 190 24.93 -11.41 -24.78
N ILE C 191 24.84 -11.61 -23.48
CA ILE C 191 25.66 -10.82 -22.57
C ILE C 191 26.31 -11.67 -21.49
N THR C 192 27.43 -11.16 -20.99
CA THR C 192 27.99 -11.65 -19.74
C THR C 192 27.73 -10.60 -18.66
N CYS C 193 27.33 -11.05 -17.49
CA CYS C 193 27.03 -10.15 -16.40
C CYS C 193 28.24 -9.78 -15.56
N LYS C 194 29.38 -10.42 -15.83
CA LYS C 194 30.61 -10.13 -15.08
C LYS C 194 30.99 -8.64 -15.04
N PRO C 195 31.09 -7.98 -16.20
CA PRO C 195 31.49 -6.57 -16.17
C PRO C 195 30.46 -5.70 -15.44
N TYR C 196 29.19 -6.12 -15.48
CA TYR C 196 28.13 -5.43 -14.76
C TYR C 196 28.34 -5.61 -13.25
N TYR C 197 28.61 -6.84 -12.84
CA TYR C 197 28.95 -7.13 -11.43
C TYR C 197 30.14 -6.31 -10.94
N VAL C 198 31.16 -6.18 -11.78
CA VAL C 198 32.39 -5.49 -11.38
C VAL C 198 32.18 -3.97 -11.27
N GLN C 199 31.66 -3.36 -12.34
CA GLN C 199 31.52 -1.90 -12.38
C GLN C 199 30.48 -1.37 -11.39
N ARG C 200 29.41 -2.13 -11.17
CA ARG C 200 28.30 -1.65 -10.36
C ARG C 200 28.32 -2.10 -8.89
N TYR C 201 29.01 -3.20 -8.60
CA TYR C 201 28.99 -3.76 -7.26
C TYR C 201 30.36 -4.01 -6.67
N LYS C 202 31.22 -4.71 -7.41
CA LYS C 202 32.46 -5.22 -6.82
C LYS C 202 33.52 -4.16 -6.58
N ASN C 203 33.65 -3.18 -7.47
CA ASN C 203 34.62 -2.12 -7.25
C ASN C 203 34.31 -1.40 -5.93
N PHE C 204 33.03 -1.10 -5.73
CA PHE C 204 32.58 -0.37 -4.55
C PHE C 204 32.71 -1.12 -3.23
N TRP C 205 32.27 -2.37 -3.21
CA TRP C 205 32.19 -3.12 -1.96
C TRP C 205 33.54 -3.72 -1.60
N ARG C 206 34.45 -3.78 -2.57
CA ARG C 206 35.77 -4.40 -2.34
C ARG C 206 36.54 -3.76 -1.18
N ASP C 207 36.64 -2.43 -1.21
CA ASP C 207 37.42 -1.70 -0.21
C ASP C 207 36.59 -0.58 0.42
N VAL C 208 36.32 -0.71 1.71
CA VAL C 208 35.58 0.31 2.44
C VAL C 208 36.43 0.78 3.61
N ASP C 209 37.12 1.91 3.42
CA ASP C 209 38.10 2.43 4.39
C ASP C 209 39.05 1.33 4.89
N GLY C 210 39.55 0.53 3.96
CA GLY C 210 40.50 -0.51 4.31
C GLY C 210 39.89 -1.86 4.67
N LEU C 211 38.56 -1.99 4.59
CA LEU C 211 37.91 -3.24 4.92
C LEU C 211 37.36 -3.98 3.70
N ASP C 212 37.31 -5.30 3.79
CA ASP C 212 36.73 -6.09 2.71
C ASP C 212 35.24 -6.33 2.92
N PHE C 213 34.42 -5.65 2.12
CA PHE C 213 32.98 -5.82 2.21
C PHE C 213 32.43 -6.53 0.98
N SER C 214 33.31 -7.17 0.22
CA SER C 214 32.92 -7.83 -1.04
C SER C 214 31.77 -8.81 -0.87
N ARG C 215 31.64 -9.39 0.32
CA ARG C 215 30.55 -10.32 0.58
C ARG C 215 29.19 -9.64 0.38
N TYR C 216 29.06 -8.41 0.87
CA TYR C 216 27.84 -7.63 0.70
C TYR C 216 27.55 -7.39 -0.77
N GLY C 217 28.61 -7.16 -1.55
CA GLY C 217 28.49 -6.95 -2.97
C GLY C 217 27.82 -8.12 -3.66
N ARG C 218 28.32 -9.32 -3.38
CA ARG C 218 27.77 -10.57 -3.92
C ARG C 218 26.27 -10.68 -3.60
N ILE C 219 25.91 -10.47 -2.34
CA ILE C 219 24.52 -10.55 -1.92
C ILE C 219 23.66 -9.61 -2.72
N GLU C 220 24.08 -8.35 -2.76
CA GLU C 220 23.30 -7.28 -3.38
C GLU C 220 23.15 -7.51 -4.89
N TYR C 221 24.17 -8.07 -5.50
CA TYR C 221 24.13 -8.38 -6.93
C TYR C 221 23.17 -9.53 -7.25
N GLU C 222 23.23 -10.61 -6.47
CA GLU C 222 22.51 -11.82 -6.82
C GLU C 222 21.00 -11.66 -6.67
N VAL C 223 20.58 -10.93 -5.64
CA VAL C 223 19.16 -10.69 -5.41
C VAL C 223 18.59 -9.82 -6.52
N TYR C 224 19.27 -8.72 -6.81
CA TYR C 224 18.83 -7.78 -7.83
C TYR C 224 18.61 -8.52 -9.15
N LEU C 225 19.49 -9.48 -9.44
CA LEU C 225 19.34 -10.32 -10.62
C LEU C 225 18.22 -11.33 -10.40
N PRO C 230 12.04 -9.34 -15.79
CA PRO C 230 13.07 -8.86 -16.72
C PRO C 230 13.78 -7.61 -16.21
N LEU C 231 15.04 -7.48 -16.58
CA LEU C 231 15.93 -6.45 -16.11
C LEU C 231 15.89 -5.24 -16.98
N VAL C 232 15.47 -4.12 -16.46
CA VAL C 232 15.58 -2.89 -17.22
C VAL C 232 16.62 -1.95 -16.58
N GLU C 233 17.83 -1.97 -17.13
CA GLU C 233 18.96 -1.22 -16.57
C GLU C 233 19.90 -0.91 -17.70
N CYS C 234 20.71 0.13 -17.55
CA CYS C 234 21.76 0.38 -18.53
C CYS C 234 22.87 -0.64 -18.32
N LEU C 235 23.20 -1.41 -19.35
CA LEU C 235 24.30 -2.36 -19.20
C LEU C 235 25.59 -1.73 -19.72
N PRO C 236 26.68 -1.89 -18.95
CA PRO C 236 28.02 -1.53 -19.45
C PRO C 236 28.20 -2.17 -20.81
N PRO C 237 28.61 -1.40 -21.82
CA PRO C 237 28.82 -1.95 -23.17
C PRO C 237 29.73 -3.17 -23.16
N LEU C 238 30.63 -3.24 -22.19
CA LEU C 238 31.52 -4.39 -22.06
C LEU C 238 30.79 -5.70 -21.77
N CYS C 239 29.54 -5.59 -21.31
CA CYS C 239 28.71 -6.78 -21.10
C CYS C 239 28.39 -7.52 -22.39
N LEU C 240 28.56 -6.84 -23.53
CA LEU C 240 28.23 -7.43 -24.83
C LEU C 240 29.21 -8.52 -25.27
N LEU C 241 28.70 -9.71 -25.52
CA LEU C 241 29.48 -10.78 -26.13
C LEU C 241 29.42 -10.69 -27.66
N HIS C 242 28.55 -9.80 -28.14
CA HIS C 242 28.32 -9.66 -29.56
C HIS C 242 27.67 -8.30 -29.77
N GLU C 243 28.01 -7.63 -30.87
CA GLU C 243 27.52 -6.27 -31.13
C GLU C 243 25.99 -6.15 -31.23
N GLY C 244 25.32 -7.26 -31.55
CA GLY C 244 23.88 -7.28 -31.65
C GLY C 244 23.32 -7.52 -33.03
N LEU C 245 22.26 -8.33 -33.11
CA LEU C 245 21.58 -8.61 -34.38
C LEU C 245 20.13 -8.10 -34.41
N SER C 246 19.62 -7.83 -35.61
CA SER C 246 18.21 -7.44 -35.78
C SER C 246 17.25 -8.56 -35.44
N LEU C 247 16.31 -8.31 -34.52
CA LEU C 247 15.34 -9.31 -34.14
C LEU C 247 14.01 -9.07 -34.84
N ILE C 248 13.69 -7.79 -35.04
CA ILE C 248 12.45 -7.35 -35.66
C ILE C 248 12.67 -5.98 -36.28
N GLU C 249 12.37 -5.83 -37.58
CA GLU C 249 12.40 -4.52 -38.22
C GLU C 249 10.98 -4.10 -38.63
N LEU C 250 10.71 -2.79 -38.62
CA LEU C 250 9.36 -2.28 -38.85
C LEU C 250 9.35 -1.08 -39.82
N ASN C 251 8.49 -1.14 -40.82
CA ASN C 251 8.23 -0.02 -41.70
C ASN C 251 7.00 0.70 -41.17
N LEU C 252 7.15 1.97 -40.81
CA LEU C 252 6.10 2.63 -40.03
C LEU C 252 4.95 3.08 -40.91
N SER C 253 5.18 3.12 -42.22
CA SER C 253 4.11 3.51 -43.12
C SER C 253 3.17 2.34 -43.34
N THR C 254 3.71 1.13 -43.29
CA THR C 254 2.94 -0.04 -43.73
C THR C 254 2.59 -1.03 -42.63
N VAL C 255 3.28 -0.96 -41.48
CA VAL C 255 2.97 -1.89 -40.40
C VAL C 255 1.50 -1.76 -39.97
N GLN C 256 0.85 -2.90 -39.71
CA GLN C 256 -0.54 -2.94 -39.24
C GLN C 256 -0.60 -3.65 -37.89
N GLU C 257 -1.72 -3.48 -37.18
CA GLU C 257 -1.89 -4.00 -35.84
C GLU C 257 -1.67 -5.51 -35.72
N GLU C 258 -1.94 -6.25 -36.79
CA GLU C 258 -1.91 -7.71 -36.74
C GLU C 258 -0.53 -8.28 -36.37
N VAL C 259 0.51 -7.57 -36.76
CA VAL C 259 1.87 -7.99 -36.46
C VAL C 259 2.16 -8.03 -34.96
N LEU C 260 1.58 -7.11 -34.21
CA LEU C 260 1.93 -6.92 -32.79
C LEU C 260 1.45 -8.03 -31.85
N THR C 261 0.64 -8.94 -32.37
CA THR C 261 0.21 -10.10 -31.58
C THR C 261 1.22 -11.24 -31.75
N SER C 262 1.79 -11.35 -32.94
CA SER C 262 2.76 -12.41 -33.23
C SER C 262 4.18 -11.89 -33.43
N LEU C 263 4.85 -11.53 -32.34
CA LEU C 263 6.22 -11.05 -32.46
C LEU C 263 7.23 -12.09 -31.98
N HIS C 264 7.76 -12.85 -32.95
CA HIS C 264 8.72 -13.90 -32.68
C HIS C 264 9.79 -13.83 -33.76
N ASN C 265 11.02 -14.19 -33.40
CA ASN C 265 12.08 -14.46 -34.36
C ASN C 265 13.22 -15.22 -33.69
N THR C 266 13.98 -15.95 -34.51
CA THR C 266 15.11 -16.71 -34.01
C THR C 266 16.36 -16.25 -34.73
N VAL C 267 17.37 -15.86 -33.95
CA VAL C 267 18.64 -15.40 -34.51
C VAL C 267 19.78 -16.31 -34.05
N HIS C 268 20.91 -16.24 -34.77
CA HIS C 268 22.07 -17.06 -34.41
C HIS C 268 23.36 -16.23 -34.32
N PHE C 269 24.10 -16.42 -33.23
CA PHE C 269 25.25 -15.57 -32.96
C PHE C 269 26.59 -16.22 -33.32
N ASP C 270 27.39 -15.51 -34.08
CA ASP C 270 28.71 -15.97 -34.54
C ASP C 270 29.83 -15.54 -33.59
N LEU C 271 29.91 -16.21 -32.44
CA LEU C 271 30.87 -15.85 -31.40
C LEU C 271 32.34 -15.98 -31.83
N LYS C 272 32.58 -16.74 -32.90
CA LYS C 272 33.93 -16.90 -33.44
C LYS C 272 34.43 -15.60 -34.06
N GLU C 273 33.54 -14.89 -34.74
CA GLU C 273 33.92 -13.69 -35.47
C GLU C 273 33.55 -12.40 -34.72
N SER C 274 33.12 -12.56 -33.47
CA SER C 274 32.70 -11.43 -32.65
C SER C 274 33.88 -10.72 -31.97
N ALA C 275 34.15 -9.49 -32.40
CA ALA C 275 35.17 -8.67 -31.78
C ALA C 275 34.89 -8.52 -30.26
N GLU C 276 33.62 -8.40 -29.91
CA GLU C 276 33.20 -8.32 -28.50
C GLU C 276 33.52 -9.58 -27.71
N PHE C 277 33.27 -10.74 -28.32
CA PHE C 277 33.49 -12.02 -27.65
C PHE C 277 34.98 -12.24 -27.40
N GLN C 278 35.77 -11.83 -28.38
CA GLN C 278 37.20 -12.06 -28.36
C GLN C 278 37.90 -11.25 -27.29
N GLN C 279 37.49 -10.00 -27.07
CA GLN C 279 38.07 -9.18 -26.02
C GLN C 279 37.88 -9.86 -24.66
N HIS C 280 36.81 -10.64 -24.54
CA HIS C 280 36.53 -11.46 -23.36
C HIS C 280 37.28 -12.78 -23.39
N ALA C 281 37.30 -13.41 -24.57
CA ALA C 281 38.03 -14.67 -24.77
C ALA C 281 39.50 -14.52 -24.42
N ARG C 282 40.10 -13.39 -24.81
CA ARG C 282 41.49 -13.13 -24.44
C ARG C 282 41.70 -13.05 -22.92
N GLU C 283 40.89 -12.25 -22.22
CA GLU C 283 41.06 -12.13 -20.77
C GLU C 283 40.40 -13.29 -19.99
N ALA C 284 40.34 -14.46 -20.61
CA ALA C 284 39.70 -15.61 -20.01
C ALA C 284 40.72 -16.63 -19.52
N GLY C 285 41.54 -17.11 -20.44
CA GLY C 285 42.48 -18.17 -20.14
C GLY C 285 42.41 -19.23 -21.22
N SER C 286 43.17 -20.31 -21.05
CA SER C 286 43.16 -21.41 -22.01
C SER C 286 43.58 -22.72 -21.35
N GLY C 288 39.81 -22.17 -19.80
CA GLY C 288 39.38 -20.79 -19.82
C GLY C 288 38.10 -20.59 -20.63
N ARG C 289 36.97 -20.45 -19.94
CA ARG C 289 35.68 -20.38 -20.61
C ARG C 289 35.04 -18.99 -20.59
N VAL C 290 34.24 -18.70 -21.61
CA VAL C 290 33.42 -17.48 -21.66
C VAL C 290 31.93 -17.85 -21.55
N SER C 291 31.30 -17.56 -20.41
CA SER C 291 29.92 -18.01 -20.17
C SER C 291 28.85 -16.92 -20.36
N VAL C 292 27.77 -17.31 -21.02
CA VAL C 292 26.65 -16.43 -21.36
C VAL C 292 25.61 -16.43 -20.22
N ASP C 293 25.27 -15.24 -19.74
CA ASP C 293 24.35 -15.12 -18.60
C ASP C 293 22.91 -14.77 -18.99
N GLY C 294 22.71 -14.32 -20.23
CA GLY C 294 21.41 -13.88 -20.68
C GLY C 294 21.52 -13.07 -21.97
N PHE C 295 20.46 -12.34 -22.29
CA PHE C 295 20.42 -11.50 -23.50
C PHE C 295 19.88 -10.11 -23.21
N THR C 296 20.38 -9.11 -23.94
CA THR C 296 19.91 -7.75 -23.78
C THR C 296 19.25 -7.29 -25.08
N VAL C 297 18.18 -6.53 -24.90
CA VAL C 297 17.35 -6.06 -26.01
C VAL C 297 17.32 -4.53 -26.00
N TRP C 298 17.51 -3.93 -27.17
CA TRP C 298 17.31 -2.49 -27.32
C TRP C 298 16.65 -2.18 -28.64
N PHE C 299 16.49 -0.90 -28.95
CA PHE C 299 15.92 -0.49 -30.24
C PHE C 299 16.58 0.74 -30.82
N ASP C 300 16.49 0.89 -32.14
CA ASP C 300 16.83 2.11 -32.85
C ASP C 300 15.60 2.54 -33.63
N VAL C 301 15.42 3.83 -33.82
CA VAL C 301 14.44 4.31 -34.78
C VAL C 301 15.17 5.30 -35.66
N SER C 302 14.69 5.50 -36.88
CA SER C 302 15.36 6.43 -37.74
C SER C 302 14.44 7.17 -38.71
N TYR C 303 14.99 8.25 -39.26
CA TYR C 303 14.37 8.98 -40.35
C TYR C 303 15.52 9.65 -41.11
N GLY C 304 15.58 9.39 -42.42
CA GLY C 304 16.62 9.97 -43.24
C GLY C 304 18.03 9.56 -42.82
N ALA C 305 18.91 10.54 -42.70
CA ALA C 305 20.28 10.29 -42.26
C ALA C 305 20.33 9.92 -40.77
N HIS C 306 19.33 10.38 -40.02
CA HIS C 306 19.43 10.39 -38.56
C HIS C 306 18.87 9.15 -37.89
N THR C 307 19.47 8.82 -36.74
CA THR C 307 19.10 7.62 -36.00
C THR C 307 19.10 7.90 -34.50
N LEU C 308 18.11 7.36 -33.80
CA LEU C 308 18.09 7.46 -32.35
C LEU C 308 18.26 6.04 -31.88
N SER C 309 19.30 5.83 -31.07
CA SER C 309 19.64 4.49 -30.63
C SER C 309 19.55 4.36 -29.13
N THR C 310 19.10 3.19 -28.66
CA THR C 310 19.11 2.93 -27.23
C THR C 310 20.07 1.79 -26.89
N SER C 311 21.08 1.63 -27.73
CA SER C 311 22.11 0.60 -27.55
C SER C 311 22.94 0.86 -26.30
N PRO C 312 23.54 -0.19 -25.73
CA PRO C 312 24.40 0.05 -24.55
C PRO C 312 25.59 0.96 -24.87
N ARG C 313 26.01 1.00 -26.13
CA ARG C 313 27.11 1.88 -26.49
C ARG C 313 26.63 3.33 -26.48
N SER C 314 25.37 3.54 -26.82
CA SER C 314 24.83 4.88 -27.01
C SER C 314 24.57 5.57 -25.67
N PRO C 315 24.53 6.93 -25.67
CA PRO C 315 24.28 7.60 -24.40
C PRO C 315 22.94 7.12 -23.85
N SER C 316 22.91 6.89 -22.54
CA SER C 316 21.73 6.33 -21.87
C SER C 316 20.45 7.11 -22.19
N THR C 317 19.33 6.39 -22.28
CA THR C 317 18.03 7.06 -22.39
C THR C 317 17.12 6.52 -21.30
N HIS C 318 16.01 7.20 -21.07
CA HIS C 318 14.97 6.72 -20.17
C HIS C 318 14.55 5.27 -20.46
N TRP C 319 14.68 4.84 -21.73
CA TRP C 319 14.41 3.45 -22.10
C TRP C 319 15.46 2.45 -21.63
N LYS C 320 16.66 2.92 -21.31
CA LYS C 320 17.76 2.03 -20.91
C LYS C 320 17.94 0.87 -21.89
N GLN C 321 18.13 -0.34 -21.37
CA GLN C 321 18.05 -1.55 -22.17
C GLN C 321 17.27 -2.57 -21.36
N THR C 322 16.79 -3.62 -22.00
CA THR C 322 16.08 -4.65 -21.23
C THR C 322 16.82 -5.97 -21.34
N THR C 323 17.05 -6.62 -20.20
CA THR C 323 17.88 -7.80 -20.18
C THR C 323 17.13 -9.00 -19.63
N ILE C 324 17.12 -10.09 -20.39
CA ILE C 324 16.50 -11.32 -19.95
C ILE C 324 17.58 -12.34 -19.60
N LEU C 325 17.70 -12.66 -18.32
CA LEU C 325 18.75 -13.54 -17.85
C LEU C 325 18.39 -15.00 -18.06
N LEU C 326 19.37 -15.86 -17.81
CA LEU C 326 19.12 -17.27 -17.69
C LEU C 326 18.88 -17.50 -16.20
N PRO C 327 18.25 -18.63 -15.84
CA PRO C 327 18.00 -18.93 -14.43
C PRO C 327 19.29 -18.94 -13.63
N ARG C 328 19.21 -18.67 -12.32
CA ARG C 328 20.40 -18.61 -11.46
C ARG C 328 21.31 -19.84 -11.58
N GLU C 329 20.71 -21.01 -11.79
CA GLU C 329 21.46 -22.26 -11.93
C GLU C 329 22.24 -22.36 -13.23
N ALA C 330 21.64 -21.90 -14.33
CA ALA C 330 22.31 -21.90 -15.64
C ALA C 330 23.49 -20.93 -15.65
N ARG C 331 23.40 -19.90 -14.82
CA ARG C 331 24.43 -18.88 -14.74
C ARG C 331 25.58 -19.30 -13.82
N ASN C 332 25.26 -19.58 -12.57
CA ASN C 332 26.25 -19.96 -11.56
C ASN C 332 27.05 -21.20 -11.92
N GLU C 333 26.47 -22.05 -12.76
CA GLU C 333 27.15 -23.26 -13.21
C GLU C 333 27.84 -23.05 -14.54
N GLU C 334 27.59 -21.90 -15.17
CA GLU C 334 28.10 -21.60 -16.50
C GLU C 334 27.69 -22.67 -17.51
N LEU C 335 26.45 -23.16 -17.38
CA LEU C 335 25.96 -24.22 -18.25
C LEU C 335 25.91 -23.80 -19.73
N VAL C 336 25.87 -22.50 -19.98
CA VAL C 336 25.99 -22.00 -21.34
C VAL C 336 27.32 -21.26 -21.42
N SER C 337 28.41 -22.01 -21.37
CA SER C 337 29.74 -21.45 -21.52
C SER C 337 30.31 -21.90 -22.85
N PHE C 338 31.41 -21.28 -23.24
CA PHE C 338 32.10 -21.66 -24.47
C PHE C 338 33.61 -21.68 -24.25
N PRO C 339 34.32 -22.47 -25.06
CA PRO C 339 35.77 -22.29 -25.08
C PRO C 339 36.15 -21.00 -25.80
N VAL C 340 37.40 -20.58 -25.67
CA VAL C 340 37.95 -19.40 -26.31
C VAL C 340 37.79 -19.44 -27.83
N GLU C 341 37.61 -20.65 -28.34
CA GLU C 341 37.38 -20.87 -29.76
C GLU C 341 36.20 -20.05 -30.31
N GLY C 342 35.03 -20.18 -29.66
CA GLY C 342 33.87 -19.41 -30.06
C GLY C 342 32.72 -20.25 -30.60
N GLY C 343 32.32 -20.00 -31.84
CA GLY C 343 31.32 -20.83 -32.49
C GLY C 343 29.99 -20.15 -32.79
N GLU C 344 28.91 -20.71 -32.24
CA GLU C 344 27.56 -20.25 -32.57
C GLU C 344 26.55 -20.42 -31.42
N LEU C 345 25.71 -19.41 -31.22
CA LEU C 345 24.70 -19.43 -30.15
C LEU C 345 23.29 -19.21 -30.72
N GLY C 346 22.32 -19.96 -30.20
CA GLY C 346 20.98 -19.98 -30.77
C GLY C 346 19.86 -19.63 -29.81
N VAL C 347 19.05 -18.63 -30.20
CA VAL C 347 17.97 -18.16 -29.34
C VAL C 347 16.64 -17.94 -30.08
N GLU C 348 15.58 -18.51 -29.51
CA GLU C 348 14.22 -18.11 -29.89
C GLU C 348 13.65 -17.13 -28.87
N MET C 349 13.22 -15.98 -29.38
CA MET C 349 12.76 -14.89 -28.53
C MET C 349 11.33 -14.44 -28.91
N HIS C 350 10.44 -14.47 -27.92
CA HIS C 350 9.04 -14.09 -28.10
C HIS C 350 8.70 -12.78 -27.37
N ILE C 351 8.33 -11.76 -28.13
CA ILE C 351 7.72 -10.56 -27.53
C ILE C 351 6.19 -10.71 -27.55
N SER C 352 5.66 -11.21 -26.44
CA SER C 352 4.26 -11.61 -26.40
C SER C 352 3.37 -10.59 -25.69
N ALA C 353 2.31 -10.15 -26.35
CA ALA C 353 1.34 -9.27 -25.72
C ALA C 353 0.74 -9.97 -24.51
N SER C 354 0.69 -9.28 -23.38
CA SER C 354 0.13 -9.83 -22.15
C SER C 354 -1.37 -9.53 -22.04
N ASP C 355 -1.90 -8.73 -22.96
CA ASP C 355 -3.34 -8.50 -23.05
C ASP C 355 -3.77 -8.04 -24.44
N LYS C 356 -5.01 -7.59 -24.57
CA LYS C 356 -5.56 -7.28 -25.89
C LYS C 356 -5.18 -5.88 -26.40
N THR C 357 -4.77 -5.00 -25.49
CA THR C 357 -4.44 -3.62 -25.84
C THR C 357 -3.25 -3.50 -26.77
N LEU C 358 -2.39 -4.52 -26.78
CA LEU C 358 -1.13 -4.43 -27.54
C LEU C 358 -0.23 -3.29 -27.06
N ARG C 359 -0.35 -2.91 -25.80
CA ARG C 359 0.58 -1.96 -25.21
C ARG C 359 1.53 -2.59 -24.20
N PHE C 360 1.18 -3.77 -23.70
CA PHE C 360 1.98 -4.41 -22.66
C PHE C 360 2.42 -5.80 -23.07
N TYR C 361 3.71 -6.06 -22.91
CA TYR C 361 4.33 -7.27 -23.44
C TYR C 361 5.23 -7.95 -22.40
N THR C 362 5.49 -9.23 -22.63
CA THR C 362 6.51 -9.97 -21.90
C THR C 362 7.45 -10.57 -22.92
N ILE C 363 8.71 -10.76 -22.53
CA ILE C 363 9.66 -11.43 -23.41
C ILE C 363 9.92 -12.84 -22.90
N GLU C 364 9.53 -13.83 -23.71
CA GLU C 364 9.79 -15.23 -23.42
C GLU C 364 10.92 -15.65 -24.34
N LEU C 365 11.79 -16.51 -23.84
CA LEU C 365 13.05 -16.79 -24.51
C LEU C 365 13.44 -18.26 -24.32
N GLU C 366 14.03 -18.84 -25.36
CA GLU C 366 14.39 -20.25 -25.33
C GLU C 366 15.56 -20.56 -26.25
N LEU C 367 16.55 -21.28 -25.73
CA LEU C 367 17.70 -21.72 -26.52
C LEU C 367 17.55 -23.20 -26.89
N SER D 23 19.78 -9.32 3.56
CA SER D 23 18.90 -9.11 2.42
C SER D 23 19.19 -7.78 1.71
N TYR D 24 18.74 -7.67 0.46
CA TYR D 24 19.03 -6.51 -0.38
C TYR D 24 18.46 -5.21 0.16
N SER D 25 17.19 -5.25 0.55
CA SER D 25 16.43 -4.06 0.91
C SER D 25 17.05 -3.28 2.08
N ASP D 26 18.03 -3.88 2.74
CA ASP D 26 18.81 -3.19 3.74
C ASP D 26 20.11 -2.72 3.10
N LEU D 27 20.76 -3.60 2.35
CA LEU D 27 22.08 -3.30 1.79
C LEU D 27 22.09 -2.13 0.84
N ALA D 28 20.97 -1.94 0.13
CA ALA D 28 20.80 -0.78 -0.74
C ALA D 28 20.95 0.48 0.09
N VAL D 29 20.16 0.58 1.17
CA VAL D 29 20.21 1.72 2.08
C VAL D 29 21.60 1.98 2.68
N HIS D 30 22.16 0.96 3.35
CA HIS D 30 23.47 1.08 3.98
C HIS D 30 24.55 1.54 3.01
N ARG D 31 24.42 1.16 1.75
CA ARG D 31 25.35 1.60 0.71
C ARG D 31 25.43 3.14 0.65
N LEU D 32 24.35 3.80 1.06
CA LEU D 32 24.28 5.25 0.95
C LEU D 32 25.05 5.95 2.06
N MET D 33 25.09 5.37 3.26
CA MET D 33 25.94 5.93 4.30
C MET D 33 27.40 5.76 3.92
N LEU D 34 27.73 4.60 3.35
CA LEU D 34 29.11 4.32 2.92
C LEU D 34 29.51 5.20 1.74
N GLU D 35 28.54 5.63 0.95
CA GLU D 35 28.81 6.50 -0.21
C GLU D 35 28.92 7.99 0.16
N ASP D 36 28.50 8.34 1.38
CA ASP D 36 28.46 9.73 1.82
C ASP D 36 29.71 10.07 2.65
N ALA D 37 30.50 11.00 2.15
CA ALA D 37 31.82 11.29 2.71
C ALA D 37 31.73 11.98 4.05
N GLN D 38 30.66 12.75 4.24
CA GLN D 38 30.46 13.48 5.48
C GLN D 38 30.12 12.54 6.62
N ARG D 39 29.19 11.61 6.35
CA ARG D 39 28.76 10.65 7.36
C ARG D 39 29.90 9.70 7.70
N MET D 40 30.60 9.21 6.68
CA MET D 40 31.77 8.35 6.90
C MET D 40 32.85 9.01 7.78
N SER D 41 33.30 10.20 7.43
CA SER D 41 34.40 10.81 8.19
C SER D 41 33.98 11.25 9.59
N PHE D 42 32.74 11.70 9.75
CA PHE D 42 32.29 12.08 11.08
C PHE D 42 32.49 10.95 12.10
N TYR D 43 32.10 9.74 11.73
CA TYR D 43 32.20 8.61 12.64
C TYR D 43 33.63 8.14 12.77
N ARG D 44 34.36 8.13 11.66
CA ARG D 44 35.77 7.74 11.68
C ARG D 44 36.56 8.67 12.60
N LYS D 45 36.38 9.98 12.42
CA LYS D 45 37.09 10.95 13.23
C LYS D 45 36.69 10.90 14.71
N SER D 46 35.41 10.65 14.96
CA SER D 46 34.92 10.58 16.33
C SER D 46 35.49 9.37 17.04
N ILE D 47 35.49 8.23 16.37
CA ILE D 47 35.99 7.00 16.95
C ILE D 47 37.48 7.12 17.22
N GLU D 48 38.19 7.79 16.31
CA GLU D 48 39.62 8.04 16.48
C GLU D 48 39.91 8.89 17.72
N GLN D 49 39.17 9.97 17.89
CA GLN D 49 39.47 10.91 18.97
C GLN D 49 38.88 10.54 20.33
N SER D 50 38.04 9.51 20.37
CA SER D 50 37.49 9.06 21.64
C SER D 50 38.57 8.50 22.56
N ALA D 51 38.57 8.92 23.81
CA ALA D 51 39.53 8.42 24.79
C ALA D 51 39.02 7.12 25.40
N SER D 52 37.77 6.77 25.11
CA SER D 52 37.13 5.65 25.78
C SER D 52 36.98 4.39 24.94
N ILE D 53 37.71 4.28 23.83
CA ILE D 53 37.59 3.11 22.96
C ILE D 53 38.70 2.06 23.17
N GLU D 54 39.97 2.48 23.09
CA GLU D 54 41.12 1.57 23.23
C GLU D 54 41.06 0.72 24.50
N GLY D 55 41.14 -0.59 24.33
CA GLY D 55 41.08 -1.51 25.46
C GLY D 55 39.76 -1.42 26.23
N LYS D 56 38.69 -1.03 25.55
CA LYS D 56 37.41 -0.96 26.24
C LYS D 56 36.27 -1.59 25.47
N VAL D 57 35.11 -1.66 26.14
CA VAL D 57 33.97 -2.36 25.59
C VAL D 57 32.97 -1.41 24.94
N VAL D 58 32.63 -1.74 23.69
CA VAL D 58 31.82 -0.89 22.85
C VAL D 58 30.54 -1.62 22.42
N VAL D 59 29.44 -0.87 22.31
CA VAL D 59 28.21 -1.40 21.77
C VAL D 59 27.87 -0.58 20.51
N ASP D 60 27.52 -1.27 19.42
CA ASP D 60 27.10 -0.64 18.18
C ASP D 60 25.62 -0.97 17.98
N VAL D 61 24.74 0.03 18.05
CA VAL D 61 23.32 -0.23 17.96
C VAL D 61 22.83 0.04 16.55
N GLY D 62 22.19 -0.94 15.91
CA GLY D 62 21.70 -0.76 14.56
C GLY D 62 22.86 -0.86 13.58
N SER D 63 23.66 -1.90 13.74
CA SER D 63 24.97 -1.92 13.09
C SER D 63 24.97 -2.08 11.56
N GLY D 64 23.90 -2.62 10.99
CA GLY D 64 23.82 -2.77 9.54
C GLY D 64 25.00 -3.56 8.98
N THR D 65 25.90 -2.88 8.28
CA THR D 65 27.07 -3.52 7.68
C THR D 65 28.15 -3.81 8.71
N GLY D 66 28.03 -3.19 9.89
CA GLY D 66 28.98 -3.41 10.97
C GLY D 66 30.16 -2.45 10.93
N ILE D 67 30.12 -1.51 9.98
CA ILE D 67 31.22 -0.56 9.75
C ILE D 67 31.71 0.12 11.04
N LEU D 68 30.79 0.67 11.82
CA LEU D 68 31.19 1.30 13.08
C LEU D 68 31.87 0.29 14.01
N SER D 69 31.35 -0.95 14.02
CA SER D 69 31.88 -1.98 14.91
C SER D 69 33.32 -2.31 14.54
N MET D 70 33.56 -2.51 13.25
CA MET D 70 34.87 -2.87 12.77
C MET D 70 35.89 -1.74 12.91
N TRP D 71 35.44 -0.50 12.77
CA TRP D 71 36.30 0.65 13.07
C TRP D 71 36.68 0.67 14.54
N ALA D 72 35.68 0.54 15.42
CA ALA D 72 35.94 0.55 16.86
C ALA D 72 36.99 -0.50 17.21
N ALA D 73 36.83 -1.69 16.64
CA ALA D 73 37.75 -2.79 16.87
C ALA D 73 39.14 -2.46 16.34
N ARG D 74 39.23 -2.07 15.08
CA ARG D 74 40.51 -1.68 14.49
C ARG D 74 41.18 -0.58 15.31
N ALA D 75 40.38 0.20 16.03
CA ALA D 75 40.90 1.26 16.89
C ALA D 75 41.25 0.74 18.29
N GLY D 76 41.30 -0.58 18.45
CA GLY D 76 41.77 -1.18 19.69
C GLY D 76 40.75 -1.46 20.79
N ALA D 77 39.46 -1.50 20.43
CA ALA D 77 38.44 -1.84 21.42
C ALA D 77 38.70 -3.24 21.98
N LYS D 78 38.44 -3.41 23.27
CA LYS D 78 38.65 -4.69 23.94
C LYS D 78 37.67 -5.68 23.33
N HIS D 79 36.44 -5.23 23.14
CA HIS D 79 35.44 -6.06 22.50
C HIS D 79 34.26 -5.21 22.07
N VAL D 80 33.59 -5.64 21.00
CA VAL D 80 32.44 -4.89 20.47
C VAL D 80 31.22 -5.81 20.42
N PHE D 81 30.10 -5.31 20.95
CA PHE D 81 28.81 -5.95 20.76
C PHE D 81 28.08 -5.22 19.64
N SER D 82 27.88 -5.92 18.53
CA SER D 82 27.23 -5.31 17.37
C SER D 82 25.80 -5.85 17.27
N ILE D 83 24.83 -4.95 17.36
CA ILE D 83 23.41 -5.34 17.43
C ILE D 83 22.66 -5.01 16.12
N GLU D 84 22.22 -6.05 15.40
CA GLU D 84 21.49 -5.85 14.14
C GLU D 84 20.36 -6.88 14.01
N ALA D 85 19.12 -6.38 13.99
CA ALA D 85 17.97 -7.26 14.02
C ALA D 85 17.72 -7.87 12.65
N SER D 86 18.16 -7.19 11.59
CA SER D 86 17.84 -7.70 10.26
C SER D 86 18.67 -8.93 9.89
N SER D 87 18.24 -9.62 8.85
CA SER D 87 18.88 -10.84 8.38
C SER D 87 20.31 -10.56 7.94
N LEU D 88 20.58 -9.28 7.65
CA LEU D 88 21.94 -8.83 7.36
C LEU D 88 22.93 -9.26 8.42
N SER D 89 22.46 -9.47 9.65
CA SER D 89 23.35 -9.85 10.75
C SER D 89 24.16 -11.10 10.42
N GLU D 90 23.52 -12.04 9.74
CA GLU D 90 24.17 -13.31 9.39
C GLU D 90 25.38 -13.04 8.50
N PHE D 91 25.21 -12.15 7.52
CA PHE D 91 26.30 -11.80 6.61
C PHE D 91 27.33 -10.91 7.26
N GLN D 92 26.89 -10.02 8.16
CA GLN D 92 27.82 -9.21 8.92
C GLN D 92 28.80 -10.10 9.68
N ILE D 93 28.33 -11.26 10.14
CA ILE D 93 29.22 -12.17 10.85
C ILE D 93 30.31 -12.66 9.89
N GLY D 94 29.93 -12.97 8.65
CA GLY D 94 30.88 -13.37 7.63
C GLY D 94 31.95 -12.31 7.37
N VAL D 95 31.49 -11.09 7.09
CA VAL D 95 32.38 -9.97 6.83
C VAL D 95 33.37 -9.72 7.97
N VAL D 96 32.90 -9.78 9.21
CA VAL D 96 33.80 -9.64 10.35
C VAL D 96 34.87 -10.74 10.33
N GLU D 97 34.45 -11.96 10.01
CA GLU D 97 35.42 -13.05 9.84
C GLU D 97 36.33 -12.76 8.66
N ASP D 98 35.75 -12.37 7.52
CA ASP D 98 36.53 -12.02 6.33
C ASP D 98 37.56 -10.92 6.60
N ASN D 99 37.34 -10.14 7.65
CA ASN D 99 38.28 -9.10 8.03
C ASN D 99 39.02 -9.44 9.32
N ASP D 100 39.02 -10.73 9.66
CA ASP D 100 39.74 -11.26 10.81
C ASP D 100 39.46 -10.51 12.11
N LEU D 101 38.20 -10.23 12.39
CA LEU D 101 37.87 -9.51 13.61
C LEU D 101 36.92 -10.30 14.52
N SER D 102 36.77 -11.60 14.23
CA SER D 102 35.85 -12.47 14.96
C SER D 102 36.15 -12.56 16.46
N THR D 103 37.39 -12.34 16.83
CA THR D 103 37.79 -12.36 18.24
C THR D 103 37.20 -11.16 18.96
N LYS D 104 37.12 -10.05 18.24
CA LYS D 104 36.81 -8.75 18.83
C LYS D 104 35.35 -8.32 18.70
N ILE D 105 34.57 -9.00 17.87
CA ILE D 105 33.19 -8.59 17.64
C ILE D 105 32.21 -9.76 17.74
N THR D 106 31.18 -9.58 18.57
CA THR D 106 30.09 -10.54 18.56
C THR D 106 28.85 -9.83 18.06
N VAL D 107 28.21 -10.45 17.07
CA VAL D 107 27.01 -9.88 16.49
C VAL D 107 25.82 -10.46 17.23
N LEU D 108 24.95 -9.58 17.72
CA LEU D 108 23.71 -10.01 18.33
C LEU D 108 22.61 -9.77 17.31
N GLY D 109 22.12 -10.83 16.70
CA GLY D 109 21.12 -10.67 15.65
C GLY D 109 19.73 -10.62 16.28
N ASP D 110 19.37 -9.46 16.80
CA ASP D 110 18.11 -9.29 17.53
C ASP D 110 17.84 -7.79 17.68
N THR D 111 16.64 -7.42 18.12
CA THR D 111 16.37 -6.03 18.45
C THR D 111 16.91 -5.70 19.84
N VAL D 112 17.17 -4.42 20.06
CA VAL D 112 17.49 -3.91 21.38
C VAL D 112 16.37 -4.29 22.34
N GLU D 113 15.12 -4.06 21.93
CA GLU D 113 13.97 -4.27 22.84
C GLU D 113 13.87 -5.72 23.28
N ASN D 114 14.25 -6.64 22.41
CA ASN D 114 14.15 -8.06 22.74
C ASN D 114 15.33 -8.53 23.58
N ILE D 115 16.49 -7.93 23.35
CA ILE D 115 17.64 -8.22 24.19
C ILE D 115 17.33 -7.74 25.61
N ILE D 116 16.82 -6.52 25.71
CA ILE D 116 16.37 -5.98 26.99
C ILE D 116 15.38 -6.94 27.66
N ALA D 117 14.43 -7.44 26.87
CA ALA D 117 13.39 -8.32 27.40
C ALA D 117 14.01 -9.54 28.05
N GLY D 118 15.10 -10.03 27.48
CA GLY D 118 15.80 -11.17 28.05
C GLY D 118 16.39 -10.92 29.42
N GLY D 119 16.55 -9.65 29.78
CA GLY D 119 16.95 -9.30 31.14
C GLY D 119 18.43 -9.04 31.41
N VAL D 120 18.69 -8.18 32.40
CA VAL D 120 20.06 -7.76 32.71
C VAL D 120 20.93 -8.96 33.13
N ALA D 121 20.39 -9.75 34.05
CA ALA D 121 21.13 -10.87 34.64
C ALA D 121 21.57 -11.85 33.57
N ASN D 122 20.67 -12.20 32.67
CA ASN D 122 21.00 -13.13 31.59
C ASN D 122 22.09 -12.57 30.70
N PHE D 123 22.04 -11.28 30.41
CA PHE D 123 23.11 -10.69 29.61
C PHE D 123 24.49 -10.79 30.29
N VAL D 124 24.57 -10.35 31.55
CA VAL D 124 25.83 -10.42 32.29
C VAL D 124 26.38 -11.84 32.30
N ASN D 125 25.53 -12.81 32.59
CA ASN D 125 25.99 -14.18 32.67
C ASN D 125 26.43 -14.70 31.31
N ARG D 126 25.65 -14.40 30.28
CA ARG D 126 25.97 -14.88 28.94
C ARG D 126 27.32 -14.33 28.46
N HIS D 127 27.60 -13.07 28.75
CA HIS D 127 28.75 -12.41 28.16
C HIS D 127 29.73 -11.88 29.20
N LYS D 128 29.72 -12.52 30.37
CA LYS D 128 30.58 -12.15 31.50
C LYS D 128 32.03 -11.87 31.08
N ALA D 129 32.60 -12.78 30.31
CA ALA D 129 34.00 -12.66 29.91
C ALA D 129 34.24 -11.45 29.00
N LYS D 130 33.27 -11.14 28.16
CA LYS D 130 33.45 -10.02 27.25
C LYS D 130 33.23 -8.70 27.98
N LEU D 131 32.29 -8.69 28.91
CA LEU D 131 32.02 -7.47 29.66
C LEU D 131 33.21 -7.05 30.53
N GLY D 132 33.95 -8.02 31.05
CA GLY D 132 35.09 -7.72 31.89
C GLY D 132 34.72 -6.93 33.14
N LYS D 133 35.71 -6.34 33.78
CA LYS D 133 35.48 -5.64 35.04
C LYS D 133 34.79 -4.28 34.91
N CYS D 134 34.87 -3.65 33.74
CA CYS D 134 34.39 -2.27 33.57
C CYS D 134 33.13 -2.12 32.72
N GLY D 135 32.71 -3.21 32.09
CA GLY D 135 31.46 -3.18 31.36
C GLY D 135 31.57 -2.36 30.10
N VAL D 136 30.45 -1.80 29.66
CA VAL D 136 30.40 -1.07 28.40
C VAL D 136 30.81 0.38 28.64
N ALA D 137 31.75 0.87 27.84
CA ALA D 137 32.20 2.25 27.95
C ALA D 137 31.56 3.14 26.88
N VAL D 138 31.40 2.61 25.67
CA VAL D 138 30.95 3.43 24.53
C VAL D 138 29.77 2.83 23.76
N LEU D 139 28.81 3.68 23.39
CA LEU D 139 27.71 3.27 22.53
C LEU D 139 27.73 4.06 21.23
N LEU D 140 27.92 3.34 20.12
CA LEU D 140 27.96 3.94 18.80
C LEU D 140 26.66 3.67 18.07
N SER D 141 26.22 4.64 17.28
CA SER D 141 25.04 4.44 16.47
C SER D 141 24.84 5.55 15.44
N GLU D 142 24.23 5.16 14.32
CA GLU D 142 23.86 6.03 13.23
C GLU D 142 22.33 5.94 13.20
N TRP D 143 21.67 6.75 14.03
CA TRP D 143 20.25 6.56 14.32
C TRP D 143 19.34 7.64 13.76
N MET D 144 19.94 8.69 13.21
CA MET D 144 19.18 9.86 12.81
C MET D 144 18.26 9.57 11.64
N GLY D 145 17.05 10.14 11.68
CA GLY D 145 16.14 10.09 10.57
C GLY D 145 15.92 11.49 10.01
N PHE D 146 14.85 11.64 9.23
CA PHE D 146 14.50 12.93 8.64
C PHE D 146 14.02 13.85 9.73
N TYR D 147 14.44 15.10 9.63
CA TYR D 147 14.33 16.09 10.68
C TYR D 147 14.64 15.48 12.00
N LEU D 148 15.73 14.74 11.98
CA LEU D 148 16.28 14.01 13.11
C LEU D 148 15.47 12.88 13.77
N PHE D 149 14.23 12.77 13.60
CA PHE D 149 13.40 11.92 14.44
C PHE D 149 12.65 10.97 13.52
N HIS D 150 12.25 11.47 12.36
CA HIS D 150 11.34 10.73 11.49
C HIS D 150 12.02 9.59 10.74
N GLU D 151 11.52 8.38 10.96
CA GLU D 151 12.13 7.15 10.43
C GLU D 151 13.50 6.94 11.03
N GLY D 152 13.71 7.50 12.22
CA GLY D 152 14.95 7.30 12.93
C GLY D 152 14.85 6.17 13.92
N MET D 153 15.93 5.96 14.65
CA MET D 153 16.10 4.82 15.54
C MET D 153 16.39 5.30 16.95
N LEU D 154 16.19 6.59 17.20
CA LEU D 154 16.53 7.18 18.50
C LEU D 154 16.00 6.41 19.74
N PRO D 155 14.72 6.01 19.73
CA PRO D 155 14.23 5.31 20.93
C PRO D 155 15.03 4.06 21.25
N SER D 156 15.35 3.26 20.23
CA SER D 156 16.17 2.08 20.44
C SER D 156 17.51 2.45 21.07
N VAL D 157 18.08 3.56 20.61
CA VAL D 157 19.38 3.99 21.13
C VAL D 157 19.24 4.35 22.61
N ILE D 158 18.17 5.07 22.94
CA ILE D 158 17.92 5.42 24.31
C ILE D 158 17.77 4.18 25.18
N ARG D 159 16.94 3.25 24.74
CA ARG D 159 16.71 2.04 25.51
C ARG D 159 17.97 1.19 25.65
N ALA D 160 18.78 1.10 24.60
CA ALA D 160 20.02 0.34 24.72
C ALA D 160 20.91 1.00 25.77
N ARG D 161 21.02 2.32 25.70
CA ARG D 161 21.88 3.06 26.61
C ARG D 161 21.49 2.75 28.07
N ASN D 162 20.21 2.92 28.37
CA ASN D 162 19.70 2.60 29.70
C ASN D 162 19.92 1.14 30.06
N PHE D 163 19.78 0.25 29.09
CA PHE D 163 19.98 -1.18 29.37
C PHE D 163 21.43 -1.49 29.74
N PHE D 164 22.37 -0.95 29.00
CA PHE D 164 23.76 -1.28 29.27
C PHE D 164 24.32 -0.54 30.49
N GLN D 165 23.69 0.57 30.85
CA GLN D 165 24.04 1.23 32.10
C GLN D 165 23.59 0.36 33.25
N ASP D 166 22.46 -0.33 33.07
CA ASP D 166 22.03 -1.29 34.08
C ASP D 166 22.96 -2.52 34.13
N VAL D 167 23.42 -2.95 32.96
CA VAL D 167 24.41 -4.03 32.93
C VAL D 167 25.65 -3.58 33.71
N ASN D 168 26.13 -2.39 33.40
CA ASN D 168 27.21 -1.76 34.16
C ASN D 168 26.96 -1.73 35.67
N ALA D 169 25.78 -1.26 36.07
CA ALA D 169 25.41 -1.25 37.48
C ALA D 169 25.50 -2.64 38.11
N ALA D 170 25.08 -3.66 37.35
CA ALA D 170 25.15 -5.03 37.84
C ALA D 170 26.59 -5.44 38.15
N LEU D 171 27.54 -4.79 37.46
CA LEU D 171 28.96 -5.14 37.58
C LEU D 171 29.67 -4.23 38.56
N GLY D 172 28.92 -3.36 39.22
CA GLY D 172 29.52 -2.40 40.14
C GLY D 172 30.10 -1.16 39.47
N VAL D 173 29.63 -0.82 38.28
CA VAL D 173 30.12 0.36 37.58
C VAL D 173 29.01 1.36 37.34
N LEU D 174 29.25 2.62 37.74
CA LEU D 174 28.23 3.67 37.61
C LEU D 174 28.66 4.78 36.65
N GLN D 175 29.85 4.65 36.10
CA GLN D 175 30.34 5.62 35.13
C GLN D 175 29.48 5.57 33.88
N PRO D 176 28.85 6.71 33.54
CA PRO D 176 27.93 6.81 32.40
C PRO D 176 28.63 6.41 31.13
N ILE D 177 27.88 5.82 30.21
CA ILE D 177 28.42 5.38 28.94
C ILE D 177 28.66 6.59 28.02
N GLU D 178 29.72 6.55 27.22
CA GLU D 178 29.93 7.63 26.26
C GLU D 178 29.11 7.40 24.98
N MET D 179 28.31 8.39 24.60
CA MET D 179 27.48 8.32 23.39
C MET D 179 28.16 8.98 22.19
N ILE D 180 28.24 8.26 21.07
CA ILE D 180 28.70 8.86 19.82
C ILE D 180 27.62 8.70 18.74
N PRO D 181 27.05 9.81 18.26
CA PRO D 181 27.28 11.22 18.65
C PRO D 181 26.85 11.53 20.08
N GLU D 182 27.38 12.60 20.66
CA GLU D 182 27.10 12.93 22.06
C GLU D 182 25.96 13.93 22.14
N ARG D 183 25.76 14.68 21.05
CA ARG D 183 24.79 15.77 20.99
C ARG D 183 24.16 15.84 19.62
N ALA D 184 22.91 16.32 19.56
CA ALA D 184 22.19 16.54 18.31
C ALA D 184 21.36 17.80 18.45
N THR D 185 21.26 18.59 17.39
CA THR D 185 20.47 19.81 17.40
C THR D 185 19.57 19.94 16.16
N VAL D 186 18.29 20.22 16.38
CA VAL D 186 17.39 20.54 15.28
C VAL D 186 17.45 22.04 15.02
N PHE D 187 17.79 22.43 13.79
CA PHE D 187 17.80 23.84 13.38
C PHE D 187 16.60 24.18 12.50
N VAL D 188 16.14 25.43 12.61
CA VAL D 188 14.99 25.92 11.86
C VAL D 188 15.29 27.32 11.31
N ALA D 189 14.91 27.57 10.05
CA ALA D 189 15.08 28.89 9.42
C ALA D 189 13.92 29.18 8.49
N PRO D 190 13.52 30.46 8.40
CA PRO D 190 12.49 30.86 7.45
C PRO D 190 13.09 30.94 6.07
N ILE D 191 12.27 30.70 5.06
CA ILE D 191 12.79 30.61 3.71
C ILE D 191 11.89 31.32 2.71
N THR D 192 12.48 31.66 1.57
CA THR D 192 11.76 32.13 0.41
C THR D 192 11.93 31.04 -0.62
N CYS D 193 10.82 30.59 -1.21
CA CYS D 193 10.89 29.53 -2.23
C CYS D 193 11.32 30.04 -3.58
N LYS D 194 11.34 31.36 -3.74
CA LYS D 194 11.64 31.95 -5.04
C LYS D 194 13.00 31.52 -5.63
N PRO D 195 14.07 31.46 -4.81
CA PRO D 195 15.33 30.98 -5.39
C PRO D 195 15.27 29.50 -5.80
N TYR D 196 14.46 28.72 -5.09
CA TYR D 196 14.19 27.34 -5.48
C TYR D 196 13.44 27.24 -6.82
N TYR D 197 12.38 28.03 -6.98
CA TYR D 197 11.64 28.07 -8.25
C TYR D 197 12.56 28.43 -9.39
N VAL D 198 13.37 29.46 -9.19
CA VAL D 198 14.27 29.94 -10.24
C VAL D 198 15.33 28.92 -10.67
N GLN D 199 15.97 28.27 -9.71
CA GLN D 199 17.06 27.35 -10.00
C GLN D 199 16.58 25.96 -10.45
N ARG D 200 15.44 25.52 -9.95
CA ARG D 200 14.95 24.16 -10.19
C ARG D 200 13.93 24.06 -11.33
N TYR D 201 13.28 25.18 -11.66
CA TYR D 201 12.23 25.19 -12.67
C TYR D 201 12.37 26.28 -13.73
N LYS D 202 12.44 27.54 -13.31
CA LYS D 202 12.45 28.68 -14.23
C LYS D 202 13.56 28.61 -15.29
N ASN D 203 14.79 28.36 -14.85
CA ASN D 203 15.93 28.30 -15.75
C ASN D 203 15.83 27.19 -16.80
N PHE D 204 15.21 26.08 -16.43
CA PHE D 204 15.03 24.97 -17.36
C PHE D 204 14.00 25.33 -18.44
N TRP D 205 12.83 25.75 -17.98
CA TRP D 205 11.66 25.89 -18.85
C TRP D 205 11.59 27.16 -19.69
N ARG D 206 12.32 28.20 -19.30
CA ARG D 206 12.20 29.49 -19.99
C ARG D 206 12.60 29.44 -21.47
N ASP D 207 13.57 28.60 -21.81
CA ASP D 207 13.93 28.40 -23.22
C ASP D 207 14.21 26.95 -23.60
N VAL D 208 13.32 26.40 -24.42
CA VAL D 208 13.53 25.08 -25.02
C VAL D 208 13.66 25.26 -26.54
N ASP D 209 14.90 25.12 -27.03
CA ASP D 209 15.24 25.32 -28.45
C ASP D 209 14.57 26.53 -29.10
N GLY D 210 14.53 27.63 -28.38
CA GLY D 210 13.94 28.85 -28.91
C GLY D 210 12.53 29.14 -28.44
N LEU D 211 11.98 28.26 -27.61
CA LEU D 211 10.58 28.38 -27.20
C LEU D 211 10.40 28.69 -25.70
N ASP D 212 9.51 29.64 -25.40
CA ASP D 212 9.18 29.95 -24.02
C ASP D 212 8.21 28.92 -23.46
N PHE D 213 8.72 28.03 -22.62
CA PHE D 213 7.88 27.03 -21.97
C PHE D 213 7.63 27.36 -20.50
N SER D 214 7.83 28.61 -20.12
CA SER D 214 7.74 29.02 -18.71
C SER D 214 6.44 28.60 -18.03
N ARG D 215 5.36 28.51 -18.81
CA ARG D 215 4.06 28.10 -18.29
C ARG D 215 4.14 26.72 -17.62
N TYR D 216 4.93 25.83 -18.21
CA TYR D 216 5.09 24.48 -17.71
C TYR D 216 5.84 24.50 -16.37
N GLY D 217 6.87 25.33 -16.29
CA GLY D 217 7.65 25.48 -15.08
C GLY D 217 6.76 25.91 -13.94
N ARG D 218 5.98 26.96 -14.19
CA ARG D 218 5.05 27.47 -13.21
C ARG D 218 4.15 26.34 -12.71
N ILE D 219 3.63 25.54 -13.63
CA ILE D 219 2.75 24.45 -13.27
C ILE D 219 3.51 23.38 -12.48
N GLU D 220 4.64 22.94 -13.02
CA GLU D 220 5.44 21.89 -12.40
C GLU D 220 5.83 22.27 -10.97
N TYR D 221 6.07 23.56 -10.77
CA TYR D 221 6.50 24.06 -9.46
C TYR D 221 5.35 24.08 -8.46
N GLU D 222 4.25 24.74 -8.82
CA GLU D 222 3.16 24.95 -7.88
C GLU D 222 2.47 23.68 -7.42
N VAL D 223 2.43 22.69 -8.29
CA VAL D 223 1.76 21.44 -7.94
C VAL D 223 2.67 20.61 -7.03
N TYR D 224 3.98 20.67 -7.26
CA TYR D 224 4.91 19.91 -6.44
C TYR D 224 4.86 20.39 -4.99
N LEU D 225 4.63 21.68 -4.81
CA LEU D 225 4.55 22.25 -3.47
C LEU D 225 3.30 21.79 -2.71
N GLU D 226 2.40 21.06 -3.39
CA GLU D 226 1.23 20.48 -2.72
C GLU D 226 1.18 18.96 -2.87
N PRO D 230 4.85 18.38 3.94
CA PRO D 230 6.14 18.01 4.51
C PRO D 230 7.13 17.70 3.41
N LEU D 231 7.79 18.73 2.88
CA LEU D 231 8.64 18.63 1.70
C LEU D 231 10.09 18.31 2.02
N VAL D 232 10.61 17.24 1.42
CA VAL D 232 11.97 16.79 1.67
C VAL D 232 12.81 16.90 0.42
N GLU D 233 13.61 17.96 0.35
CA GLU D 233 14.45 18.24 -0.81
C GLU D 233 15.64 19.06 -0.36
N CYS D 234 16.72 19.03 -1.13
CA CYS D 234 17.84 19.95 -0.93
C CYS D 234 17.43 21.38 -1.28
N LEU D 235 17.36 22.26 -0.29
CA LEU D 235 17.04 23.66 -0.59
C LEU D 235 18.33 24.44 -0.89
N PRO D 236 18.35 25.18 -2.00
CA PRO D 236 19.48 26.06 -2.29
C PRO D 236 19.62 27.06 -1.15
N PRO D 237 20.86 27.31 -0.68
CA PRO D 237 21.12 28.19 0.48
C PRO D 237 20.44 29.55 0.34
N LEU D 238 20.43 30.11 -0.88
CA LEU D 238 19.81 31.40 -1.14
C LEU D 238 18.37 31.45 -0.69
N CYS D 239 17.73 30.29 -0.50
CA CYS D 239 16.37 30.27 0.02
C CYS D 239 16.27 30.77 1.46
N LEU D 240 17.40 30.76 2.16
CA LEU D 240 17.44 31.16 3.57
C LEU D 240 17.22 32.66 3.74
N LEU D 241 16.26 33.00 4.58
CA LEU D 241 16.01 34.39 4.95
C LEU D 241 16.76 34.71 6.24
N HIS D 242 17.35 33.68 6.84
CA HIS D 242 18.05 33.78 8.13
C HIS D 242 18.95 32.56 8.31
N GLU D 243 20.04 32.71 9.07
CA GLU D 243 21.05 31.64 9.11
C GLU D 243 20.57 30.37 9.83
N GLY D 244 19.50 30.51 10.63
CA GLY D 244 18.93 29.38 11.32
C GLY D 244 19.10 29.52 12.82
N LEU D 245 18.10 29.09 13.56
CA LEU D 245 18.11 29.10 15.02
C LEU D 245 17.94 27.69 15.56
N SER D 246 18.62 27.40 16.66
CA SER D 246 18.45 26.12 17.34
C SER D 246 17.03 25.97 17.85
N LEU D 247 16.38 24.88 17.49
CA LEU D 247 15.01 24.66 17.92
C LEU D 247 14.95 23.59 19.00
N ILE D 248 15.77 22.56 18.82
CA ILE D 248 15.79 21.43 19.75
C ILE D 248 17.23 21.01 19.98
N GLU D 249 17.61 20.88 21.24
N GLU D 249 17.61 20.88 21.24
CA GLU D 249 18.95 20.41 21.58
CA GLU D 249 18.96 20.42 21.58
C GLU D 249 18.88 19.12 22.39
C GLU D 249 18.88 19.13 22.39
N LEU D 250 19.72 18.15 22.03
CA LEU D 250 19.72 16.87 22.74
C LEU D 250 21.08 16.49 23.31
N ASN D 251 21.05 16.08 24.57
CA ASN D 251 22.17 15.40 25.19
C ASN D 251 21.88 13.91 25.11
N LEU D 252 22.65 13.20 24.30
CA LEU D 252 22.34 11.79 24.05
C LEU D 252 22.58 10.89 25.27
N SER D 253 23.31 11.42 26.24
CA SER D 253 23.58 10.66 27.45
C SER D 253 22.40 10.75 28.41
N THR D 254 21.62 11.83 28.34
CA THR D 254 20.55 12.05 29.31
C THR D 254 19.15 12.10 28.72
N VAL D 255 19.03 12.27 27.42
CA VAL D 255 17.68 12.30 26.85
C VAL D 255 16.94 10.99 27.13
N GLN D 256 15.71 11.11 27.61
CA GLN D 256 14.83 9.97 27.86
C GLN D 256 13.66 9.91 26.86
N GLU D 257 13.02 8.73 26.79
CA GLU D 257 11.94 8.45 25.83
C GLU D 257 10.77 9.42 25.94
N GLU D 258 10.47 9.85 27.17
CA GLU D 258 9.34 10.74 27.44
C GLU D 258 9.31 12.02 26.59
N VAL D 259 10.50 12.52 26.24
CA VAL D 259 10.62 13.80 25.52
C VAL D 259 10.20 13.70 24.05
N LEU D 260 10.31 12.50 23.49
CA LEU D 260 10.01 12.26 22.08
C LEU D 260 8.51 12.25 21.78
N THR D 261 7.69 12.09 22.80
CA THR D 261 6.23 12.06 22.62
C THR D 261 5.78 13.37 22.01
N SER D 262 6.14 14.48 22.66
CA SER D 262 6.00 15.78 22.02
C SER D 262 7.21 16.67 22.26
N LEU D 263 7.89 17.02 21.17
CA LEU D 263 8.93 18.02 21.19
C LEU D 263 8.36 19.26 20.55
N HIS D 264 8.52 20.40 21.21
CA HIS D 264 8.00 21.63 20.69
C HIS D 264 8.82 22.76 21.27
N ASN D 265 8.81 23.89 20.58
CA ASN D 265 9.52 25.07 21.04
C ASN D 265 9.06 26.26 20.24
N THR D 266 9.29 27.45 20.78
CA THR D 266 9.02 28.69 20.06
C THR D 266 10.34 29.43 19.92
N VAL D 267 10.65 29.88 18.71
CA VAL D 267 11.85 30.69 18.51
C VAL D 267 11.47 32.01 17.84
N HIS D 268 12.39 32.96 17.87
CA HIS D 268 12.11 34.30 17.36
C HIS D 268 13.26 34.76 16.46
N PHE D 269 12.94 35.08 15.21
CA PHE D 269 13.95 35.53 14.26
C PHE D 269 14.00 37.05 14.17
N ASP D 270 15.20 37.61 14.23
CA ASP D 270 15.37 39.05 14.07
C ASP D 270 15.90 39.30 12.67
N LEU D 271 14.98 39.51 11.73
CA LEU D 271 15.36 39.65 10.32
C LEU D 271 16.07 40.96 10.02
N LYS D 272 15.82 41.98 10.86
CA LYS D 272 16.54 43.26 10.75
C LYS D 272 18.06 43.08 10.78
N GLU D 273 18.55 42.22 11.68
CA GLU D 273 19.98 41.95 11.80
C GLU D 273 20.47 40.70 11.05
N SER D 274 19.74 40.24 10.04
CA SER D 274 20.13 39.04 9.30
C SER D 274 20.80 39.34 7.97
N ALA D 275 22.02 38.86 7.80
CA ALA D 275 22.74 39.06 6.54
C ALA D 275 21.99 38.42 5.38
N GLU D 276 21.37 37.28 5.63
CA GLU D 276 20.66 36.55 4.59
C GLU D 276 19.41 37.31 4.16
N PHE D 277 18.68 37.83 5.14
CA PHE D 277 17.55 38.67 4.82
C PHE D 277 17.93 39.90 3.97
N GLN D 278 19.03 40.54 4.34
CA GLN D 278 19.51 41.74 3.64
C GLN D 278 19.83 41.45 2.17
N GLN D 279 20.25 40.22 1.90
CA GLN D 279 20.51 39.73 0.54
C GLN D 279 19.25 39.87 -0.33
N HIS D 280 18.13 39.43 0.23
CA HIS D 280 16.85 39.44 -0.46
C HIS D 280 16.24 40.84 -0.45
N ALA D 281 16.56 41.62 0.58
CA ALA D 281 16.18 43.02 0.65
C ALA D 281 16.74 43.78 -0.54
N ARG D 282 18.02 43.54 -0.85
CA ARG D 282 18.68 44.20 -1.96
C ARG D 282 18.18 43.77 -3.33
N GLU D 283 17.67 42.54 -3.44
CA GLU D 283 17.06 42.10 -4.69
C GLU D 283 15.67 42.72 -4.84
N ALA D 284 14.98 42.92 -3.71
CA ALA D 284 13.67 43.58 -3.69
C ALA D 284 13.72 45.08 -4.09
N GLY D 285 14.81 45.75 -3.74
CA GLY D 285 14.94 47.18 -3.97
C GLY D 285 14.37 47.99 -2.81
N SER D 286 14.43 49.32 -2.92
CA SER D 286 13.92 50.20 -1.88
C SER D 286 12.40 50.10 -1.77
N GLU D 287 11.72 50.14 -2.91
CA GLU D 287 10.28 49.94 -2.96
C GLU D 287 9.97 48.45 -3.10
N GLY D 288 9.94 47.75 -1.98
CA GLY D 288 9.73 46.32 -2.00
C GLY D 288 9.45 45.67 -0.65
N ARG D 289 9.02 44.41 -0.71
CA ARG D 289 8.77 43.59 0.47
C ARG D 289 9.44 42.24 0.31
N VAL D 290 9.70 41.56 1.42
CA VAL D 290 10.25 40.21 1.38
C VAL D 290 9.29 39.23 2.04
N SER D 291 8.88 38.22 1.27
CA SER D 291 7.86 37.27 1.70
C SER D 291 8.45 35.98 2.28
N VAL D 292 7.89 35.54 3.40
CA VAL D 292 8.23 34.26 4.02
C VAL D 292 7.37 33.14 3.45
N ASP D 293 7.96 32.25 2.65
CA ASP D 293 7.20 31.13 2.06
C ASP D 293 6.97 29.95 3.01
N GLY D 294 7.86 29.80 3.98
CA GLY D 294 7.75 28.71 4.93
C GLY D 294 9.02 28.58 5.74
N PHE D 295 9.24 27.40 6.32
CA PHE D 295 10.39 27.18 7.18
C PHE D 295 11.08 25.86 6.84
N THR D 296 12.40 25.89 6.77
CA THR D 296 13.21 24.69 6.58
C THR D 296 13.80 24.22 7.90
N VAL D 297 13.80 22.90 8.08
CA VAL D 297 14.36 22.24 9.25
C VAL D 297 15.50 21.32 8.85
N TRP D 298 16.62 21.41 9.55
CA TRP D 298 17.69 20.44 9.41
C TRP D 298 18.26 20.07 10.79
N PHE D 299 19.31 19.26 10.81
CA PHE D 299 19.90 18.86 12.08
C PHE D 299 21.40 18.72 11.98
N ASP D 300 22.06 18.86 13.13
CA ASP D 300 23.49 18.62 13.27
C ASP D 300 23.62 17.63 14.40
N VAL D 301 24.66 16.80 14.35
CA VAL D 301 25.06 16.01 15.51
C VAL D 301 26.56 16.19 15.61
N SER D 302 27.12 15.97 16.79
CA SER D 302 28.54 16.20 16.93
C SER D 302 29.15 15.34 18.02
N TYR D 303 30.47 15.17 17.94
CA TYR D 303 31.23 14.56 19.01
C TYR D 303 32.60 15.20 19.04
N GLY D 304 33.02 15.66 20.21
CA GLY D 304 34.30 16.33 20.35
C GLY D 304 34.44 17.53 19.44
N ALA D 305 35.47 17.54 18.61
CA ALA D 305 35.70 18.65 17.70
C ALA D 305 34.92 18.51 16.40
N HIS D 306 34.16 17.43 16.26
CA HIS D 306 33.60 17.11 14.96
C HIS D 306 32.10 17.32 14.84
N THR D 307 31.67 17.75 13.66
CA THR D 307 30.27 17.98 13.43
C THR D 307 29.83 17.43 12.08
N LEU D 308 28.72 16.72 12.08
CA LEU D 308 28.05 16.32 10.85
C LEU D 308 26.84 17.24 10.70
N SER D 309 26.76 17.96 9.59
CA SER D 309 25.64 18.87 9.38
C SER D 309 24.82 18.52 8.15
N THR D 310 23.51 18.67 8.24
CA THR D 310 22.68 18.49 7.05
C THR D 310 22.07 19.81 6.59
N SER D 311 22.71 20.91 6.96
CA SER D 311 22.26 22.24 6.54
C SER D 311 22.39 22.42 5.03
N PRO D 312 21.57 23.32 4.46
CA PRO D 312 21.68 23.62 3.03
C PRO D 312 23.05 24.20 2.66
N ARG D 313 23.77 24.70 3.65
CA ARG D 313 25.11 25.22 3.41
C ARG D 313 26.15 24.10 3.41
N SER D 314 25.78 22.94 3.96
CA SER D 314 26.66 21.78 4.01
C SER D 314 26.46 20.90 2.78
N PRO D 315 27.40 19.96 2.52
CA PRO D 315 27.19 18.98 1.45
C PRO D 315 25.89 18.23 1.66
N SER D 316 25.20 17.83 0.59
CA SER D 316 23.92 17.14 0.75
C SER D 316 24.14 15.75 1.35
N THR D 317 23.14 15.29 2.09
CA THR D 317 23.13 13.92 2.56
C THR D 317 21.80 13.36 2.13
N HIS D 318 21.59 12.07 2.39
CA HIS D 318 20.32 11.42 2.10
C HIS D 318 19.15 12.10 2.81
N TRP D 319 19.43 12.71 3.96
CA TRP D 319 18.38 13.39 4.73
C TRP D 319 17.92 14.72 4.13
N LYS D 320 18.72 15.30 3.22
CA LYS D 320 18.42 16.59 2.62
C LYS D 320 18.00 17.61 3.68
N GLN D 321 16.89 18.29 3.44
CA GLN D 321 16.29 19.17 4.44
C GLN D 321 14.79 18.95 4.42
N THR D 322 14.13 19.38 5.47
CA THR D 322 12.69 19.24 5.55
C THR D 322 12.02 20.61 5.59
N THR D 323 11.12 20.87 4.65
CA THR D 323 10.53 22.19 4.53
C THR D 323 9.04 22.17 4.76
N ILE D 324 8.56 23.04 5.64
CA ILE D 324 7.13 23.16 5.90
C ILE D 324 6.61 24.46 5.29
N LEU D 325 5.65 24.34 4.38
CA LEU D 325 5.16 25.52 3.69
C LEU D 325 4.00 26.17 4.44
N LEU D 326 3.88 27.49 4.29
CA LEU D 326 2.66 28.17 4.67
C LEU D 326 1.61 27.77 3.63
N PRO D 327 0.30 27.87 3.99
CA PRO D 327 -0.74 27.56 3.00
C PRO D 327 -0.69 28.51 1.81
N ARG D 328 -0.86 27.96 0.60
CA ARG D 328 -0.68 28.70 -0.66
C ARG D 328 -1.24 30.12 -0.64
N GLU D 329 -2.38 30.30 0.01
CA GLU D 329 -3.03 31.62 0.10
C GLU D 329 -2.18 32.65 0.85
N ALA D 330 -1.33 32.19 1.77
CA ALA D 330 -0.37 33.07 2.43
C ALA D 330 0.83 33.31 1.52
N ARG D 331 1.23 32.27 0.80
CA ARG D 331 2.32 32.34 -0.17
C ARG D 331 2.04 33.33 -1.30
N ASN D 332 1.08 33.00 -2.17
CA ASN D 332 0.56 33.98 -3.12
C ASN D 332 -0.17 35.04 -2.31
N GLU D 333 -0.02 36.30 -2.70
CA GLU D 333 -0.53 37.47 -1.94
C GLU D 333 0.35 37.85 -0.74
N GLU D 334 1.34 37.00 -0.42
CA GLU D 334 2.41 37.36 0.53
C GLU D 334 1.95 37.88 1.88
N LEU D 335 1.10 37.12 2.58
CA LEU D 335 0.54 37.60 3.84
C LEU D 335 1.53 37.65 5.03
N VAL D 336 2.69 37.03 4.87
CA VAL D 336 3.74 37.08 5.90
C VAL D 336 5.00 37.68 5.29
N SER D 337 4.96 38.99 5.04
CA SER D 337 6.10 39.66 4.45
C SER D 337 6.66 40.75 5.36
N PHE D 338 7.85 41.22 5.01
CA PHE D 338 8.51 42.21 5.83
C PHE D 338 9.01 43.34 4.96
N PRO D 339 8.96 44.57 5.50
CA PRO D 339 9.54 45.72 4.82
C PRO D 339 11.03 45.47 4.66
N VAL D 340 11.68 46.14 3.71
CA VAL D 340 13.08 45.85 3.40
C VAL D 340 14.03 46.21 4.54
N GLU D 341 13.48 46.69 5.66
CA GLU D 341 14.27 46.98 6.84
C GLU D 341 14.15 45.87 7.88
N GLY D 342 13.50 44.77 7.52
CA GLY D 342 13.40 43.63 8.41
C GLY D 342 12.29 43.70 9.43
N GLY D 343 12.45 42.94 10.52
CA GLY D 343 11.44 42.86 11.58
C GLY D 343 11.61 41.63 12.45
N GLU D 344 10.55 41.24 13.16
CA GLU D 344 10.58 39.99 13.92
C GLU D 344 9.62 38.96 13.35
N LEU D 345 9.99 37.69 13.51
CA LEU D 345 9.19 36.57 13.06
C LEU D 345 9.28 35.46 14.12
N GLY D 346 8.14 35.14 14.73
CA GLY D 346 8.08 34.09 15.74
C GLY D 346 7.26 32.90 15.27
N VAL D 347 7.75 31.70 15.55
CA VAL D 347 7.07 30.48 15.16
C VAL D 347 7.22 29.41 16.24
N GLU D 348 6.13 28.74 16.57
CA GLU D 348 6.19 27.60 17.48
C GLU D 348 6.02 26.33 16.65
N MET D 349 7.04 25.48 16.71
CA MET D 349 7.06 24.28 15.90
C MET D 349 6.81 23.06 16.76
N HIS D 350 6.02 22.12 16.24
CA HIS D 350 5.74 20.89 16.95
C HIS D 350 6.18 19.68 16.14
N ILE D 351 7.07 18.89 16.72
CA ILE D 351 7.43 17.61 16.16
C ILE D 351 6.84 16.50 17.03
N SER D 352 5.76 15.89 16.55
CA SER D 352 4.99 14.96 17.37
C SER D 352 4.86 13.60 16.70
N ALA D 353 4.91 12.56 17.53
CA ALA D 353 4.81 11.18 17.07
C ALA D 353 3.39 10.81 16.67
N SER D 354 3.25 10.06 15.58
CA SER D 354 1.95 9.61 15.10
C SER D 354 1.55 8.25 15.68
N ASP D 355 2.43 7.68 16.50
CA ASP D 355 2.13 6.41 17.18
C ASP D 355 3.07 6.13 18.35
N LYS D 356 2.86 4.99 19.00
CA LYS D 356 3.60 4.62 20.20
C LYS D 356 5.01 4.10 19.94
N THR D 357 5.36 3.89 18.67
CA THR D 357 6.70 3.38 18.34
C THR D 357 7.74 4.49 18.41
N LEU D 358 7.28 5.73 18.23
CA LEU D 358 8.11 6.92 18.27
C LEU D 358 9.18 6.93 17.18
N ARG D 359 8.83 6.35 16.02
CA ARG D 359 9.74 6.30 14.88
C ARG D 359 9.17 7.10 13.71
N PHE D 360 7.93 7.56 13.85
CA PHE D 360 7.25 8.30 12.78
C PHE D 360 6.64 9.58 13.31
N TYR D 361 6.82 10.66 12.56
CA TYR D 361 6.54 11.98 13.10
C TYR D 361 5.89 12.90 12.09
N THR D 362 5.17 13.90 12.61
CA THR D 362 4.69 15.01 11.79
C THR D 362 5.25 16.30 12.34
N ILE D 363 5.23 17.33 11.51
CA ILE D 363 5.64 18.66 11.92
C ILE D 363 4.47 19.61 11.73
N GLU D 364 4.11 20.32 12.79
CA GLU D 364 3.08 21.35 12.76
C GLU D 364 3.69 22.64 13.27
N LEU D 365 3.32 23.76 12.64
CA LEU D 365 3.86 25.06 13.06
C LEU D 365 2.83 26.20 13.05
N GLU D 366 2.87 27.02 14.09
CA GLU D 366 1.98 28.16 14.21
C GLU D 366 2.80 29.44 14.40
N LEU D 367 2.47 30.48 13.63
CA LEU D 367 3.09 31.80 13.77
C LEU D 367 2.49 32.54 14.95
#